data_4FD3
#
_entry.id   4FD3
#
_cell.length_a   170.832
_cell.length_b   170.832
_cell.length_c   316.222
_cell.angle_alpha   90.00
_cell.angle_beta   90.00
_cell.angle_gamma   90.00
#
_symmetry.space_group_name_H-M   'I 41 2 2'
#
loop_
_entity.id
_entity.type
_entity.pdbx_description
1 polymer '3-oxoacyl-[acyl-carrier-protein] reductase'
2 water water
#
_entity_poly.entity_id   1
_entity_poly.type   'polypeptide(L)'
_entity_poly.pdbx_seq_one_letter_code
;MHYLPVAIVTGATRGIGKAICQKLFQKGLSCIILGSTKESIERTAIDRGQLQSGLSYQRQCAIAIDFKKWPHWLDYESYD
GIEYFKDRPPLKQKYSTLFDPCNKWSNNERRYYVNLLINCAGLTQESLSVRTTASQIQDIMNVNFMSPVTMTNICIKYMM
KSQRRWPELSGQSARPTIVNISSILHSGKMKVPGTSVYSASKAALSRFTEVLAAEMEPRNIRCFTISPGLVKGTDMIQNL
PVEAKEMLERTIGASGTSAPAEIAEEVWSLYSRTALETLEHHHHHH
;
_entity_poly.pdbx_strand_id   A,B,C,D,E,F
#
# COMPACT_ATOMS: atom_id res chain seq x y z
N MET A 1 7.21 32.07 -19.67
CA MET A 1 6.31 33.18 -20.06
C MET A 1 5.04 33.25 -19.19
N HIS A 2 4.10 32.31 -19.29
CA HIS A 2 2.90 32.39 -18.45
C HIS A 2 2.97 31.42 -17.26
N TYR A 3 2.85 31.98 -16.05
CA TYR A 3 2.93 31.18 -14.82
C TYR A 3 1.56 30.96 -14.25
N LEU A 4 1.23 29.69 -14.03
CA LEU A 4 -0.12 29.31 -13.66
C LEU A 4 -0.13 28.63 -12.30
N PRO A 5 -0.69 29.32 -11.30
CA PRO A 5 -0.62 28.80 -9.94
C PRO A 5 -1.51 27.58 -9.76
N VAL A 6 -1.04 26.60 -8.98
CA VAL A 6 -1.80 25.41 -8.64
C VAL A 6 -1.94 25.19 -7.13
N ALA A 7 -3.14 24.78 -6.69
CA ALA A 7 -3.44 24.55 -5.29
C ALA A 7 -3.44 23.05 -4.99
N ILE A 8 -2.84 22.68 -3.87
CA ILE A 8 -2.92 21.33 -3.35
C ILE A 8 -3.88 21.35 -2.15
N VAL A 9 -4.88 20.48 -2.22
CA VAL A 9 -5.89 20.40 -1.18
C VAL A 9 -5.91 19.01 -0.60
N THR A 10 -5.72 18.94 0.70
CA THR A 10 -5.39 17.74 1.43
C THR A 10 -6.47 17.43 2.45
N GLY A 11 -6.73 16.13 2.66
CA GLY A 11 -7.45 15.62 3.81
C GLY A 11 -8.87 16.12 3.98
N ALA A 12 -9.49 16.50 2.87
CA ALA A 12 -10.80 17.13 2.90
C ALA A 12 -11.90 16.13 3.23
N THR A 13 -12.70 16.48 4.25
CA THR A 13 -13.94 15.75 4.57
C THR A 13 -15.09 16.74 4.76
N ARG A 14 -16.31 16.20 4.78
CA ARG A 14 -17.53 16.94 5.14
C ARG A 14 -17.75 18.19 4.28
N GLY A 15 -17.27 18.12 3.05
CA GLY A 15 -17.54 19.15 2.05
C GLY A 15 -16.77 20.45 2.22
N ILE A 16 -15.84 20.47 3.17
CA ILE A 16 -14.94 21.62 3.33
C ILE A 16 -13.99 21.71 2.15
N GLY A 17 -13.40 20.57 1.77
CA GLY A 17 -12.49 20.52 0.64
C GLY A 17 -13.22 20.71 -0.65
N LYS A 18 -14.48 20.30 -0.68
CA LYS A 18 -15.37 20.59 -1.80
C LYS A 18 -15.60 22.09 -1.91
N ALA A 19 -15.97 22.73 -0.81
CA ALA A 19 -16.16 24.18 -0.80
C ALA A 19 -14.89 24.92 -1.24
N ILE A 20 -13.74 24.49 -0.73
CA ILE A 20 -12.45 25.09 -1.02
C ILE A 20 -12.11 24.98 -2.51
N CYS A 21 -12.32 23.78 -3.07
CA CYS A 21 -12.03 23.57 -4.48
C CYS A 21 -12.94 24.38 -5.39
N GLN A 22 -14.19 24.59 -4.98
CA GLN A 22 -15.09 25.46 -5.71
C GLN A 22 -14.53 26.87 -5.82
N LYS A 23 -14.21 27.48 -4.68
CA LYS A 23 -13.70 28.84 -4.67
C LYS A 23 -12.47 28.95 -5.56
N LEU A 24 -11.49 28.07 -5.30
CA LEU A 24 -10.21 28.15 -6.00
C LEU A 24 -10.40 28.02 -7.49
N PHE A 25 -11.28 27.11 -7.90
CA PHE A 25 -11.52 26.95 -9.31
C PHE A 25 -12.21 28.15 -9.96
N GLN A 26 -13.21 28.71 -9.26
CA GLN A 26 -13.90 29.87 -9.78
C GLN A 26 -12.90 31.00 -10.04
N LYS A 27 -11.89 31.08 -9.16
CA LYS A 27 -10.95 32.20 -9.23
C LYS A 27 -9.77 31.92 -10.17
N GLY A 28 -9.84 30.81 -10.90
CA GLY A 28 -8.87 30.51 -11.96
C GLY A 28 -7.69 29.60 -11.65
N LEU A 29 -7.66 29.03 -10.44
CA LEU A 29 -6.56 28.14 -10.06
C LEU A 29 -6.76 26.72 -10.55
N SER A 30 -5.68 25.95 -10.63
CA SER A 30 -5.80 24.51 -10.84
C SER A 30 -5.58 23.79 -9.51
N CYS A 31 -6.21 22.63 -9.34
CA CYS A 31 -6.11 21.89 -8.07
C CYS A 31 -5.51 20.52 -8.23
N ILE A 32 -4.70 20.17 -7.25
CA ILE A 32 -4.31 18.79 -6.99
C ILE A 32 -4.95 18.39 -5.67
N ILE A 33 -5.84 17.41 -5.77
CA ILE A 33 -6.56 16.90 -4.61
C ILE A 33 -5.91 15.61 -4.13
N LEU A 34 -5.49 15.60 -2.88
CA LEU A 34 -5.00 14.38 -2.26
C LEU A 34 -6.06 13.88 -1.29
N GLY A 35 -6.65 12.74 -1.65
CA GLY A 35 -7.73 12.17 -0.84
C GLY A 35 -7.31 10.83 -0.29
N SER A 36 -7.99 10.39 0.77
CA SER A 36 -7.71 9.07 1.35
C SER A 36 -8.16 7.94 0.42
N THR A 37 -9.32 8.11 -0.19
CA THR A 37 -9.91 7.07 -1.03
C THR A 37 -10.59 7.62 -2.29
N LYS A 38 -10.88 6.75 -3.24
CA LYS A 38 -11.48 7.20 -4.49
C LYS A 38 -12.82 7.88 -4.22
N GLU A 39 -13.59 7.33 -3.28
CA GLU A 39 -14.89 7.92 -2.90
C GLU A 39 -14.76 9.26 -2.18
N SER A 40 -13.67 9.44 -1.44
CA SER A 40 -13.39 10.73 -0.78
C SER A 40 -13.05 11.81 -1.79
N ILE A 41 -12.33 11.41 -2.84
CA ILE A 41 -11.92 12.29 -3.92
C ILE A 41 -13.11 12.79 -4.72
N GLU A 42 -14.04 11.89 -5.04
CA GLU A 42 -15.19 12.21 -5.88
C GLU A 42 -16.03 13.30 -5.26
N ARG A 43 -16.15 13.27 -3.94
CA ARG A 43 -16.88 14.31 -3.21
C ARG A 43 -16.15 15.66 -3.28
N THR A 44 -14.81 15.63 -3.18
CA THR A 44 -14.02 16.86 -3.18
C THR A 44 -13.91 17.48 -4.57
N ALA A 45 -13.63 16.64 -5.57
CA ALA A 45 -13.50 17.09 -6.95
C ALA A 45 -14.69 17.93 -7.41
N ILE A 46 -14.40 18.98 -8.16
CA ILE A 46 -15.46 19.79 -8.76
C ILE A 46 -16.21 18.99 -9.84
N ASP A 47 -17.52 19.22 -9.92
CA ASP A 47 -18.40 18.54 -10.88
C ASP A 47 -18.01 18.88 -12.32
N ARG A 48 -18.21 17.92 -13.23
CA ARG A 48 -17.90 18.12 -14.66
C ARG A 48 -18.55 19.40 -15.22
N GLY A 49 -19.68 19.79 -14.63
CA GLY A 49 -20.37 21.03 -14.98
C GLY A 49 -19.52 22.26 -14.73
N GLN A 50 -18.99 22.37 -13.51
CA GLN A 50 -18.12 23.50 -13.15
C GLN A 50 -16.83 23.56 -13.97
N LEU A 51 -16.34 22.40 -14.41
CA LEU A 51 -15.08 22.30 -15.15
C LEU A 51 -15.15 22.90 -16.56
N GLN A 52 -16.19 22.57 -17.32
CA GLN A 52 -16.38 23.09 -18.69
C GLN A 52 -16.48 24.62 -18.72
N SER A 53 -17.06 25.20 -17.67
CA SER A 53 -17.16 26.65 -17.54
C SER A 53 -15.83 27.28 -17.13
N GLY A 54 -14.84 26.44 -16.86
CA GLY A 54 -13.51 26.93 -16.50
C GLY A 54 -12.74 27.32 -17.74
N LEU A 55 -11.65 28.07 -17.53
CA LEU A 55 -10.80 28.54 -18.62
C LEU A 55 -10.05 27.40 -19.29
N SER A 56 -9.52 27.67 -20.48
CA SER A 56 -8.83 26.65 -21.27
C SER A 56 -7.66 25.97 -20.54
N TYR A 57 -6.88 26.74 -19.79
CA TYR A 57 -5.63 26.22 -19.21
C TYR A 57 -5.83 25.54 -17.85
N GLN A 58 -7.04 25.63 -17.31
CA GLN A 58 -7.36 25.09 -16.00
C GLN A 58 -7.37 23.58 -15.99
N ARG A 59 -6.85 23.00 -14.91
CA ARG A 59 -6.70 21.55 -14.77
C ARG A 59 -7.22 21.10 -13.42
N GLN A 60 -7.52 19.82 -13.29
CA GLN A 60 -7.77 19.23 -12.00
C GLN A 60 -7.27 17.82 -12.05
N CYS A 61 -6.62 17.39 -10.98
CA CYS A 61 -6.30 15.99 -10.84
C CYS A 61 -6.43 15.54 -9.38
N ALA A 62 -6.50 14.23 -9.19
CA ALA A 62 -6.65 13.69 -7.84
C ALA A 62 -5.73 12.51 -7.65
N ILE A 63 -5.15 12.42 -6.46
CA ILE A 63 -4.32 11.31 -6.09
C ILE A 63 -4.77 10.71 -4.76
N ALA A 64 -4.85 9.38 -4.72
CA ALA A 64 -5.18 8.64 -3.49
C ALA A 64 -3.94 8.44 -2.63
N ILE A 65 -4.04 8.89 -1.39
CA ILE A 65 -2.96 8.72 -0.42
C ILE A 65 -3.62 8.40 0.90
N ASP A 66 -3.19 7.30 1.50
CA ASP A 66 -3.70 6.93 2.81
C ASP A 66 -2.78 7.52 3.86
N PHE A 67 -3.25 8.60 4.45
CA PHE A 67 -2.50 9.35 5.45
C PHE A 67 -2.39 8.64 6.79
N LYS A 68 -3.31 7.72 7.08
CA LYS A 68 -3.23 6.85 8.26
C LYS A 68 -1.94 6.04 8.26
N LYS A 69 -1.40 5.80 7.08
CA LYS A 69 -0.19 5.00 6.90
C LYS A 69 1.12 5.82 6.92
N TRP A 70 1.03 7.07 7.38
CA TRP A 70 2.24 7.87 7.64
C TRP A 70 3.19 7.11 8.56
N PRO A 71 4.51 7.11 8.28
CA PRO A 71 5.26 7.85 7.27
C PRO A 71 5.55 7.06 6.00
N HIS A 72 4.76 6.02 5.74
CA HIS A 72 5.05 5.11 4.64
C HIS A 72 4.74 5.69 3.27
N TRP A 73 3.67 6.48 3.17
CA TRP A 73 3.28 7.03 1.88
C TRP A 73 4.37 7.91 1.29
N LEU A 74 5.28 8.37 2.15
CA LEU A 74 6.44 9.15 1.76
C LEU A 74 7.40 8.37 0.85
N ASP A 75 7.38 7.04 0.93
CA ASP A 75 8.35 6.22 0.23
C ASP A 75 7.90 5.67 -1.13
N TYR A 76 6.61 5.75 -1.45
CA TYR A 76 6.13 5.16 -2.71
C TYR A 76 6.96 5.61 -3.92
N GLU A 77 7.16 4.69 -4.87
CA GLU A 77 7.98 4.98 -6.06
C GLU A 77 7.21 5.88 -7.01
N SER A 78 5.88 5.71 -6.98
CA SER A 78 4.98 6.48 -7.79
C SER A 78 3.64 6.58 -7.08
N TYR A 79 2.78 7.46 -7.59
CA TYR A 79 1.43 7.64 -7.05
C TYR A 79 0.42 7.48 -8.17
N ASP A 80 -0.68 6.81 -7.86
CA ASP A 80 -1.76 6.61 -8.83
C ASP A 80 -2.84 7.64 -8.64
N GLY A 81 -3.16 8.34 -9.72
CA GLY A 81 -4.14 9.40 -9.68
C GLY A 81 -5.06 9.41 -10.89
N ILE A 82 -5.73 10.54 -11.08
CA ILE A 82 -6.75 10.66 -12.09
C ILE A 82 -6.75 12.09 -12.64
N GLU A 83 -6.59 12.21 -13.96
CA GLU A 83 -6.73 13.48 -14.69
C GLU A 83 -8.18 13.72 -15.09
N TYR A 84 -8.71 14.88 -14.71
CA TYR A 84 -10.05 15.32 -15.11
C TYR A 84 -10.01 16.16 -16.36
N PHE A 85 -10.99 15.94 -17.24
CA PHE A 85 -11.06 16.66 -18.50
C PHE A 85 -12.40 17.41 -18.59
N LYS A 86 -12.42 18.45 -19.41
CA LYS A 86 -13.62 19.26 -19.65
C LYS A 86 -14.60 18.57 -20.61
N ASP A 87 -14.08 17.72 -21.48
CA ASP A 87 -14.86 17.17 -22.60
C ASP A 87 -14.96 15.65 -22.62
N ARG A 88 -14.44 15.00 -21.58
CA ARG A 88 -14.42 13.52 -21.53
C ARG A 88 -14.33 12.98 -20.10
N PRO A 89 -14.54 11.65 -19.92
CA PRO A 89 -14.33 11.00 -18.63
C PRO A 89 -12.86 10.93 -18.20
N PRO A 90 -12.60 10.88 -16.89
CA PRO A 90 -11.27 10.90 -16.29
C PRO A 90 -10.39 9.71 -16.69
N LEU A 91 -9.11 9.99 -16.88
CA LEU A 91 -8.11 8.99 -17.21
C LEU A 91 -7.21 8.71 -16.01
N LYS A 92 -6.89 7.44 -15.77
CA LYS A 92 -6.01 7.08 -14.66
C LYS A 92 -4.56 7.41 -15.02
N GLN A 93 -3.86 8.05 -14.09
CA GLN A 93 -2.50 8.52 -14.32
C GLN A 93 -1.54 8.08 -13.22
N LYS A 94 -0.27 7.91 -13.60
CA LYS A 94 0.79 7.68 -12.63
C LYS A 94 1.64 8.94 -12.50
N TYR A 95 2.00 9.28 -11.27
CA TYR A 95 2.85 10.44 -10.97
C TYR A 95 4.01 10.05 -10.07
N SER A 96 5.20 10.55 -10.39
CA SER A 96 6.40 10.23 -9.62
C SER A 96 6.53 11.02 -8.31
N THR A 97 5.89 12.18 -8.22
CA THR A 97 5.82 12.94 -6.97
C THR A 97 4.44 13.56 -6.88
N LEU A 98 4.15 14.22 -5.77
CA LEU A 98 2.87 14.91 -5.62
C LEU A 98 2.81 16.23 -6.39
N PHE A 99 3.95 16.70 -6.89
CA PHE A 99 4.05 17.93 -7.67
C PHE A 99 4.22 17.64 -9.17
N ASP A 100 4.46 16.38 -9.49
CA ASP A 100 4.59 15.92 -10.87
C ASP A 100 3.41 16.27 -11.80
N PRO A 101 2.18 16.41 -11.26
CA PRO A 101 1.13 16.89 -12.13
C PRO A 101 1.45 18.23 -12.81
N CYS A 102 2.18 19.11 -12.12
CA CYS A 102 2.53 20.41 -12.68
C CYS A 102 3.43 20.27 -13.89
N ASN A 103 4.46 19.42 -13.78
CA ASN A 103 5.38 19.19 -14.89
C ASN A 103 4.66 18.66 -16.12
N LYS A 104 3.65 17.82 -15.88
CA LYS A 104 2.94 17.10 -16.96
C LYS A 104 2.05 18.03 -17.74
N TRP A 105 1.41 18.93 -17.03
CA TRP A 105 0.58 19.96 -17.60
C TRP A 105 1.38 21.01 -18.36
N SER A 106 2.64 21.22 -17.99
CA SER A 106 3.42 22.34 -18.50
C SER A 106 3.87 22.10 -19.93
N ASN A 107 4.10 23.22 -20.62
CA ASN A 107 4.54 23.34 -22.01
C ASN A 107 5.42 24.58 -22.22
N ASN A 108 6.17 24.63 -23.33
CA ASN A 108 7.20 25.65 -23.56
C ASN A 108 6.85 27.03 -23.02
N GLU A 109 5.62 27.47 -23.26
CA GLU A 109 5.16 28.82 -22.94
C GLU A 109 4.28 28.89 -21.69
N ARG A 110 3.93 27.75 -21.09
CA ARG A 110 3.19 27.82 -19.81
C ARG A 110 3.63 26.85 -18.75
N ARG A 111 3.85 27.41 -17.56
CA ARG A 111 4.43 26.71 -16.44
C ARG A 111 3.45 26.67 -15.28
N TYR A 112 2.93 25.48 -15.00
CA TYR A 112 2.10 25.28 -13.84
C TYR A 112 3.01 25.03 -12.65
N TYR A 113 2.65 25.57 -11.49
CA TYR A 113 3.50 25.48 -10.30
C TYR A 113 2.65 25.57 -9.04
N VAL A 114 3.06 24.88 -7.98
CA VAL A 114 2.28 24.90 -6.72
C VAL A 114 2.62 26.14 -5.91
N ASN A 115 1.59 26.92 -5.61
CA ASN A 115 1.71 28.20 -4.89
C ASN A 115 0.85 28.25 -3.62
N LEU A 116 -0.04 27.28 -3.48
CA LEU A 116 -0.97 27.22 -2.35
C LEU A 116 -1.22 25.77 -1.91
N LEU A 117 -1.10 25.54 -0.61
CA LEU A 117 -1.32 24.24 0.00
C LEU A 117 -2.31 24.39 1.15
N ILE A 118 -3.40 23.62 1.09
CA ILE A 118 -4.38 23.59 2.17
C ILE A 118 -4.50 22.19 2.79
N ASN A 119 -4.12 22.08 4.05
CA ASN A 119 -4.29 20.84 4.81
C ASN A 119 -5.58 20.90 5.61
N CYS A 120 -6.55 20.16 5.17
CA CYS A 120 -7.80 20.03 5.85
C CYS A 120 -7.76 19.34 7.21
N ALA A 121 -6.88 18.34 7.39
CA ALA A 121 -6.74 17.65 8.68
C ALA A 121 -8.04 17.07 9.28
N GLY A 122 -8.75 16.28 8.49
CA GLY A 122 -10.14 15.93 8.75
C GLY A 122 -10.51 15.00 9.90
N LEU A 123 -9.86 13.85 10.02
CA LEU A 123 -10.45 12.81 10.85
C LEU A 123 -10.99 13.25 12.20
N THR A 124 -12.17 12.77 12.53
CA THR A 124 -12.85 13.16 13.73
C THR A 124 -12.86 12.03 14.70
N GLN A 125 -13.27 12.33 15.91
CA GLN A 125 -13.22 11.33 16.97
C GLN A 125 -14.54 11.41 17.71
N GLU A 126 -15.08 10.25 18.12
CA GLU A 126 -16.34 10.21 18.84
C GLU A 126 -16.24 9.54 20.22
N SER A 127 -15.12 8.87 20.47
CA SER A 127 -14.94 8.10 21.70
C SER A 127 -14.22 8.84 22.83
N LEU A 128 -14.62 8.51 24.06
CA LEU A 128 -13.98 8.99 25.28
C LEU A 128 -12.51 8.55 25.35
N SER A 129 -11.67 9.31 26.01
CA SER A 129 -10.22 9.07 25.97
C SER A 129 -9.86 7.66 26.44
N VAL A 130 -10.47 7.24 27.54
CA VAL A 130 -10.14 5.95 28.12
C VAL A 130 -10.72 4.74 27.35
N ARG A 131 -11.62 5.01 26.41
CA ARG A 131 -12.13 3.92 25.55
C ARG A 131 -11.68 4.05 24.08
N THR A 132 -10.63 4.82 23.83
CA THR A 132 -10.06 4.91 22.49
C THR A 132 -8.74 4.15 22.43
N THR A 133 -8.58 3.35 21.40
CA THR A 133 -7.40 2.50 21.25
C THR A 133 -6.19 3.27 20.71
N ALA A 134 -5.02 2.67 20.88
CA ALA A 134 -3.80 3.15 20.31
C ALA A 134 -3.93 3.35 18.80
N SER A 135 -4.57 2.38 18.16
CA SER A 135 -4.76 2.38 16.73
C SER A 135 -5.58 3.58 16.28
N GLN A 136 -6.61 3.92 17.05
CA GLN A 136 -7.40 5.11 16.78
C GLN A 136 -6.57 6.39 17.00
N ILE A 137 -5.74 6.39 18.05
CA ILE A 137 -4.91 7.55 18.34
C ILE A 137 -3.92 7.75 17.20
N GLN A 138 -3.29 6.68 16.75
CA GLN A 138 -2.35 6.75 15.64
C GLN A 138 -2.99 7.36 14.38
N ASP A 139 -4.19 6.91 14.05
CA ASP A 139 -4.90 7.38 12.86
C ASP A 139 -5.22 8.88 12.96
N ILE A 140 -5.83 9.30 14.05
CA ILE A 140 -6.14 10.72 14.26
C ILE A 140 -4.86 11.56 14.16
N MET A 141 -3.81 11.16 14.85
CA MET A 141 -2.56 11.91 14.82
C MET A 141 -1.88 11.90 13.45
N ASN A 142 -1.94 10.77 12.77
CA ASN A 142 -1.32 10.66 11.46
C ASN A 142 -2.01 11.49 10.39
N VAL A 143 -3.34 11.48 10.39
CA VAL A 143 -4.13 12.14 9.36
C VAL A 143 -4.16 13.64 9.59
N ASN A 144 -4.37 14.04 10.84
CA ASN A 144 -4.60 15.43 11.21
C ASN A 144 -3.35 16.23 11.52
N PHE A 145 -2.26 15.57 11.85
CA PHE A 145 -1.05 16.26 12.20
C PHE A 145 0.22 15.75 11.56
N MET A 146 0.53 14.49 11.66
CA MET A 146 1.76 13.97 11.07
C MET A 146 1.87 14.22 9.55
N SER A 147 0.83 13.90 8.81
CA SER A 147 0.82 14.03 7.36
C SER A 147 0.80 15.49 6.93
N PRO A 148 -0.10 16.30 7.54
CA PRO A 148 -0.04 17.73 7.27
C PRO A 148 1.36 18.33 7.44
N VAL A 149 2.08 17.94 8.49
CA VAL A 149 3.43 18.47 8.71
C VAL A 149 4.36 18.03 7.57
N THR A 150 4.26 16.77 7.19
CA THR A 150 5.05 16.27 6.08
C THR A 150 4.65 16.95 4.76
N MET A 151 3.36 17.06 4.46
CA MET A 151 2.88 17.87 3.33
C MET A 151 3.45 19.28 3.35
N THR A 152 3.45 19.91 4.52
CA THR A 152 3.92 21.29 4.66
C THR A 152 5.40 21.44 4.32
N ASN A 153 6.26 20.66 4.99
CA ASN A 153 7.72 20.70 4.76
C ASN A 153 8.14 20.38 3.33
N ILE A 154 7.50 19.38 2.76
CA ILE A 154 7.77 18.97 1.40
C ILE A 154 7.46 20.11 0.46
N CYS A 155 6.39 20.82 0.78
CA CYS A 155 5.84 21.85 -0.08
C CYS A 155 6.69 23.11 -0.04
N ILE A 156 7.12 23.47 1.17
CA ILE A 156 8.01 24.59 1.37
C ILE A 156 9.33 24.34 0.65
N LYS A 157 9.85 23.12 0.72
CA LYS A 157 11.07 22.77 -0.03
C LYS A 157 10.86 22.99 -1.52
N TYR A 158 9.72 22.53 -2.02
CA TYR A 158 9.39 22.67 -3.42
C TYR A 158 9.25 24.16 -3.79
N MET A 159 8.61 24.91 -2.90
CA MET A 159 8.37 26.34 -3.10
C MET A 159 9.68 27.13 -3.18
N MET A 160 10.59 26.88 -2.24
CA MET A 160 11.92 27.50 -2.24
C MET A 160 12.73 27.18 -3.51
N LYS A 161 12.79 25.91 -3.91
CA LYS A 161 13.54 25.53 -5.09
C LYS A 161 12.99 26.18 -6.34
N SER A 162 11.67 26.32 -6.43
CA SER A 162 11.07 26.79 -7.66
C SER A 162 11.11 28.32 -7.81
N GLN A 163 11.21 29.03 -6.69
CA GLN A 163 11.43 30.49 -6.70
C GLN A 163 12.82 30.78 -7.23
N ARG A 164 13.73 29.82 -7.07
CA ARG A 164 15.07 29.94 -7.61
C ARG A 164 15.09 29.50 -9.06
N ARG A 165 14.37 28.42 -9.36
CA ARG A 165 14.36 27.86 -10.70
C ARG A 165 13.66 28.80 -11.69
N TRP A 166 12.66 29.51 -11.21
CA TRP A 166 11.92 30.44 -12.03
C TRP A 166 11.88 31.80 -11.34
N PRO A 167 12.92 32.64 -11.54
CA PRO A 167 13.06 33.94 -10.86
C PRO A 167 11.97 34.97 -11.15
N GLU A 168 11.25 34.82 -12.26
CA GLU A 168 10.13 35.71 -12.60
C GLU A 168 8.93 35.53 -11.68
N LEU A 169 9.02 34.62 -10.71
CA LEU A 169 7.91 34.30 -9.81
C LEU A 169 7.79 35.22 -8.60
N SER A 170 8.90 35.87 -8.23
CA SER A 170 8.85 36.92 -7.22
C SER A 170 7.80 37.97 -7.65
N GLY A 171 7.75 38.27 -8.96
CA GLY A 171 6.78 39.22 -9.52
C GLY A 171 5.33 38.77 -9.63
N GLN A 172 5.01 37.59 -9.09
CA GLN A 172 3.64 37.08 -9.11
C GLN A 172 2.79 37.82 -8.10
N SER A 173 1.47 37.80 -8.32
CA SER A 173 0.53 38.50 -7.45
C SER A 173 0.61 37.99 -6.01
N ALA A 174 0.61 36.66 -5.84
CA ALA A 174 0.52 36.06 -4.50
C ALA A 174 1.79 35.32 -4.09
N ARG A 175 2.19 35.47 -2.84
CA ARG A 175 3.38 34.78 -2.35
C ARG A 175 3.03 33.32 -1.99
N PRO A 176 3.99 32.40 -2.17
CA PRO A 176 3.70 30.99 -1.82
C PRO A 176 3.02 30.91 -0.44
N THR A 177 1.93 30.14 -0.36
CA THR A 177 1.09 30.14 0.83
C THR A 177 0.72 28.74 1.33
N ILE A 178 0.80 28.57 2.63
CA ILE A 178 0.39 27.34 3.28
C ILE A 178 -0.68 27.66 4.30
N VAL A 179 -1.80 26.95 4.23
CA VAL A 179 -2.83 27.14 5.23
C VAL A 179 -3.30 25.86 5.86
N ASN A 180 -3.18 25.75 7.16
CA ASN A 180 -3.57 24.54 7.82
C ASN A 180 -4.84 24.77 8.55
N ILE A 181 -5.79 23.88 8.44
CA ILE A 181 -7.04 24.16 9.07
C ILE A 181 -7.20 23.43 10.37
N SER A 182 -7.56 24.19 11.37
CA SER A 182 -7.70 23.73 12.72
C SER A 182 -9.14 23.74 13.12
N SER A 183 -9.40 23.84 14.40
CA SER A 183 -10.75 23.90 14.88
C SER A 183 -10.84 24.77 16.10
N ILE A 184 -11.99 25.38 16.31
CA ILE A 184 -12.29 26.08 17.56
C ILE A 184 -12.14 25.17 18.80
N LEU A 185 -12.21 23.86 18.59
CA LEU A 185 -12.01 22.86 19.63
C LEU A 185 -10.55 22.78 20.10
N HIS A 186 -9.66 23.46 19.39
CA HIS A 186 -8.23 23.36 19.65
C HIS A 186 -7.77 24.12 20.90
N SER A 187 -8.62 25.02 21.40
CA SER A 187 -8.31 25.86 22.57
C SER A 187 -9.56 26.48 23.20
N GLY A 188 -9.42 26.97 24.43
CA GLY A 188 -10.48 27.71 25.08
C GLY A 188 -11.60 26.86 25.67
N LYS A 189 -12.76 27.51 25.84
CA LYS A 189 -13.88 26.93 26.55
C LYS A 189 -14.51 25.73 25.87
N MET A 190 -14.43 25.64 24.56
CA MET A 190 -15.15 24.59 23.91
C MET A 190 -14.36 23.34 24.07
N LYS A 191 -14.77 22.59 25.06
CA LYS A 191 -14.15 21.33 25.47
C LYS A 191 -15.24 20.27 25.39
N VAL A 192 -15.23 19.52 24.30
CA VAL A 192 -16.28 18.57 24.00
C VAL A 192 -15.81 17.18 24.38
N PRO A 193 -16.48 16.53 25.35
CA PRO A 193 -16.13 15.14 25.65
C PRO A 193 -16.18 14.30 24.38
N GLY A 194 -15.31 13.30 24.30
CA GLY A 194 -15.21 12.44 23.11
C GLY A 194 -14.28 12.98 22.03
N THR A 195 -13.54 14.03 22.38
CA THR A 195 -12.75 14.82 21.43
C THR A 195 -11.32 15.10 21.91
N SER A 196 -10.88 14.39 22.94
CA SER A 196 -9.60 14.71 23.56
C SER A 196 -8.45 14.69 22.56
N VAL A 197 -8.30 13.57 21.85
CA VAL A 197 -7.27 13.42 20.81
C VAL A 197 -7.42 14.31 19.56
N TYR A 198 -8.65 14.39 19.05
CA TYR A 198 -8.97 15.26 17.91
C TYR A 198 -8.61 16.71 18.23
N SER A 199 -9.10 17.22 19.37
CA SER A 199 -8.73 18.54 19.87
C SER A 199 -7.22 18.69 19.96
N ALA A 200 -6.56 17.65 20.47
CA ALA A 200 -5.12 17.67 20.66
C ALA A 200 -4.39 17.84 19.34
N SER A 201 -4.90 17.18 18.29
CA SER A 201 -4.22 17.15 17.00
C SER A 201 -4.33 18.53 16.37
N LYS A 202 -5.48 19.16 16.57
CA LYS A 202 -5.71 20.49 16.06
C LYS A 202 -4.83 21.54 16.75
N ALA A 203 -4.72 21.45 18.07
CA ALA A 203 -3.81 22.32 18.81
C ALA A 203 -2.38 22.11 18.30
N ALA A 204 -2.04 20.87 17.99
CA ALA A 204 -0.70 20.56 17.54
C ALA A 204 -0.45 21.25 16.19
N LEU A 205 -1.46 21.19 15.32
CA LEU A 205 -1.38 21.79 14.01
C LEU A 205 -1.33 23.33 14.07
N SER A 206 -2.15 23.92 14.93
CA SER A 206 -2.13 25.37 15.15
C SER A 206 -0.78 25.81 15.63
N ARG A 207 -0.27 25.15 16.67
CA ARG A 207 0.97 25.60 17.27
C ARG A 207 2.14 25.39 16.31
N PHE A 208 2.17 24.25 15.64
CA PHE A 208 3.21 23.98 14.66
C PHE A 208 3.29 25.08 13.59
N THR A 209 2.13 25.48 13.06
CA THR A 209 2.06 26.50 12.02
C THR A 209 2.55 27.85 12.53
N GLU A 210 2.08 28.25 13.71
CA GLU A 210 2.51 29.49 14.34
C GLU A 210 4.01 29.59 14.44
N VAL A 211 4.64 28.50 14.88
CA VAL A 211 6.09 28.51 15.08
C VAL A 211 6.78 28.45 13.73
N LEU A 212 6.17 27.76 12.78
CA LEU A 212 6.71 27.69 11.41
C LEU A 212 6.71 29.06 10.76
N ALA A 213 5.61 29.80 10.90
CA ALA A 213 5.51 31.18 10.45
C ALA A 213 6.73 31.99 10.88
N ALA A 214 7.13 31.84 12.14
CA ALA A 214 8.36 32.46 12.64
C ALA A 214 9.61 32.07 11.85
N GLU A 215 9.72 30.81 11.45
CA GLU A 215 10.89 30.40 10.67
C GLU A 215 10.79 30.84 9.20
N MET A 216 9.59 31.14 8.75
CA MET A 216 9.36 31.48 7.37
C MET A 216 9.34 32.99 7.11
N GLU A 217 9.61 33.78 8.15
CA GLU A 217 9.65 35.24 7.97
C GLU A 217 10.76 35.64 6.98
N PRO A 218 11.98 35.22 7.22
CA PRO A 218 13.07 35.57 6.33
C PRO A 218 12.92 35.02 4.94
N ARG A 219 11.88 34.26 4.70
CA ARG A 219 11.64 33.68 3.40
C ARG A 219 10.35 34.13 2.81
N ASN A 220 10.10 33.80 1.59
CA ASN A 220 8.89 34.36 0.99
C ASN A 220 7.59 33.81 1.57
N ILE A 221 7.68 32.64 2.21
CA ILE A 221 6.51 31.80 2.41
C ILE A 221 5.57 32.18 3.57
N ARG A 222 4.31 32.40 3.22
CA ARG A 222 3.23 32.69 4.15
C ARG A 222 2.64 31.40 4.75
N CYS A 223 2.53 31.37 6.07
CA CYS A 223 2.01 30.20 6.79
C CYS A 223 0.84 30.58 7.71
N PHE A 224 -0.37 30.19 7.31
CA PHE A 224 -1.58 30.57 8.03
C PHE A 224 -2.25 29.36 8.65
N THR A 225 -2.84 29.61 9.81
CA THR A 225 -3.70 28.65 10.44
C THR A 225 -5.09 29.27 10.50
N ILE A 226 -6.10 28.44 10.35
CA ILE A 226 -7.50 28.89 10.43
C ILE A 226 -8.22 28.02 11.45
N SER A 227 -9.08 28.63 12.26
CA SER A 227 -9.74 27.90 13.32
C SER A 227 -11.27 28.02 13.22
N PRO A 228 -11.88 27.19 12.41
CA PRO A 228 -13.32 27.22 12.24
C PRO A 228 -14.14 26.73 13.41
N GLY A 229 -15.35 27.22 13.42
CA GLY A 229 -16.40 26.83 14.32
C GLY A 229 -16.77 25.46 13.86
N LEU A 230 -17.49 24.73 14.67
CA LEU A 230 -17.81 23.40 14.27
C LEU A 230 -18.63 23.52 13.05
N VAL A 231 -18.56 22.47 12.27
CA VAL A 231 -19.21 22.42 11.02
C VAL A 231 -20.62 21.94 11.17
N LYS A 232 -21.34 22.14 10.10
CA LYS A 232 -22.74 21.98 10.07
C LYS A 232 -22.84 20.55 10.54
N GLY A 233 -21.74 19.81 10.46
CA GLY A 233 -21.71 18.37 10.67
C GLY A 233 -22.20 17.67 11.93
N THR A 234 -22.04 18.19 13.15
CA THR A 234 -22.43 17.38 14.32
C THR A 234 -23.10 18.07 15.52
N ASP A 235 -23.89 17.29 16.28
CA ASP A 235 -24.34 17.71 17.59
C ASP A 235 -24.26 16.54 18.55
N SER A 255 -19.98 32.75 15.34
CA SER A 255 -18.52 32.59 15.34
C SER A 255 -18.08 31.34 16.13
N GLY A 256 -19.06 30.49 16.48
CA GLY A 256 -18.80 29.18 17.09
C GLY A 256 -19.33 28.09 16.17
N THR A 257 -19.85 28.51 15.03
CA THR A 257 -20.33 27.63 13.96
C THR A 257 -19.69 28.02 12.64
N SER A 258 -19.59 27.07 11.72
CA SER A 258 -19.06 27.34 10.38
C SER A 258 -19.61 26.42 9.30
N ALA A 259 -19.90 27.01 8.15
CA ALA A 259 -20.33 26.24 7.00
C ALA A 259 -19.16 26.15 6.03
N PRO A 260 -19.00 25.00 5.36
CA PRO A 260 -17.97 24.79 4.36
C PRO A 260 -17.72 26.02 3.47
N ALA A 261 -18.79 26.53 2.86
CA ALA A 261 -18.70 27.68 1.96
C ALA A 261 -17.99 28.90 2.58
N GLU A 262 -18.17 29.08 3.88
CA GLU A 262 -17.60 30.24 4.58
C GLU A 262 -16.11 30.09 4.89
N ILE A 263 -15.68 28.83 5.07
CA ILE A 263 -14.28 28.53 5.26
C ILE A 263 -13.53 28.82 3.96
N ALA A 264 -14.15 28.42 2.83
CA ALA A 264 -13.60 28.69 1.50
C ALA A 264 -13.29 30.18 1.28
N GLU A 265 -14.21 31.06 1.69
CA GLU A 265 -14.00 32.50 1.57
C GLU A 265 -12.87 32.99 2.47
N GLU A 266 -12.77 32.42 3.67
CA GLU A 266 -11.69 32.77 4.60
C GLU A 266 -10.34 32.39 4.00
N VAL A 267 -10.28 31.19 3.43
CA VAL A 267 -9.07 30.71 2.78
C VAL A 267 -8.69 31.59 1.60
N TRP A 268 -9.69 31.95 0.78
CA TRP A 268 -9.44 32.83 -0.36
C TRP A 268 -8.96 34.23 0.03
N SER A 269 -9.58 34.84 1.04
CA SER A 269 -9.22 36.20 1.44
C SER A 269 -7.81 36.23 2.03
N LEU A 270 -7.46 35.12 2.70
CA LEU A 270 -6.15 34.95 3.28
C LEU A 270 -5.09 34.91 2.18
N TYR A 271 -5.39 34.22 1.08
CA TYR A 271 -4.45 34.02 -0.02
C TYR A 271 -4.33 35.25 -0.90
N SER A 272 -5.44 35.93 -1.14
CA SER A 272 -5.48 37.00 -2.16
C SER A 272 -5.18 38.42 -1.64
N ARG A 273 -5.07 38.58 -0.33
CA ARG A 273 -4.79 39.90 0.25
C ARG A 273 -3.41 39.93 0.92
N MET B 1 -22.32 -51.50 -24.47
CA MET B 1 -23.33 -51.85 -25.47
C MET B 1 -24.11 -50.62 -25.92
N HIS B 2 -24.95 -50.12 -25.03
CA HIS B 2 -25.65 -48.87 -25.27
C HIS B 2 -24.67 -47.75 -25.24
N TYR B 3 -24.85 -46.77 -26.12
CA TYR B 3 -23.97 -45.60 -26.14
C TYR B 3 -24.77 -44.36 -25.85
N LEU B 4 -24.50 -43.78 -24.70
CA LEU B 4 -25.26 -42.67 -24.19
C LEU B 4 -24.48 -41.37 -24.30
N PRO B 5 -24.88 -40.50 -25.24
CA PRO B 5 -24.16 -39.26 -25.51
C PRO B 5 -24.27 -38.24 -24.37
N VAL B 6 -23.15 -37.58 -24.07
CA VAL B 6 -23.18 -36.48 -23.10
C VAL B 6 -22.66 -35.16 -23.69
N ALA B 7 -23.21 -34.08 -23.16
CA ALA B 7 -22.82 -32.75 -23.55
C ALA B 7 -22.07 -32.07 -22.41
N ILE B 8 -21.01 -31.35 -22.78
CA ILE B 8 -20.29 -30.50 -21.86
C ILE B 8 -20.70 -29.06 -22.18
N VAL B 9 -21.25 -28.40 -21.17
CA VAL B 9 -21.61 -27.01 -21.31
C VAL B 9 -20.68 -26.14 -20.47
N THR B 10 -20.15 -25.10 -21.13
CA THR B 10 -19.00 -24.35 -20.68
C THR B 10 -19.25 -22.84 -20.59
N GLY B 11 -18.65 -22.23 -19.57
CA GLY B 11 -18.62 -20.77 -19.40
C GLY B 11 -19.95 -20.07 -19.40
N ALA B 12 -20.98 -20.76 -18.91
CA ALA B 12 -22.36 -20.27 -18.95
C ALA B 12 -22.61 -19.02 -18.11
N THR B 13 -23.44 -18.12 -18.64
CA THR B 13 -23.74 -16.82 -18.00
C THR B 13 -25.11 -16.27 -18.45
N ARG B 14 -25.72 -15.49 -17.56
CA ARG B 14 -26.97 -14.79 -17.85
C ARG B 14 -28.06 -15.68 -18.48
N GLY B 15 -28.13 -16.92 -18.01
CA GLY B 15 -29.23 -17.83 -18.35
C GLY B 15 -29.14 -18.57 -19.67
N ILE B 16 -28.05 -18.38 -20.41
CA ILE B 16 -27.85 -19.08 -21.68
C ILE B 16 -27.58 -20.57 -21.47
N GLY B 17 -26.63 -20.89 -20.59
CA GLY B 17 -26.28 -22.27 -20.30
C GLY B 17 -27.45 -23.05 -19.74
N LYS B 18 -28.15 -22.43 -18.79
CA LYS B 18 -29.31 -23.05 -18.15
C LYS B 18 -30.35 -23.43 -19.21
N ALA B 19 -30.65 -22.50 -20.11
CA ALA B 19 -31.51 -22.80 -21.25
C ALA B 19 -30.95 -23.98 -22.06
N ILE B 20 -29.67 -23.89 -22.43
CA ILE B 20 -29.05 -24.97 -23.22
C ILE B 20 -29.13 -26.33 -22.52
N CYS B 21 -28.74 -26.39 -21.26
CA CYS B 21 -28.83 -27.63 -20.51
C CYS B 21 -30.27 -28.11 -20.39
N GLN B 22 -31.18 -27.17 -20.14
CA GLN B 22 -32.60 -27.47 -20.00
C GLN B 22 -33.12 -28.17 -21.25
N LYS B 23 -32.73 -27.67 -22.41
CA LYS B 23 -33.16 -28.20 -23.70
C LYS B 23 -32.60 -29.63 -23.95
N LEU B 24 -31.29 -29.78 -23.77
CA LEU B 24 -30.61 -31.03 -24.04
C LEU B 24 -31.08 -32.17 -23.13
N PHE B 25 -31.46 -31.82 -21.90
CA PHE B 25 -31.91 -32.83 -20.96
C PHE B 25 -33.33 -33.29 -21.31
N GLN B 26 -34.14 -32.34 -21.75
CA GLN B 26 -35.47 -32.59 -22.27
C GLN B 26 -35.37 -33.56 -23.46
N LYS B 27 -34.35 -33.37 -24.29
CA LYS B 27 -34.12 -34.25 -25.43
C LYS B 27 -33.39 -35.53 -25.09
N GLY B 28 -32.99 -35.72 -23.83
CA GLY B 28 -32.43 -37.02 -23.40
C GLY B 28 -30.93 -37.22 -23.24
N LEU B 29 -30.14 -36.16 -23.47
CA LEU B 29 -28.71 -36.20 -23.20
C LEU B 29 -28.39 -36.13 -21.71
N SER B 30 -27.18 -36.56 -21.35
CA SER B 30 -26.62 -36.23 -20.05
C SER B 30 -25.76 -34.97 -20.14
N CYS B 31 -25.64 -34.27 -19.02
CA CYS B 31 -24.96 -32.99 -18.99
C CYS B 31 -23.79 -32.93 -18.02
N ILE B 32 -22.70 -32.35 -18.49
CA ILE B 32 -21.56 -32.01 -17.66
C ILE B 32 -21.43 -30.49 -17.73
N ILE B 33 -21.55 -29.84 -16.58
CA ILE B 33 -21.50 -28.37 -16.56
C ILE B 33 -20.20 -27.85 -15.99
N LEU B 34 -19.50 -27.03 -16.77
CA LEU B 34 -18.24 -26.38 -16.36
C LEU B 34 -18.40 -24.89 -16.18
N GLY B 35 -18.26 -24.44 -14.94
CA GLY B 35 -18.45 -23.03 -14.59
C GLY B 35 -17.44 -22.50 -13.60
N SER B 36 -17.38 -21.18 -13.48
CA SER B 36 -16.37 -20.50 -12.66
C SER B 36 -16.53 -20.76 -11.19
N THR B 37 -17.76 -20.66 -10.69
CA THR B 37 -18.02 -20.71 -9.25
C THR B 37 -19.18 -21.66 -8.91
N LYS B 38 -19.15 -22.24 -7.73
CA LYS B 38 -20.26 -23.03 -7.25
C LYS B 38 -21.57 -22.29 -7.15
N GLU B 39 -21.56 -21.01 -7.47
CA GLU B 39 -22.77 -20.22 -7.55
C GLU B 39 -23.18 -20.06 -9.00
N SER B 40 -22.17 -19.82 -9.84
CA SER B 40 -22.30 -19.83 -11.29
C SER B 40 -22.82 -21.20 -11.80
N ILE B 41 -22.39 -22.25 -11.12
CA ILE B 41 -22.71 -23.63 -11.46
C ILE B 41 -24.16 -23.99 -11.17
N GLU B 42 -24.67 -23.50 -10.02
CA GLU B 42 -26.01 -23.82 -9.54
C GLU B 42 -27.09 -23.15 -10.39
N ARG B 43 -26.79 -21.96 -10.89
CA ARG B 43 -27.73 -21.23 -11.75
C ARG B 43 -27.89 -21.98 -13.08
N THR B 44 -26.78 -22.49 -13.60
CA THR B 44 -26.76 -23.18 -14.89
C THR B 44 -27.45 -24.54 -14.81
N ALA B 45 -27.35 -25.20 -13.67
CA ALA B 45 -27.89 -26.53 -13.47
C ALA B 45 -29.42 -26.55 -13.48
N ILE B 46 -29.97 -27.65 -13.95
CA ILE B 46 -31.42 -27.79 -14.12
C ILE B 46 -32.11 -28.03 -12.77
N ASP B 47 -33.41 -27.75 -12.72
CA ASP B 47 -34.16 -27.76 -11.45
C ASP B 47 -34.60 -29.15 -10.99
N ARG B 48 -34.86 -29.30 -9.69
CA ARG B 48 -35.29 -30.58 -9.13
C ARG B 48 -36.40 -31.19 -9.98
N GLY B 49 -37.30 -30.35 -10.47
CA GLY B 49 -38.47 -30.78 -11.24
C GLY B 49 -38.13 -31.48 -12.56
N GLN B 50 -37.11 -30.98 -13.25
CA GLN B 50 -36.70 -31.59 -14.48
C GLN B 50 -35.80 -32.81 -14.21
N LEU B 51 -35.09 -32.80 -13.09
CA LEU B 51 -34.29 -33.94 -12.69
C LEU B 51 -35.20 -35.11 -12.33
N GLN B 52 -36.30 -34.80 -11.64
CA GLN B 52 -37.24 -35.83 -11.18
C GLN B 52 -37.91 -36.58 -12.34
N SER B 53 -38.01 -35.92 -13.49
CA SER B 53 -38.67 -36.45 -14.70
C SER B 53 -37.74 -37.24 -15.62
N GLY B 54 -36.45 -37.26 -15.33
CA GLY B 54 -35.46 -37.77 -16.29
C GLY B 54 -35.57 -39.27 -16.50
N LEU B 55 -35.28 -39.71 -17.72
CA LEU B 55 -35.13 -41.13 -17.98
C LEU B 55 -34.07 -41.64 -17.02
N SER B 56 -34.21 -42.87 -16.55
CA SER B 56 -33.35 -43.34 -15.47
C SER B 56 -31.84 -43.46 -15.81
N TYR B 57 -31.47 -43.36 -17.08
CA TYR B 57 -30.05 -43.44 -17.42
C TYR B 57 -29.43 -42.04 -17.40
N GLN B 58 -30.26 -41.01 -17.38
CA GLN B 58 -29.79 -39.64 -17.48
C GLN B 58 -29.03 -39.16 -16.25
N ARG B 59 -28.03 -38.32 -16.50
CA ARG B 59 -27.10 -37.86 -15.47
C ARG B 59 -26.81 -36.35 -15.60
N GLN B 60 -26.55 -35.70 -14.47
CA GLN B 60 -26.06 -34.34 -14.49
C GLN B 60 -24.94 -34.10 -13.48
N CYS B 61 -23.83 -33.54 -13.92
CA CYS B 61 -22.89 -33.03 -12.93
C CYS B 61 -22.37 -31.65 -13.26
N ALA B 62 -21.87 -30.97 -12.24
CA ALA B 62 -21.32 -29.65 -12.42
C ALA B 62 -19.93 -29.66 -11.82
N ILE B 63 -19.01 -28.95 -12.45
CA ILE B 63 -17.60 -28.96 -12.03
C ILE B 63 -17.07 -27.53 -12.05
N ALA B 64 -16.53 -27.07 -10.91
CA ALA B 64 -16.04 -25.69 -10.75
C ALA B 64 -14.66 -25.53 -11.37
N ILE B 65 -14.54 -24.66 -12.35
CA ILE B 65 -13.26 -24.40 -13.01
C ILE B 65 -13.13 -22.90 -13.29
N ASP B 66 -12.12 -22.27 -12.69
CA ASP B 66 -11.90 -20.86 -12.96
C ASP B 66 -11.16 -20.68 -14.26
N PHE B 67 -11.92 -20.29 -15.28
CA PHE B 67 -11.38 -20.05 -16.61
C PHE B 67 -10.53 -18.78 -16.67
N LYS B 68 -10.78 -17.84 -15.75
CA LYS B 68 -9.89 -16.69 -15.57
C LYS B 68 -8.42 -17.10 -15.34
N LYS B 69 -8.20 -18.28 -14.74
CA LYS B 69 -6.86 -18.73 -14.41
C LYS B 69 -6.18 -19.55 -15.52
N TRP B 70 -6.67 -19.43 -16.75
CA TRP B 70 -6.07 -20.12 -17.88
C TRP B 70 -4.61 -19.67 -18.09
N PRO B 71 -3.68 -20.60 -18.38
CA PRO B 71 -3.86 -22.03 -18.60
C PRO B 71 -3.60 -22.89 -17.36
N HIS B 72 -3.69 -22.30 -16.18
CA HIS B 72 -3.34 -23.05 -14.96
C HIS B 72 -4.36 -24.13 -14.63
N TRP B 73 -5.64 -23.89 -14.92
CA TRP B 73 -6.69 -24.88 -14.60
C TRP B 73 -6.45 -26.25 -15.27
N LEU B 74 -5.52 -26.28 -16.22
CA LEU B 74 -5.11 -27.50 -16.95
C LEU B 74 -4.25 -28.44 -16.14
N ASP B 75 -3.44 -27.87 -15.25
CA ASP B 75 -2.44 -28.64 -14.51
C ASP B 75 -2.97 -29.18 -13.18
N TYR B 76 -4.14 -28.69 -12.75
CA TYR B 76 -4.79 -29.26 -11.56
C TYR B 76 -4.92 -30.76 -11.81
N GLU B 77 -4.95 -31.54 -10.74
CA GLU B 77 -5.03 -33.01 -10.89
C GLU B 77 -6.37 -33.56 -10.40
N SER B 78 -7.19 -32.67 -9.85
CA SER B 78 -8.51 -33.01 -9.36
C SER B 78 -9.41 -31.78 -9.45
N TYR B 79 -10.70 -32.01 -9.73
CA TYR B 79 -11.65 -30.92 -9.73
C TYR B 79 -12.79 -31.21 -8.76
N ASP B 80 -13.36 -30.14 -8.22
CA ASP B 80 -14.46 -30.28 -7.28
C ASP B 80 -15.80 -30.05 -7.98
N GLY B 81 -16.68 -31.04 -7.87
CA GLY B 81 -17.96 -30.96 -8.53
C GLY B 81 -19.15 -31.45 -7.74
N ILE B 82 -20.30 -31.39 -8.39
CA ILE B 82 -21.55 -31.76 -7.78
C ILE B 82 -22.25 -32.78 -8.68
N GLU B 83 -22.67 -33.88 -8.05
CA GLU B 83 -23.36 -34.95 -8.74
C GLU B 83 -24.85 -34.85 -8.39
N TYR B 84 -25.70 -34.75 -9.41
CA TYR B 84 -27.16 -34.64 -9.22
C TYR B 84 -27.88 -35.96 -9.39
N PHE B 85 -29.08 -36.05 -8.82
CA PHE B 85 -29.89 -37.28 -8.81
C PHE B 85 -31.35 -37.01 -9.18
N LYS B 86 -32.04 -38.09 -9.55
CA LYS B 86 -33.45 -38.04 -9.94
C LYS B 86 -34.31 -37.89 -8.69
N ASP B 87 -33.85 -38.46 -7.59
CA ASP B 87 -34.69 -38.62 -6.41
C ASP B 87 -34.06 -38.12 -5.09
N ARG B 88 -32.95 -37.39 -5.17
CA ARG B 88 -32.18 -37.00 -3.98
C ARG B 88 -31.57 -35.63 -4.17
N PRO B 89 -31.20 -34.97 -3.07
CA PRO B 89 -30.38 -33.76 -3.21
C PRO B 89 -28.97 -34.13 -3.67
N PRO B 90 -28.22 -33.18 -4.26
CA PRO B 90 -26.88 -33.40 -4.82
C PRO B 90 -25.83 -33.92 -3.84
N LEU B 91 -24.74 -34.44 -4.38
CA LEU B 91 -23.62 -34.92 -3.59
C LEU B 91 -22.32 -34.34 -4.11
N LYS B 92 -21.51 -33.80 -3.19
CA LYS B 92 -20.16 -33.33 -3.51
C LYS B 92 -19.32 -34.48 -4.06
N GLN B 93 -18.51 -34.16 -5.06
CA GLN B 93 -17.74 -35.16 -5.75
C GLN B 93 -16.49 -34.57 -6.37
N LYS B 94 -15.43 -35.37 -6.36
CA LYS B 94 -14.17 -35.04 -7.01
C LYS B 94 -13.99 -35.87 -8.27
N TYR B 95 -13.47 -35.24 -9.32
CA TYR B 95 -13.24 -35.90 -10.61
C TYR B 95 -11.78 -35.79 -11.06
N SER B 96 -11.25 -36.85 -11.66
CA SER B 96 -9.84 -36.91 -12.00
C SER B 96 -9.55 -36.15 -13.28
N THR B 97 -10.49 -36.15 -14.22
CA THR B 97 -10.43 -35.29 -15.42
C THR B 97 -11.81 -34.71 -15.73
N LEU B 98 -11.91 -34.00 -16.85
CA LEU B 98 -13.15 -33.34 -17.31
C LEU B 98 -14.16 -34.32 -17.92
N PHE B 99 -13.65 -35.42 -18.44
CA PHE B 99 -14.47 -36.46 -19.03
C PHE B 99 -14.70 -37.58 -18.03
N ASP B 100 -14.15 -37.42 -16.84
CA ASP B 100 -14.19 -38.49 -15.86
C ASP B 100 -15.61 -38.93 -15.44
N PRO B 101 -16.58 -38.00 -15.41
CA PRO B 101 -17.92 -38.48 -15.06
C PRO B 101 -18.44 -39.60 -15.99
N CYS B 102 -18.13 -39.53 -17.28
CA CYS B 102 -18.51 -40.56 -18.23
C CYS B 102 -18.07 -41.94 -17.80
N ASN B 103 -16.80 -42.07 -17.40
CA ASN B 103 -16.33 -43.38 -16.90
C ASN B 103 -16.98 -43.78 -15.58
N LYS B 104 -17.22 -42.81 -14.70
CA LYS B 104 -17.89 -43.13 -13.43
C LYS B 104 -19.34 -43.56 -13.64
N TRP B 105 -19.99 -42.99 -14.64
CA TRP B 105 -21.36 -43.32 -14.95
C TRP B 105 -21.52 -44.71 -15.60
N SER B 106 -20.56 -45.11 -16.43
CA SER B 106 -20.70 -46.31 -17.27
C SER B 106 -20.69 -47.63 -16.48
N ASN B 107 -21.32 -48.65 -17.05
CA ASN B 107 -21.28 -50.04 -16.60
C ASN B 107 -21.06 -51.01 -17.74
N ASN B 108 -21.46 -52.26 -17.58
CA ASN B 108 -21.33 -53.28 -18.63
C ASN B 108 -22.21 -53.08 -19.89
N GLU B 109 -23.44 -52.60 -19.71
CA GLU B 109 -24.40 -52.38 -20.82
C GLU B 109 -24.54 -50.90 -21.25
N ARG B 110 -24.02 -49.98 -20.46
CA ARG B 110 -24.19 -48.55 -20.73
C ARG B 110 -22.85 -47.84 -20.72
N ARG B 111 -22.53 -47.22 -21.84
CA ARG B 111 -21.31 -46.46 -21.98
C ARG B 111 -21.65 -45.02 -22.32
N TYR B 112 -21.39 -44.13 -21.35
CA TYR B 112 -21.55 -42.70 -21.53
C TYR B 112 -20.30 -42.12 -22.16
N TYR B 113 -20.48 -41.20 -23.10
CA TYR B 113 -19.36 -40.65 -23.82
C TYR B 113 -19.75 -39.25 -24.26
N VAL B 114 -18.79 -38.34 -24.30
CA VAL B 114 -19.02 -36.95 -24.71
C VAL B 114 -19.14 -36.84 -26.23
N ASN B 115 -20.21 -36.21 -26.71
CA ASN B 115 -20.43 -36.15 -28.16
C ASN B 115 -20.81 -34.76 -28.60
N LEU B 116 -20.98 -33.90 -27.62
CA LEU B 116 -21.30 -32.49 -27.84
C LEU B 116 -20.59 -31.60 -26.83
N LEU B 117 -19.89 -30.60 -27.34
CA LEU B 117 -19.29 -29.58 -26.50
C LEU B 117 -19.84 -28.23 -26.89
N ILE B 118 -20.34 -27.48 -25.93
CA ILE B 118 -20.77 -26.14 -26.18
C ILE B 118 -20.01 -25.14 -25.33
N ASN B 119 -19.38 -24.17 -25.94
CA ASN B 119 -18.73 -23.12 -25.20
C ASN B 119 -19.48 -21.85 -25.25
N CYS B 120 -20.00 -21.41 -24.12
CA CYS B 120 -20.81 -20.19 -24.08
C CYS B 120 -19.99 -18.91 -24.28
N ALA B 121 -18.80 -18.89 -23.69
CA ALA B 121 -17.92 -17.73 -23.74
C ALA B 121 -18.60 -16.45 -23.37
N GLY B 122 -19.07 -16.41 -22.15
CA GLY B 122 -19.92 -15.40 -21.62
C GLY B 122 -19.52 -14.25 -20.75
N LEU B 123 -18.25 -13.97 -20.56
CA LEU B 123 -17.85 -12.81 -19.79
C LEU B 123 -18.07 -11.57 -20.59
N THR B 124 -18.66 -10.54 -20.00
CA THR B 124 -19.05 -9.33 -20.68
C THR B 124 -18.25 -8.15 -20.21
N GLN B 125 -18.04 -7.22 -21.13
CA GLN B 125 -17.27 -6.02 -20.89
C GLN B 125 -18.18 -4.85 -20.88
N GLU B 126 -18.01 -3.95 -19.94
CA GLU B 126 -18.68 -2.68 -20.01
C GLU B 126 -17.78 -1.52 -19.66
N SER B 127 -16.73 -1.34 -20.40
CA SER B 127 -15.81 -0.24 -20.17
C SER B 127 -15.20 0.21 -21.48
N LEU B 128 -15.10 1.52 -21.65
CA LEU B 128 -14.44 2.10 -22.82
C LEU B 128 -13.01 1.58 -22.83
N SER B 129 -12.53 1.24 -24.02
CA SER B 129 -11.23 0.60 -24.17
C SER B 129 -10.07 1.30 -23.42
N VAL B 130 -9.97 2.61 -23.64
CA VAL B 130 -8.94 3.46 -23.04
C VAL B 130 -8.96 3.37 -21.50
N ARG B 131 -10.13 3.02 -20.96
CA ARG B 131 -10.31 2.88 -19.53
C ARG B 131 -10.49 1.41 -19.11
N THR B 132 -9.92 0.49 -19.88
CA THR B 132 -9.99 -0.92 -19.52
C THR B 132 -8.59 -1.41 -19.14
N THR B 133 -8.49 -2.09 -18.00
CA THR B 133 -7.18 -2.48 -17.48
C THR B 133 -6.69 -3.75 -18.14
N ALA B 134 -5.40 -4.04 -17.96
CA ALA B 134 -4.84 -5.29 -18.44
C ALA B 134 -5.49 -6.52 -17.79
N SER B 135 -5.91 -6.38 -16.54
CA SER B 135 -6.56 -7.49 -15.85
C SER B 135 -7.90 -7.86 -16.45
N GLN B 136 -8.74 -6.85 -16.69
CA GLN B 136 -10.05 -7.03 -17.30
C GLN B 136 -9.89 -7.64 -18.68
N ILE B 137 -8.96 -7.13 -19.47
CA ILE B 137 -8.74 -7.62 -20.83
C ILE B 137 -8.30 -9.07 -20.82
N GLN B 138 -7.46 -9.40 -19.85
CA GLN B 138 -6.95 -10.75 -19.65
C GLN B 138 -8.09 -11.71 -19.29
N ASP B 139 -8.89 -11.32 -18.29
CA ASP B 139 -10.03 -12.13 -17.88
C ASP B 139 -10.95 -12.43 -19.08
N ILE B 140 -11.32 -11.39 -19.83
CA ILE B 140 -12.18 -11.52 -20.99
C ILE B 140 -11.67 -12.52 -22.04
N MET B 141 -10.37 -12.44 -22.35
CA MET B 141 -9.80 -13.32 -23.36
C MET B 141 -9.60 -14.73 -22.82
N ASN B 142 -9.34 -14.85 -21.53
CA ASN B 142 -9.11 -16.15 -20.92
C ASN B 142 -10.40 -16.96 -20.85
N VAL B 143 -11.48 -16.29 -20.44
CA VAL B 143 -12.81 -16.87 -20.33
C VAL B 143 -13.51 -17.04 -21.69
N ASN B 144 -13.33 -16.07 -22.60
CA ASN B 144 -14.08 -16.06 -23.85
C ASN B 144 -13.38 -16.64 -25.06
N PHE B 145 -12.06 -16.81 -25.00
CA PHE B 145 -11.32 -17.34 -26.14
C PHE B 145 -10.36 -18.49 -25.84
N MET B 146 -9.41 -18.26 -24.93
CA MET B 146 -8.32 -19.16 -24.64
C MET B 146 -8.81 -20.47 -24.00
N SER B 147 -9.64 -20.35 -22.98
CA SER B 147 -10.21 -21.53 -22.35
C SER B 147 -11.08 -22.32 -23.35
N PRO B 148 -11.96 -21.64 -24.09
CA PRO B 148 -12.75 -22.38 -25.10
C PRO B 148 -11.91 -23.12 -26.12
N VAL B 149 -10.81 -22.52 -26.58
CA VAL B 149 -9.88 -23.18 -27.50
C VAL B 149 -9.32 -24.44 -26.87
N THR B 150 -8.87 -24.34 -25.62
CA THR B 150 -8.32 -25.49 -24.91
C THR B 150 -9.40 -26.57 -24.77
N MET B 151 -10.54 -26.17 -24.22
CA MET B 151 -11.79 -26.95 -24.23
C MET B 151 -11.96 -27.70 -25.54
N THR B 152 -12.03 -26.95 -26.63
CA THR B 152 -12.19 -27.52 -27.95
C THR B 152 -11.11 -28.57 -28.27
N ASN B 153 -9.84 -28.25 -28.07
CA ASN B 153 -8.77 -29.18 -28.47
C ASN B 153 -8.78 -30.49 -27.68
N ILE B 154 -8.95 -30.40 -26.36
CA ILE B 154 -9.06 -31.56 -25.49
C ILE B 154 -10.28 -32.43 -25.84
N CYS B 155 -11.38 -31.78 -26.19
CA CYS B 155 -12.59 -32.47 -26.51
C CYS B 155 -12.44 -33.27 -27.80
N ILE B 156 -11.96 -32.62 -28.85
CA ILE B 156 -11.67 -33.26 -30.11
C ILE B 156 -10.78 -34.49 -29.96
N LYS B 157 -9.72 -34.38 -29.14
CA LYS B 157 -8.81 -35.48 -28.96
C LYS B 157 -9.49 -36.68 -28.30
N TYR B 158 -10.31 -36.39 -27.32
CA TYR B 158 -11.14 -37.40 -26.69
C TYR B 158 -12.07 -38.04 -27.71
N MET B 159 -12.65 -37.21 -28.59
CA MET B 159 -13.61 -37.69 -29.57
C MET B 159 -12.96 -38.57 -30.61
N MET B 160 -11.73 -38.26 -30.96
CA MET B 160 -10.98 -39.02 -31.95
C MET B 160 -10.57 -40.34 -31.34
N LYS B 161 -10.12 -40.28 -30.09
CA LYS B 161 -9.63 -41.47 -29.42
C LYS B 161 -10.78 -42.44 -29.18
N SER B 162 -11.90 -41.93 -28.69
CA SER B 162 -12.99 -42.82 -28.29
C SER B 162 -13.70 -43.49 -29.48
N GLN B 163 -13.62 -42.89 -30.66
CA GLN B 163 -14.21 -43.54 -31.83
C GLN B 163 -13.33 -44.64 -32.41
N ARG B 164 -12.09 -44.71 -31.97
CA ARG B 164 -11.24 -45.85 -32.28
C ARG B 164 -11.44 -46.90 -31.19
N ARG B 165 -11.61 -46.43 -29.96
CA ARG B 165 -11.85 -47.29 -28.82
C ARG B 165 -13.21 -47.99 -28.87
N TRP B 166 -14.23 -47.28 -29.32
CA TRP B 166 -15.57 -47.84 -29.44
C TRP B 166 -16.02 -47.78 -30.91
N PRO B 167 -15.67 -48.82 -31.71
CA PRO B 167 -16.02 -48.91 -33.13
C PRO B 167 -17.49 -48.65 -33.47
N GLU B 168 -18.41 -49.10 -32.61
CA GLU B 168 -19.84 -48.91 -32.88
C GLU B 168 -20.30 -47.43 -32.88
N LEU B 169 -19.48 -46.52 -32.35
CA LEU B 169 -19.81 -45.10 -32.43
C LEU B 169 -19.87 -44.57 -33.87
N SER B 170 -19.43 -45.39 -34.82
CA SER B 170 -19.60 -45.11 -36.26
C SER B 170 -21.09 -44.96 -36.59
N GLY B 171 -21.91 -45.91 -36.11
CA GLY B 171 -23.36 -45.93 -36.36
C GLY B 171 -24.18 -44.88 -35.59
N GLN B 172 -23.58 -44.30 -34.56
CA GLN B 172 -24.24 -43.30 -33.72
C GLN B 172 -24.99 -42.20 -34.50
N SER B 173 -26.24 -42.00 -34.09
CA SER B 173 -27.15 -41.02 -34.69
C SER B 173 -26.57 -39.62 -35.00
N ALA B 174 -25.84 -39.03 -34.06
CA ALA B 174 -25.27 -37.71 -34.30
C ALA B 174 -23.75 -37.76 -34.31
N ARG B 175 -23.13 -37.11 -35.28
CA ARG B 175 -21.68 -37.00 -35.32
C ARG B 175 -21.12 -36.13 -34.15
N PRO B 176 -19.86 -36.39 -33.73
CA PRO B 176 -19.25 -35.54 -32.68
C PRO B 176 -19.32 -34.07 -33.07
N THR B 177 -19.69 -33.21 -32.13
CA THR B 177 -20.05 -31.85 -32.45
C THR B 177 -19.45 -30.85 -31.46
N ILE B 178 -18.97 -29.73 -31.99
CA ILE B 178 -18.51 -28.63 -31.20
C ILE B 178 -19.25 -27.39 -31.62
N VAL B 179 -19.85 -26.67 -30.68
CA VAL B 179 -20.42 -25.37 -30.99
C VAL B 179 -19.93 -24.26 -30.08
N ASN B 180 -19.44 -23.21 -30.68
CA ASN B 180 -18.90 -22.11 -29.91
C ASN B 180 -19.78 -20.93 -30.09
N ILE B 181 -20.16 -20.26 -29.02
CA ILE B 181 -21.10 -19.18 -29.15
C ILE B 181 -20.44 -17.82 -29.22
N SER B 182 -20.68 -17.20 -30.33
CA SER B 182 -20.22 -15.89 -30.69
C SER B 182 -21.26 -14.87 -30.37
N SER B 183 -21.16 -13.71 -30.98
CA SER B 183 -22.14 -12.68 -30.81
C SER B 183 -22.39 -11.93 -32.08
N ILE B 184 -23.59 -11.44 -32.28
CA ILE B 184 -23.83 -10.52 -33.38
C ILE B 184 -22.77 -9.42 -33.39
N LEU B 185 -22.34 -9.03 -32.18
CA LEU B 185 -21.32 -8.00 -31.98
C LEU B 185 -19.96 -8.30 -32.62
N HIS B 186 -19.74 -9.54 -33.04
CA HIS B 186 -18.44 -9.95 -33.53
C HIS B 186 -18.10 -9.40 -34.91
N SER B 187 -19.07 -8.75 -35.57
CA SER B 187 -18.87 -8.21 -36.92
C SER B 187 -20.04 -7.34 -37.34
N GLY B 188 -19.85 -6.60 -38.44
CA GLY B 188 -20.89 -5.77 -39.01
C GLY B 188 -21.17 -4.51 -38.24
N LYS B 189 -22.25 -3.82 -38.62
CA LYS B 189 -22.54 -2.48 -38.13
C LYS B 189 -22.73 -2.39 -36.61
N MET B 190 -22.99 -3.52 -35.97
CA MET B 190 -23.21 -3.54 -34.52
C MET B 190 -21.91 -3.34 -33.73
N LYS B 191 -21.57 -2.07 -33.51
CA LYS B 191 -20.34 -1.66 -32.83
C LYS B 191 -20.69 -0.87 -31.56
N VAL B 192 -20.77 -1.56 -30.43
CA VAL B 192 -21.21 -0.95 -29.19
C VAL B 192 -20.00 -0.47 -28.39
N PRO B 193 -19.88 0.85 -28.20
CA PRO B 193 -18.82 1.39 -27.35
C PRO B 193 -18.84 0.77 -25.95
N GLY B 194 -17.67 0.46 -25.42
CA GLY B 194 -17.54 -0.19 -24.11
C GLY B 194 -17.51 -1.70 -24.26
N THR B 195 -17.25 -2.16 -25.47
CA THR B 195 -17.45 -3.55 -25.84
C THR B 195 -16.31 -4.13 -26.71
N SER B 196 -15.27 -3.33 -26.92
CA SER B 196 -14.27 -3.64 -27.92
C SER B 196 -13.53 -4.95 -27.70
N VAL B 197 -13.27 -5.30 -26.45
CA VAL B 197 -12.48 -6.49 -26.19
C VAL B 197 -13.39 -7.71 -26.19
N TYR B 198 -14.61 -7.52 -25.68
CA TYR B 198 -15.67 -8.53 -25.76
C TYR B 198 -15.91 -8.94 -27.21
N SER B 199 -16.16 -7.93 -28.05
CA SER B 199 -16.45 -8.13 -29.46
C SER B 199 -15.30 -8.86 -30.12
N ALA B 200 -14.09 -8.46 -29.76
CA ALA B 200 -12.88 -9.03 -30.33
C ALA B 200 -12.72 -10.50 -29.94
N SER B 201 -13.07 -10.83 -28.70
CA SER B 201 -12.99 -12.19 -28.21
C SER B 201 -13.99 -13.07 -28.96
N LYS B 202 -15.18 -12.51 -29.22
CA LYS B 202 -16.20 -13.20 -29.99
C LYS B 202 -15.76 -13.39 -31.43
N ALA B 203 -15.13 -12.38 -32.01
CA ALA B 203 -14.68 -12.50 -33.39
C ALA B 203 -13.64 -13.58 -33.44
N ALA B 204 -12.76 -13.59 -32.45
CA ALA B 204 -11.67 -14.54 -32.36
C ALA B 204 -12.18 -15.97 -32.23
N LEU B 205 -13.23 -16.17 -31.44
CA LEU B 205 -13.79 -17.48 -31.24
C LEU B 205 -14.47 -18.00 -32.51
N SER B 206 -15.13 -17.09 -33.23
CA SER B 206 -15.80 -17.43 -34.48
C SER B 206 -14.81 -17.84 -35.55
N ARG B 207 -13.76 -17.03 -35.74
CA ARG B 207 -12.86 -17.25 -36.86
C ARG B 207 -12.08 -18.52 -36.62
N PHE B 208 -11.73 -18.74 -35.36
CA PHE B 208 -11.05 -19.94 -34.93
C PHE B 208 -11.89 -21.17 -35.27
N THR B 209 -13.18 -21.11 -34.94
CA THR B 209 -14.07 -22.25 -35.15
C THR B 209 -14.13 -22.54 -36.66
N GLU B 210 -14.17 -21.50 -37.47
CA GLU B 210 -14.29 -21.75 -38.91
C GLU B 210 -13.00 -22.21 -39.59
N VAL B 211 -11.85 -21.81 -39.07
CA VAL B 211 -10.60 -22.39 -39.57
C VAL B 211 -10.46 -23.83 -39.07
N LEU B 212 -10.92 -24.07 -37.84
CA LEU B 212 -10.97 -25.41 -37.27
C LEU B 212 -11.85 -26.38 -38.08
N ALA B 213 -13.05 -25.95 -38.44
CA ALA B 213 -13.94 -26.76 -39.27
C ALA B 213 -13.19 -27.30 -40.49
N ALA B 214 -12.41 -26.44 -41.15
CA ALA B 214 -11.63 -26.84 -42.32
C ALA B 214 -10.65 -27.95 -41.99
N GLU B 215 -9.96 -27.85 -40.86
CA GLU B 215 -9.02 -28.91 -40.45
C GLU B 215 -9.76 -30.19 -40.08
N MET B 216 -11.00 -30.04 -39.63
CA MET B 216 -11.76 -31.17 -39.11
C MET B 216 -12.54 -31.96 -40.16
N GLU B 217 -12.68 -31.39 -41.35
CA GLU B 217 -13.46 -32.03 -42.43
C GLU B 217 -13.02 -33.47 -42.75
N PRO B 218 -11.71 -33.73 -42.79
CA PRO B 218 -11.31 -35.14 -43.01
C PRO B 218 -11.49 -36.05 -41.79
N ARG B 219 -12.09 -35.55 -40.72
CA ARG B 219 -12.18 -36.35 -39.48
C ARG B 219 -13.61 -36.64 -39.01
N ASN B 220 -14.61 -36.09 -39.69
CA ASN B 220 -16.01 -36.32 -39.33
C ASN B 220 -16.47 -35.68 -38.01
N ILE B 221 -15.68 -34.73 -37.50
CA ILE B 221 -16.08 -33.92 -36.37
C ILE B 221 -16.69 -32.61 -36.86
N ARG B 222 -17.87 -32.27 -36.34
CA ARG B 222 -18.56 -31.04 -36.71
C ARG B 222 -18.19 -29.86 -35.81
N CYS B 223 -17.94 -28.70 -36.42
CA CYS B 223 -17.53 -27.50 -35.72
C CYS B 223 -18.41 -26.33 -36.10
N PHE B 224 -19.24 -25.91 -35.15
CA PHE B 224 -20.23 -24.89 -35.43
C PHE B 224 -19.99 -23.67 -34.58
N THR B 225 -20.38 -22.53 -35.14
CA THR B 225 -20.36 -21.30 -34.41
C THR B 225 -21.69 -20.56 -34.64
N ILE B 226 -22.42 -20.35 -33.55
CA ILE B 226 -23.64 -19.54 -33.57
C ILE B 226 -23.24 -18.13 -33.16
N SER B 227 -24.04 -17.13 -33.55
CA SER B 227 -23.84 -15.79 -33.02
C SER B 227 -25.18 -15.08 -32.77
N PRO B 228 -25.72 -15.24 -31.56
CA PRO B 228 -27.00 -14.62 -31.20
C PRO B 228 -26.94 -13.11 -31.15
N GLY B 229 -28.10 -12.47 -31.25
CA GLY B 229 -28.22 -11.05 -30.99
C GLY B 229 -28.08 -10.79 -29.51
N LEU B 230 -28.34 -9.57 -29.11
CA LEU B 230 -28.23 -9.18 -27.72
C LEU B 230 -29.18 -9.97 -26.84
N VAL B 231 -28.69 -10.33 -25.67
CA VAL B 231 -29.42 -11.19 -24.78
C VAL B 231 -30.36 -10.49 -23.85
N LYS B 232 -31.50 -11.11 -23.62
CA LYS B 232 -32.63 -10.46 -22.99
C LYS B 232 -32.43 -9.86 -21.58
N GLY B 233 -31.73 -10.55 -20.69
CA GLY B 233 -31.49 -10.05 -19.36
C GLY B 233 -30.56 -8.85 -19.33
N SER B 255 -34.04 -10.72 -33.83
CA SER B 255 -33.43 -10.34 -35.11
C SER B 255 -31.98 -9.88 -34.89
N GLY B 256 -31.82 -8.80 -34.13
CA GLY B 256 -30.56 -8.41 -33.52
C GLY B 256 -30.74 -8.51 -32.02
N THR B 257 -31.68 -9.36 -31.62
CA THR B 257 -32.00 -9.62 -30.22
C THR B 257 -32.28 -11.12 -30.06
N SER B 258 -32.12 -11.63 -28.85
CA SER B 258 -32.09 -13.08 -28.65
C SER B 258 -32.44 -13.46 -27.23
N ALA B 259 -33.38 -14.39 -27.10
CA ALA B 259 -33.68 -14.96 -25.79
C ALA B 259 -32.91 -16.26 -25.63
N PRO B 260 -32.46 -16.56 -24.40
CA PRO B 260 -31.79 -17.81 -24.08
C PRO B 260 -32.45 -19.06 -24.66
N ALA B 261 -33.78 -19.13 -24.58
CA ALA B 261 -34.52 -20.32 -25.03
C ALA B 261 -34.37 -20.54 -26.53
N GLU B 262 -34.30 -19.44 -27.28
CA GLU B 262 -34.04 -19.47 -28.71
C GLU B 262 -32.65 -20.02 -29.03
N ILE B 263 -31.65 -19.57 -28.28
CA ILE B 263 -30.26 -20.00 -28.49
C ILE B 263 -30.17 -21.52 -28.25
N ALA B 264 -30.86 -21.98 -27.22
CA ALA B 264 -30.95 -23.41 -26.93
C ALA B 264 -31.54 -24.21 -28.09
N GLU B 265 -32.62 -23.69 -28.69
CA GLU B 265 -33.23 -24.31 -29.87
C GLU B 265 -32.21 -24.41 -30.99
N GLU B 266 -31.62 -23.27 -31.36
CA GLU B 266 -30.61 -23.20 -32.40
C GLU B 266 -29.46 -24.21 -32.18
N VAL B 267 -29.04 -24.37 -30.93
CA VAL B 267 -28.00 -25.33 -30.59
C VAL B 267 -28.49 -26.76 -30.82
N TRP B 268 -29.66 -27.09 -30.29
CA TRP B 268 -30.20 -28.43 -30.46
C TRP B 268 -30.46 -28.77 -31.95
N SER B 269 -30.95 -27.81 -32.74
CA SER B 269 -31.13 -28.06 -34.19
C SER B 269 -29.83 -28.29 -34.95
N LEU B 270 -28.80 -27.53 -34.59
CA LEU B 270 -27.48 -27.68 -35.18
C LEU B 270 -26.99 -29.09 -34.95
N TYR B 271 -27.22 -29.56 -33.73
CA TYR B 271 -26.74 -30.84 -33.29
C TYR B 271 -27.55 -32.03 -33.81
N SER B 272 -28.87 -31.95 -33.70
CA SER B 272 -29.73 -33.10 -34.02
C SER B 272 -30.09 -33.21 -35.50
N ARG B 273 -30.13 -32.09 -36.21
CA ARG B 273 -30.33 -32.11 -37.66
C ARG B 273 -28.95 -32.17 -38.32
N THR B 274 -28.62 -33.34 -38.84
CA THR B 274 -27.26 -33.65 -39.28
C THR B 274 -27.21 -34.29 -40.67
N MET C 1 18.23 31.43 -25.15
CA MET C 1 18.61 30.23 -24.31
C MET C 1 20.09 30.19 -24.00
N HIS C 2 20.43 30.23 -22.71
CA HIS C 2 21.81 30.19 -22.27
C HIS C 2 22.23 28.81 -21.71
N TYR C 3 23.39 28.37 -22.15
CA TYR C 3 23.93 27.06 -21.80
C TYR C 3 24.94 27.27 -20.71
N LEU C 4 24.72 26.60 -19.58
CA LEU C 4 25.52 26.82 -18.40
C LEU C 4 26.25 25.54 -18.03
N PRO C 5 27.58 25.49 -18.26
CA PRO C 5 28.38 24.27 -18.03
C PRO C 5 28.51 23.89 -16.57
N VAL C 6 28.32 22.61 -16.31
CA VAL C 6 28.54 22.13 -14.95
C VAL C 6 29.65 21.10 -14.93
N ALA C 7 30.40 21.11 -13.84
CA ALA C 7 31.48 20.19 -13.65
C ALA C 7 31.07 19.09 -12.68
N ILE C 8 31.45 17.84 -13.00
CA ILE C 8 31.29 16.75 -12.05
C ILE C 8 32.67 16.39 -11.51
N VAL C 9 32.78 16.44 -10.18
CA VAL C 9 33.99 16.11 -9.47
C VAL C 9 33.77 14.84 -8.65
N THR C 10 34.54 13.80 -8.92
CA THR C 10 34.38 12.53 -8.23
C THR C 10 35.61 12.13 -7.41
N GLY C 11 35.39 11.28 -6.41
CA GLY C 11 36.44 10.55 -5.69
C GLY C 11 37.44 11.37 -4.90
N ALA C 12 36.99 12.49 -4.37
CA ALA C 12 37.89 13.49 -3.81
C ALA C 12 38.35 13.21 -2.39
N THR C 13 39.67 13.19 -2.19
CA THR C 13 40.24 13.13 -0.84
C THR C 13 41.29 14.20 -0.53
N ARG C 14 41.47 14.44 0.77
CA ARG C 14 42.51 15.33 1.33
C ARG C 14 42.70 16.68 0.63
N GLY C 15 41.59 17.35 0.32
CA GLY C 15 41.60 18.75 -0.11
C GLY C 15 41.72 19.00 -1.60
N ILE C 16 41.99 17.95 -2.37
CA ILE C 16 42.18 18.12 -3.80
C ILE C 16 40.86 18.50 -4.49
N GLY C 17 39.78 17.79 -4.15
CA GLY C 17 38.46 18.04 -4.72
C GLY C 17 37.94 19.37 -4.26
N LYS C 18 38.12 19.67 -2.98
CA LYS C 18 37.73 20.97 -2.44
C LYS C 18 38.37 22.12 -3.24
N ALA C 19 39.69 22.04 -3.43
CA ALA C 19 40.43 23.03 -4.21
C ALA C 19 39.88 23.18 -5.62
N ILE C 20 39.59 22.05 -6.27
CA ILE C 20 39.05 22.05 -7.63
C ILE C 20 37.69 22.76 -7.68
N CYS C 21 36.79 22.40 -6.77
CA CYS C 21 35.50 23.05 -6.70
C CYS C 21 35.62 24.55 -6.47
N GLN C 22 36.53 24.96 -5.58
CA GLN C 22 36.65 26.39 -5.25
C GLN C 22 37.07 27.15 -6.49
N LYS C 23 37.97 26.55 -7.23
CA LYS C 23 38.51 27.14 -8.44
C LYS C 23 37.40 27.25 -9.47
N LEU C 24 36.79 26.11 -9.77
CA LEU C 24 35.73 26.07 -10.78
C LEU C 24 34.58 27.03 -10.48
N PHE C 25 34.20 27.13 -9.21
CA PHE C 25 33.13 28.02 -8.79
C PHE C 25 33.50 29.50 -8.96
N GLN C 26 34.71 29.85 -8.54
CA GLN C 26 35.32 31.15 -8.81
C GLN C 26 35.19 31.49 -10.30
N LYS C 27 35.37 30.50 -11.17
CA LYS C 27 35.38 30.73 -12.61
C LYS C 27 33.98 30.67 -13.19
N GLY C 28 32.99 30.43 -12.33
CA GLY C 28 31.59 30.58 -12.73
C GLY C 28 30.88 29.32 -13.19
N LEU C 29 31.48 28.15 -12.93
CA LEU C 29 30.81 26.90 -13.22
C LEU C 29 29.95 26.49 -12.04
N SER C 30 28.98 25.62 -12.29
CA SER C 30 28.30 24.87 -11.27
C SER C 30 28.98 23.50 -11.03
N CYS C 31 28.78 22.94 -9.83
CA CYS C 31 29.42 21.68 -9.48
C CYS C 31 28.46 20.64 -8.97
N ILE C 32 28.62 19.44 -9.52
CA ILE C 32 28.04 18.22 -8.96
C ILE C 32 29.15 17.40 -8.29
N ILE C 33 29.08 17.30 -6.98
CA ILE C 33 30.04 16.50 -6.23
C ILE C 33 29.55 15.07 -5.92
N LEU C 34 30.37 14.09 -6.30
CA LEU C 34 30.15 12.68 -6.01
C LEU C 34 31.20 12.21 -5.03
N GLY C 35 30.77 11.88 -3.81
CA GLY C 35 31.68 11.34 -2.80
C GLY C 35 31.12 10.10 -2.13
N SER C 36 32.00 9.36 -1.45
CA SER C 36 31.60 8.09 -0.84
C SER C 36 30.72 8.22 0.42
N THR C 37 31.04 9.18 1.29
CA THR C 37 30.22 9.39 2.48
C THR C 37 29.71 10.83 2.57
N LYS C 38 28.62 11.02 3.32
CA LYS C 38 28.12 12.36 3.64
C LYS C 38 29.20 13.21 4.31
N GLU C 39 30.13 12.55 5.00
CA GLU C 39 31.22 13.26 5.68
C GLU C 39 32.29 13.68 4.69
N SER C 40 32.49 12.86 3.66
CA SER C 40 33.49 13.12 2.63
C SER C 40 33.09 14.28 1.74
N ILE C 41 31.84 14.25 1.27
CA ILE C 41 31.34 15.27 0.32
C ILE C 41 31.22 16.66 0.93
N GLU C 42 31.01 16.72 2.25
CA GLU C 42 30.94 18.00 2.96
C GLU C 42 32.32 18.66 3.02
N ARG C 43 33.36 17.84 3.09
CA ARG C 43 34.74 18.34 3.11
C ARG C 43 35.15 18.85 1.72
N THR C 44 34.56 18.26 0.67
CA THR C 44 34.84 18.63 -0.69
C THR C 44 34.03 19.83 -1.16
N ALA C 45 32.80 19.94 -0.66
CA ALA C 45 31.90 21.05 -1.00
C ALA C 45 32.54 22.41 -0.70
N ILE C 46 32.14 23.45 -1.42
CA ILE C 46 32.70 24.79 -1.19
C ILE C 46 32.11 25.42 0.06
N ASP C 47 32.87 26.32 0.69
CA ASP C 47 32.44 27.00 1.92
C ASP C 47 31.25 27.96 1.69
N ARG C 48 30.48 28.19 2.75
CA ARG C 48 29.30 29.08 2.78
C ARG C 48 29.58 30.47 2.18
N GLY C 49 30.69 31.10 2.57
CA GLY C 49 31.08 32.44 2.10
C GLY C 49 31.23 32.56 0.58
N GLN C 50 31.90 31.58 -0.04
CA GLN C 50 32.02 31.52 -1.49
C GLN C 50 30.66 31.26 -2.14
N LEU C 51 29.83 30.45 -1.48
CA LEU C 51 28.50 30.14 -2.01
C LEU C 51 27.61 31.39 -1.93
N GLN C 52 27.80 32.22 -0.89
CA GLN C 52 27.00 33.44 -0.73
C GLN C 52 27.31 34.50 -1.80
N SER C 53 28.49 34.40 -2.40
CA SER C 53 28.89 35.37 -3.40
C SER C 53 28.86 34.83 -4.83
N GLY C 54 28.16 33.71 -5.04
CA GLY C 54 28.11 33.14 -6.37
C GLY C 54 27.13 33.93 -7.20
N LEU C 55 27.38 34.01 -8.50
CA LEU C 55 26.44 34.59 -9.43
C LEU C 55 25.12 33.86 -9.26
N SER C 56 24.02 34.53 -9.56
CA SER C 56 22.70 33.99 -9.23
C SER C 56 22.36 32.67 -9.93
N TYR C 57 23.02 32.34 -11.02
CA TYR C 57 22.68 31.10 -11.74
C TYR C 57 23.48 29.90 -11.26
N GLN C 58 24.50 30.16 -10.47
CA GLN C 58 25.41 29.12 -10.04
C GLN C 58 24.76 28.18 -9.01
N ARG C 59 25.11 26.91 -9.11
CA ARG C 59 24.50 25.84 -8.32
C ARG C 59 25.62 24.95 -7.78
N GLN C 60 25.36 24.34 -6.63
CA GLN C 60 26.17 23.23 -6.14
C GLN C 60 25.30 22.16 -5.50
N CYS C 61 25.53 20.91 -5.87
CA CYS C 61 24.94 19.80 -5.14
C CYS C 61 25.95 18.68 -4.90
N ALA C 62 25.68 17.88 -3.87
CA ALA C 62 26.54 16.75 -3.54
C ALA C 62 25.74 15.45 -3.48
N ILE C 63 26.31 14.38 -4.00
CA ILE C 63 25.65 13.08 -4.00
C ILE C 63 26.59 12.00 -3.44
N ALA C 64 26.09 11.23 -2.47
CA ALA C 64 26.85 10.12 -1.88
C ALA C 64 26.72 8.89 -2.75
N ILE C 65 27.86 8.44 -3.27
CA ILE C 65 27.96 7.22 -4.05
C ILE C 65 29.09 6.45 -3.39
N ASP C 66 28.91 5.16 -3.18
CA ASP C 66 30.00 4.36 -2.64
C ASP C 66 30.73 3.65 -3.77
N PHE C 67 31.84 4.25 -4.22
CA PHE C 67 32.64 3.69 -5.31
C PHE C 67 33.33 2.37 -4.96
N LYS C 68 33.67 2.19 -3.68
CA LYS C 68 34.11 0.90 -3.16
C LYS C 68 33.20 -0.26 -3.58
N LYS C 69 31.92 0.02 -3.76
CA LYS C 69 30.95 -1.02 -4.10
C LYS C 69 30.67 -1.14 -5.61
N TRP C 70 31.56 -0.61 -6.45
CA TRP C 70 31.46 -0.81 -7.89
C TRP C 70 31.35 -2.31 -8.18
N PRO C 71 30.50 -2.72 -9.15
CA PRO C 71 29.65 -1.90 -10.00
C PRO C 71 28.21 -1.87 -9.53
N HIS C 72 28.01 -1.98 -8.22
CA HIS C 72 26.66 -2.04 -7.67
C HIS C 72 25.98 -0.68 -7.63
N TRP C 73 26.77 0.39 -7.47
CA TRP C 73 26.24 1.75 -7.49
C TRP C 73 25.58 2.12 -8.82
N LEU C 74 25.94 1.42 -9.90
CA LEU C 74 25.33 1.63 -11.21
C LEU C 74 23.84 1.26 -11.20
N ASP C 75 23.44 0.39 -10.27
CA ASP C 75 22.12 -0.25 -10.31
C ASP C 75 21.11 0.36 -9.34
N TYR C 76 21.52 1.41 -8.63
CA TYR C 76 20.57 2.16 -7.81
C TYR C 76 19.67 2.97 -8.74
N GLU C 77 18.39 3.12 -8.37
CA GLU C 77 17.45 3.88 -9.20
C GLU C 77 17.22 5.29 -8.64
N SER C 78 17.60 5.49 -7.38
CA SER C 78 17.64 6.81 -6.75
C SER C 78 18.99 7.02 -6.06
N TYR C 79 19.45 8.27 -5.99
CA TYR C 79 20.62 8.62 -5.20
C TYR C 79 20.25 9.75 -4.26
N ASP C 80 20.65 9.63 -3.00
CA ASP C 80 20.42 10.68 -2.03
C ASP C 80 21.51 11.73 -2.13
N GLY C 81 21.13 12.99 -2.03
CA GLY C 81 22.08 14.07 -2.06
C GLY C 81 21.72 15.32 -1.27
N ILE C 82 22.55 16.34 -1.44
CA ILE C 82 22.39 17.61 -0.78
C ILE C 82 22.37 18.70 -1.84
N GLU C 83 21.34 19.55 -1.76
CA GLU C 83 21.24 20.73 -2.62
C GLU C 83 21.64 21.93 -1.78
N TYR C 84 22.58 22.73 -2.29
CA TYR C 84 23.12 23.91 -1.62
C TYR C 84 22.50 25.21 -2.13
N PHE C 85 22.55 26.26 -1.29
CA PHE C 85 21.90 27.52 -1.63
C PHE C 85 22.78 28.72 -1.34
N LYS C 86 22.52 29.83 -2.05
CA LYS C 86 23.22 31.09 -1.81
C LYS C 86 22.91 31.61 -0.41
N ASP C 87 21.64 31.53 -0.02
CA ASP C 87 21.11 32.28 1.12
C ASP C 87 20.52 31.45 2.29
N ARG C 88 20.57 30.12 2.18
CA ARG C 88 19.95 29.22 3.17
C ARG C 88 20.82 27.99 3.40
N PRO C 89 20.55 27.24 4.48
CA PRO C 89 21.26 25.97 4.68
C PRO C 89 20.75 24.89 3.73
N PRO C 90 21.57 23.86 3.47
CA PRO C 90 21.28 22.89 2.41
C PRO C 90 20.04 22.04 2.67
N LEU C 91 19.39 21.59 1.59
CA LEU C 91 18.23 20.71 1.70
C LEU C 91 18.51 19.36 1.06
N LYS C 92 18.24 18.29 1.81
CA LYS C 92 18.37 16.93 1.31
C LYS C 92 17.51 16.74 0.06
N GLN C 93 18.02 15.98 -0.89
CA GLN C 93 17.40 15.89 -2.20
C GLN C 93 17.74 14.52 -2.78
N LYS C 94 16.88 14.01 -3.66
CA LYS C 94 17.13 12.73 -4.32
C LYS C 94 17.09 12.87 -5.84
N TYR C 95 17.99 12.17 -6.52
CA TYR C 95 18.18 12.33 -7.96
C TYR C 95 18.09 10.97 -8.68
N SER C 96 17.38 10.97 -9.82
CA SER C 96 17.19 9.73 -10.58
C SER C 96 18.51 9.19 -11.12
N THR C 97 19.41 10.10 -11.48
CA THR C 97 20.72 9.75 -12.04
C THR C 97 21.69 10.82 -11.64
N LEU C 98 22.88 10.75 -12.23
CA LEU C 98 23.96 11.65 -11.84
C LEU C 98 23.96 12.97 -12.64
N PHE C 99 23.17 13.02 -13.69
CA PHE C 99 23.01 14.20 -14.54
C PHE C 99 21.69 14.88 -14.25
N ASP C 100 20.91 14.27 -13.39
CA ASP C 100 19.60 14.76 -13.08
C ASP C 100 19.59 16.18 -12.43
N PRO C 101 20.67 16.58 -11.72
CA PRO C 101 20.65 17.98 -11.24
C PRO C 101 20.50 19.02 -12.36
N CYS C 102 21.20 18.82 -13.47
CA CYS C 102 21.14 19.74 -14.60
C CYS C 102 19.73 20.00 -15.07
N ASN C 103 18.97 18.93 -15.27
CA ASN C 103 17.55 19.05 -15.60
C ASN C 103 16.76 19.80 -14.54
N LYS C 104 16.98 19.46 -13.27
CA LYS C 104 16.23 20.08 -12.17
C LYS C 104 16.57 21.54 -11.97
N TRP C 105 17.76 21.92 -12.44
CA TRP C 105 18.19 23.30 -12.36
C TRP C 105 17.64 24.13 -13.53
N SER C 106 17.39 23.53 -14.66
CA SER C 106 16.97 24.26 -15.83
C SER C 106 15.57 24.83 -15.94
N ASN C 107 15.45 25.82 -16.80
CA ASN C 107 14.25 26.57 -17.05
C ASN C 107 14.22 26.96 -18.49
N ASN C 108 13.29 27.79 -18.89
CA ASN C 108 13.13 28.21 -20.28
C ASN C 108 14.27 28.99 -20.91
N GLU C 109 15.08 29.61 -20.08
CA GLU C 109 16.15 30.51 -20.51
C GLU C 109 17.52 29.93 -20.17
N ARG C 110 17.56 28.96 -19.25
CA ARG C 110 18.80 28.47 -18.69
C ARG C 110 18.89 26.96 -18.78
N ARG C 111 19.86 26.47 -19.55
CA ARG C 111 20.05 25.06 -19.72
C ARG C 111 21.39 24.64 -19.16
N TYR C 112 21.36 23.99 -17.98
CA TYR C 112 22.54 23.40 -17.40
C TYR C 112 22.85 22.07 -18.07
N TYR C 113 24.13 21.78 -18.24
CA TYR C 113 24.53 20.59 -18.92
C TYR C 113 25.95 20.36 -18.49
N VAL C 114 26.32 19.10 -18.30
CA VAL C 114 27.67 18.70 -17.83
C VAL C 114 28.68 18.84 -18.95
N ASN C 115 29.73 19.62 -18.75
CA ASN C 115 30.71 19.83 -19.81
C ASN C 115 32.09 19.36 -19.41
N LEU C 116 32.26 19.07 -18.12
CA LEU C 116 33.56 18.78 -17.52
C LEU C 116 33.42 17.67 -16.50
N LEU C 117 34.22 16.62 -16.65
CA LEU C 117 34.30 15.58 -15.62
C LEU C 117 35.70 15.46 -15.04
N ILE C 118 35.81 15.58 -13.73
CA ILE C 118 37.07 15.33 -13.04
C ILE C 118 36.94 14.11 -12.15
N ASN C 119 37.74 13.09 -12.46
CA ASN C 119 37.87 11.94 -11.59
C ASN C 119 39.15 12.04 -10.78
N CYS C 120 39.02 12.35 -9.52
CA CYS C 120 40.12 12.46 -8.60
C CYS C 120 40.89 11.22 -8.24
N ALA C 121 40.23 10.07 -8.17
CA ALA C 121 40.91 8.81 -7.94
C ALA C 121 41.82 8.81 -6.74
N GLY C 122 41.28 9.16 -5.60
CA GLY C 122 42.06 9.45 -4.43
C GLY C 122 42.22 8.51 -3.26
N LEU C 123 41.83 7.27 -3.40
CA LEU C 123 42.04 6.32 -2.30
C LEU C 123 43.52 5.91 -2.32
N THR C 124 44.23 6.23 -1.25
CA THR C 124 45.66 5.91 -1.10
C THR C 124 45.91 4.52 -0.49
N GLN C 125 47.15 4.06 -0.60
CA GLN C 125 47.62 2.79 -0.03
C GLN C 125 48.90 3.04 0.76
N GLU C 126 48.97 2.52 1.97
CA GLU C 126 50.16 2.65 2.81
C GLU C 126 50.57 1.29 3.38
N SER C 127 50.66 0.28 2.53
CA SER C 127 51.08 -1.04 3.00
C SER C 127 51.76 -1.88 1.91
N LEU C 128 52.81 -2.57 2.34
CA LEU C 128 53.58 -3.50 1.51
C LEU C 128 52.66 -4.46 0.80
N SER C 129 52.92 -4.73 -0.47
CA SER C 129 52.06 -5.60 -1.30
C SER C 129 51.77 -6.94 -0.63
N VAL C 130 52.79 -7.51 -0.02
CA VAL C 130 52.68 -8.84 0.55
C VAL C 130 51.85 -8.84 1.85
N ARG C 131 51.64 -7.65 2.42
CA ARG C 131 50.74 -7.48 3.55
C ARG C 131 49.46 -6.69 3.22
N THR C 132 48.99 -6.75 1.97
CA THR C 132 47.73 -6.08 1.65
C THR C 132 46.67 -7.11 1.27
N THR C 133 45.45 -6.93 1.78
CA THR C 133 44.37 -7.90 1.57
C THR C 133 43.71 -7.76 0.21
N ALA C 134 42.99 -8.81 -0.18
CA ALA C 134 42.12 -8.74 -1.35
C ALA C 134 41.12 -7.59 -1.21
N SER C 135 40.80 -7.25 0.02
CA SER C 135 39.77 -6.31 0.31
C SER C 135 40.26 -4.89 0.00
N GLN C 136 41.45 -4.58 0.51
CA GLN C 136 42.11 -3.32 0.23
C GLN C 136 42.41 -3.16 -1.26
N ILE C 137 42.82 -4.24 -1.94
CA ILE C 137 43.05 -4.19 -3.40
C ILE C 137 41.75 -3.90 -4.14
N GLN C 138 40.66 -4.55 -3.75
CA GLN C 138 39.35 -4.30 -4.37
C GLN C 138 39.00 -2.83 -4.20
N ASP C 139 39.18 -2.34 -2.98
CA ASP C 139 38.83 -0.97 -2.68
C ASP C 139 39.60 0.01 -3.56
N ILE C 140 40.92 -0.18 -3.70
CA ILE C 140 41.79 0.79 -4.38
C ILE C 140 41.43 0.87 -5.85
N MET C 141 41.20 -0.29 -6.46
CA MET C 141 40.87 -0.35 -7.87
C MET C 141 39.46 0.14 -8.14
N ASN C 142 38.55 -0.12 -7.21
CA ASN C 142 37.14 0.25 -7.41
C ASN C 142 36.97 1.74 -7.38
N VAL C 143 37.66 2.38 -6.42
CA VAL C 143 37.64 3.80 -6.28
C VAL C 143 38.50 4.53 -7.32
N ASN C 144 39.72 4.03 -7.54
CA ASN C 144 40.69 4.77 -8.37
C ASN C 144 40.68 4.42 -9.82
N PHE C 145 39.96 3.37 -10.21
CA PHE C 145 39.98 2.95 -11.61
C PHE C 145 38.61 2.58 -12.17
N MET C 146 38.06 1.49 -11.66
CA MET C 146 36.78 0.95 -12.16
C MET C 146 35.67 2.00 -12.13
N SER C 147 35.41 2.60 -10.97
CA SER C 147 34.38 3.62 -10.91
C SER C 147 34.65 4.81 -11.86
N PRO C 148 35.90 5.37 -11.86
CA PRO C 148 36.25 6.39 -12.86
C PRO C 148 35.97 5.99 -14.31
N VAL C 149 36.23 4.74 -14.67
CA VAL C 149 36.05 4.28 -16.05
C VAL C 149 34.57 4.33 -16.44
N THR C 150 33.72 3.91 -15.51
CA THR C 150 32.26 3.93 -15.67
C THR C 150 31.76 5.36 -15.75
N MET C 151 32.09 6.13 -14.71
CA MET C 151 31.95 7.59 -14.69
C MET C 151 32.28 8.20 -16.03
N THR C 152 33.39 7.78 -16.63
CA THR C 152 33.86 8.35 -17.88
C THR C 152 32.98 7.94 -19.07
N ASN C 153 32.57 6.68 -19.14
CA ASN C 153 31.73 6.23 -20.27
C ASN C 153 30.32 6.82 -20.21
N ILE C 154 29.80 6.97 -19.00
CA ILE C 154 28.50 7.56 -18.78
C ILE C 154 28.48 9.03 -19.19
N CYS C 155 29.52 9.77 -18.84
CA CYS C 155 29.67 11.17 -19.25
C CYS C 155 29.82 11.34 -20.74
N ILE C 156 30.68 10.53 -21.33
CA ILE C 156 30.90 10.60 -22.77
C ILE C 156 29.63 10.28 -23.55
N LYS C 157 28.84 9.30 -23.10
CA LYS C 157 27.58 9.02 -23.78
C LYS C 157 26.73 10.27 -23.68
N TYR C 158 26.54 10.75 -22.45
CA TYR C 158 25.80 11.97 -22.21
C TYR C 158 26.27 13.17 -23.07
N MET C 159 27.58 13.33 -23.24
CA MET C 159 28.13 14.47 -23.95
C MET C 159 27.83 14.42 -25.45
N MET C 160 27.73 13.20 -25.97
CA MET C 160 27.48 12.99 -27.41
C MET C 160 26.00 13.22 -27.70
N LYS C 161 25.16 12.78 -26.78
CA LYS C 161 23.71 12.94 -26.92
C LYS C 161 23.38 14.42 -26.89
N SER C 162 23.90 15.10 -25.88
CA SER C 162 23.59 16.51 -25.71
C SER C 162 24.14 17.46 -26.82
N GLN C 163 25.21 17.05 -27.50
CA GLN C 163 25.67 17.78 -28.70
C GLN C 163 24.59 17.72 -29.79
N ARG C 164 24.01 16.54 -30.00
CA ARG C 164 22.92 16.41 -30.95
C ARG C 164 21.64 17.09 -30.44
N ARG C 165 21.40 17.02 -29.15
CA ARG C 165 20.17 17.53 -28.58
C ARG C 165 20.09 19.06 -28.59
N TRP C 166 21.20 19.70 -28.28
CA TRP C 166 21.25 21.14 -28.25
C TRP C 166 22.35 21.59 -29.23
N PRO C 167 22.00 21.69 -30.52
CA PRO C 167 22.93 21.95 -31.62
C PRO C 167 23.85 23.17 -31.40
N GLU C 168 23.36 24.15 -30.64
CA GLU C 168 24.12 25.36 -30.33
C GLU C 168 25.33 25.13 -29.43
N LEU C 169 25.46 23.94 -28.85
CA LEU C 169 26.65 23.65 -28.05
C LEU C 169 27.98 23.64 -28.85
N SER C 170 27.87 23.69 -30.19
CA SER C 170 29.04 23.92 -31.05
C SER C 170 29.86 25.12 -30.58
N GLY C 171 29.18 26.01 -29.85
CA GLY C 171 29.77 26.86 -28.82
C GLY C 171 30.93 27.74 -29.19
N GLN C 172 31.83 28.02 -28.26
CA GLN C 172 31.93 27.42 -26.91
C GLN C 172 33.21 26.58 -26.87
N ALA C 174 34.90 26.27 -24.64
CA ALA C 174 35.27 24.97 -24.01
C ALA C 174 34.53 23.73 -24.55
N ARG C 175 35.25 22.90 -25.30
CA ARG C 175 34.72 21.60 -25.75
C ARG C 175 34.57 20.63 -24.54
N PRO C 176 33.65 19.65 -24.62
CA PRO C 176 33.47 18.76 -23.45
C PRO C 176 34.76 18.04 -23.05
N THR C 177 34.98 17.90 -21.75
CA THR C 177 36.28 17.54 -21.24
C THR C 177 36.21 16.54 -20.10
N ILE C 178 37.04 15.50 -20.21
CA ILE C 178 37.27 14.54 -19.14
C ILE C 178 38.70 14.72 -18.69
N VAL C 179 38.90 15.09 -17.43
CA VAL C 179 40.25 15.05 -16.89
C VAL C 179 40.36 14.02 -15.77
N ASN C 180 41.33 13.14 -15.91
CA ASN C 180 41.54 12.10 -14.95
C ASN C 180 42.81 12.35 -14.25
N ILE C 181 42.82 12.20 -12.94
CA ILE C 181 44.00 12.50 -12.17
C ILE C 181 44.80 11.30 -11.74
N SER C 182 46.01 11.27 -12.23
CA SER C 182 47.07 10.32 -12.02
C SER C 182 47.99 10.75 -10.93
N SER C 183 49.15 10.15 -10.90
CA SER C 183 50.16 10.56 -9.96
C SER C 183 51.53 10.45 -10.55
N ILE C 184 52.46 11.26 -10.06
CA ILE C 184 53.88 11.07 -10.36
C ILE C 184 54.32 9.62 -10.14
N LEU C 185 53.70 8.96 -9.17
CA LEU C 185 53.93 7.54 -8.86
C LEU C 185 53.42 6.55 -9.92
N HIS C 186 52.72 7.00 -10.94
CA HIS C 186 52.18 6.06 -11.92
C HIS C 186 53.25 5.52 -12.87
N SER C 187 54.40 6.19 -12.89
CA SER C 187 55.48 5.86 -13.81
C SER C 187 56.79 6.45 -13.34
N GLY C 188 57.88 6.02 -14.00
CA GLY C 188 59.21 6.53 -13.74
C GLY C 188 59.84 6.07 -12.45
N LYS C 189 60.83 6.84 -12.01
CA LYS C 189 61.79 6.39 -11.00
C LYS C 189 61.22 6.46 -9.59
N MET C 190 60.09 7.17 -9.46
CA MET C 190 59.42 7.31 -8.18
C MET C 190 58.65 6.05 -7.82
N LYS C 191 59.36 5.08 -7.24
CA LYS C 191 58.77 3.84 -6.80
C LYS C 191 58.74 3.76 -5.29
N VAL C 192 57.61 4.12 -4.69
CA VAL C 192 57.53 4.16 -3.25
C VAL C 192 56.99 2.82 -2.71
N PRO C 193 57.73 2.20 -1.76
CA PRO C 193 57.27 1.00 -1.07
C PRO C 193 55.98 1.29 -0.32
N GLY C 194 55.04 0.36 -0.37
CA GLY C 194 53.76 0.51 0.33
C GLY C 194 52.71 1.09 -0.57
N THR C 195 53.06 1.19 -1.84
CA THR C 195 52.33 1.97 -2.82
C THR C 195 52.02 1.20 -4.11
N SER C 196 52.36 -0.07 -4.11
CA SER C 196 52.21 -0.97 -5.26
C SER C 196 50.87 -0.92 -6.01
N VAL C 197 49.77 -0.96 -5.28
CA VAL C 197 48.48 -1.04 -5.94
C VAL C 197 47.92 0.36 -6.20
N TYR C 198 48.26 1.31 -5.34
CA TYR C 198 47.93 2.69 -5.61
C TYR C 198 48.59 3.12 -6.92
N SER C 199 49.90 2.98 -7.01
CA SER C 199 50.64 3.28 -8.23
C SER C 199 50.01 2.65 -9.48
N ALA C 200 49.70 1.36 -9.36
CA ALA C 200 49.08 0.60 -10.45
C ALA C 200 47.70 1.09 -10.88
N SER C 201 46.88 1.54 -9.92
CA SER C 201 45.56 2.11 -10.22
C SER C 201 45.74 3.37 -11.06
N LYS C 202 46.65 4.22 -10.61
CA LYS C 202 47.08 5.40 -11.34
C LYS C 202 47.63 5.13 -12.75
N ALA C 203 48.45 4.09 -12.91
CA ALA C 203 48.99 3.77 -14.24
C ALA C 203 47.88 3.32 -15.12
N ALA C 204 46.93 2.58 -14.55
CA ALA C 204 45.77 2.07 -15.28
C ALA C 204 44.93 3.23 -15.77
N LEU C 205 44.59 4.12 -14.84
CA LEU C 205 43.86 5.35 -15.19
C LEU C 205 44.57 6.15 -16.28
N SER C 206 45.89 6.32 -16.17
CA SER C 206 46.64 7.10 -17.18
C SER C 206 46.52 6.52 -18.58
N ARG C 207 46.79 5.22 -18.69
CA ARG C 207 46.88 4.63 -20.00
C ARG C 207 45.48 4.50 -20.60
N PHE C 208 44.51 4.16 -19.75
CA PHE C 208 43.13 4.16 -20.17
C PHE C 208 42.74 5.48 -20.83
N THR C 209 43.07 6.60 -20.15
CA THR C 209 42.73 7.93 -20.67
C THR C 209 43.40 8.19 -22.05
N GLU C 210 44.66 7.79 -22.18
CA GLU C 210 45.42 8.00 -23.40
C GLU C 210 44.87 7.22 -24.58
N VAL C 211 44.55 5.95 -24.36
CA VAL C 211 43.98 5.13 -25.43
C VAL C 211 42.58 5.62 -25.78
N LEU C 212 41.84 6.10 -24.78
CA LEU C 212 40.52 6.71 -24.96
C LEU C 212 40.61 7.98 -25.81
N ALA C 213 41.58 8.84 -25.52
CA ALA C 213 41.77 10.10 -26.27
C ALA C 213 41.78 9.86 -27.79
N ALA C 214 42.43 8.75 -28.20
CA ALA C 214 42.52 8.31 -29.59
C ALA C 214 41.18 7.78 -30.14
N GLU C 215 40.33 7.25 -29.26
CA GLU C 215 38.97 6.87 -29.65
C GLU C 215 38.08 8.13 -29.78
N MET C 216 38.38 9.16 -28.99
CA MET C 216 37.61 10.39 -29.02
C MET C 216 38.15 11.40 -30.05
N GLU C 217 39.12 10.96 -30.85
CA GLU C 217 39.78 11.84 -31.84
C GLU C 217 38.79 12.46 -32.81
N PRO C 218 37.97 11.62 -33.50
CA PRO C 218 36.93 12.13 -34.40
C PRO C 218 35.67 12.70 -33.72
N ARG C 219 35.59 12.68 -32.40
CA ARG C 219 34.36 13.14 -31.72
C ARG C 219 34.46 14.51 -31.00
N ASN C 220 35.65 15.11 -31.03
CA ASN C 220 35.85 16.41 -30.38
C ASN C 220 35.51 16.48 -28.87
N ILE C 221 35.50 15.32 -28.21
CA ILE C 221 35.57 15.27 -26.74
C ILE C 221 37.04 15.23 -26.33
N ARG C 222 37.41 16.02 -25.33
CA ARG C 222 38.79 16.09 -24.90
C ARG C 222 39.01 15.24 -23.64
N CYS C 223 40.11 14.50 -23.66
CA CYS C 223 40.44 13.53 -22.63
C CYS C 223 41.84 13.76 -22.14
N PHE C 224 41.93 14.29 -20.94
CA PHE C 224 43.19 14.67 -20.35
C PHE C 224 43.46 13.85 -19.12
N THR C 225 44.73 13.59 -18.94
CA THR C 225 45.23 12.99 -17.74
C THR C 225 46.17 14.03 -17.14
N ILE C 226 46.18 14.12 -15.82
CA ILE C 226 47.08 15.03 -15.13
C ILE C 226 47.83 14.19 -14.08
N SER C 227 49.07 14.54 -13.81
CA SER C 227 49.92 13.66 -13.03
C SER C 227 50.72 14.42 -11.98
N PRO C 228 50.02 14.91 -10.93
CA PRO C 228 50.64 15.76 -9.93
C PRO C 228 51.70 15.05 -9.09
N GLY C 229 52.53 15.85 -8.41
CA GLY C 229 53.51 15.34 -7.46
C GLY C 229 52.87 14.78 -6.21
N LEU C 230 53.66 14.60 -5.15
CA LEU C 230 53.20 13.88 -3.97
C LEU C 230 51.82 14.36 -3.47
N VAL C 231 51.74 15.62 -3.11
CA VAL C 231 50.66 16.17 -2.24
C VAL C 231 51.15 16.34 -0.79
N SER C 255 57.60 20.03 -8.15
CA SER C 255 57.45 19.24 -9.37
C SER C 255 57.29 17.73 -9.07
N GLY C 256 58.04 17.26 -8.08
CA GLY C 256 57.82 15.92 -7.52
C GLY C 256 56.90 16.05 -6.31
N THR C 257 56.49 17.29 -6.05
CA THR C 257 55.53 17.63 -5.01
C THR C 257 54.43 18.46 -5.64
N SER C 258 53.25 18.44 -5.03
CA SER C 258 52.15 19.25 -5.51
C SER C 258 51.18 19.62 -4.38
N ALA C 259 50.57 20.78 -4.49
CA ALA C 259 49.53 21.16 -3.55
C ALA C 259 48.18 21.16 -4.25
N PRO C 260 47.10 20.90 -3.50
CA PRO C 260 45.73 20.96 -4.05
C PRO C 260 45.53 22.15 -4.99
N ALA C 261 45.94 23.34 -4.54
CA ALA C 261 45.77 24.58 -5.30
C ALA C 261 46.44 24.56 -6.67
N GLU C 262 47.63 23.98 -6.77
CA GLU C 262 48.26 23.92 -8.10
C GLU C 262 47.56 22.89 -8.97
N ILE C 263 47.04 21.82 -8.38
CA ILE C 263 46.31 20.84 -9.16
C ILE C 263 45.04 21.50 -9.74
N ALA C 264 44.36 22.30 -8.93
CA ALA C 264 43.17 23.03 -9.38
C ALA C 264 43.50 24.00 -10.54
N GLU C 265 44.54 24.81 -10.36
CA GLU C 265 45.06 25.66 -11.43
C GLU C 265 45.33 24.86 -12.70
N GLU C 266 45.90 23.66 -12.52
CA GLU C 266 46.25 22.82 -13.65
C GLU C 266 45.02 22.26 -14.34
N VAL C 267 44.01 21.89 -13.55
CA VAL C 267 42.73 21.44 -14.10
C VAL C 267 42.04 22.56 -14.90
N TRP C 268 42.01 23.77 -14.33
CA TRP C 268 41.36 24.88 -15.00
C TRP C 268 42.09 25.30 -16.27
N SER C 269 43.41 25.34 -16.20
CA SER C 269 44.24 25.66 -17.35
C SER C 269 43.97 24.71 -18.50
N LEU C 270 43.96 23.40 -18.19
CA LEU C 270 43.59 22.37 -19.16
C LEU C 270 42.18 22.55 -19.73
N TYR C 271 41.21 22.86 -18.88
CA TYR C 271 39.82 23.04 -19.33
C TYR C 271 39.60 24.29 -20.22
N SER C 272 40.31 25.38 -19.91
CA SER C 272 40.05 26.69 -20.54
C SER C 272 41.02 27.10 -21.67
N ARG C 273 42.00 26.26 -21.98
CA ARG C 273 42.89 26.48 -23.14
C ARG C 273 42.50 25.59 -24.33
N THR C 274 42.19 26.24 -25.46
CA THR C 274 41.62 25.53 -26.62
C THR C 274 42.67 24.82 -27.45
N MET D 1 -4.62 0.06 55.00
CA MET D 1 -5.07 -1.19 55.61
C MET D 1 -3.88 -2.02 56.09
N HIS D 2 -2.68 -1.45 55.96
CA HIS D 2 -2.45 -0.10 55.42
C HIS D 2 -2.41 0.05 53.90
N TYR D 3 -2.53 1.30 53.42
CA TYR D 3 -2.44 1.61 51.99
C TYR D 3 -1.35 2.61 51.67
N LEU D 4 -0.49 2.26 50.73
CA LEU D 4 0.70 3.03 50.44
C LEU D 4 0.73 3.58 49.01
N PRO D 5 0.63 4.92 48.87
CA PRO D 5 0.51 5.54 47.57
C PRO D 5 1.83 5.57 46.81
N VAL D 6 1.77 5.37 45.50
CA VAL D 6 2.96 5.40 44.67
C VAL D 6 2.74 6.29 43.45
N ALA D 7 3.82 6.94 43.02
CA ALA D 7 3.79 7.75 41.83
C ALA D 7 4.62 7.08 40.77
N ILE D 8 4.11 7.09 39.54
CA ILE D 8 4.91 6.81 38.35
C ILE D 8 5.41 8.12 37.72
N VAL D 9 6.72 8.23 37.59
CA VAL D 9 7.35 9.35 36.89
C VAL D 9 7.87 8.91 35.50
N THR D 10 7.46 9.67 34.49
CA THR D 10 7.61 9.31 33.09
C THR D 10 8.43 10.33 32.30
N GLY D 11 9.26 9.80 31.39
CA GLY D 11 9.99 10.57 30.38
C GLY D 11 10.82 11.75 30.86
N ALA D 12 11.30 11.68 32.09
CA ALA D 12 12.01 12.82 32.66
C ALA D 12 13.41 12.92 32.06
N THR D 13 13.91 14.14 31.93
CA THR D 13 15.05 14.34 31.04
C THR D 13 16.19 15.28 31.47
N ARG D 14 15.88 16.31 32.27
CA ARG D 14 16.88 17.33 32.64
C ARG D 14 16.93 17.62 34.14
N GLY D 15 16.95 16.57 34.96
CA GLY D 15 16.93 16.74 36.40
C GLY D 15 15.55 17.04 36.96
N ILE D 16 14.59 17.23 36.05
CA ILE D 16 13.18 17.45 36.41
C ILE D 16 12.52 16.25 37.12
N GLY D 17 12.75 15.05 36.60
CA GLY D 17 12.25 13.83 37.22
C GLY D 17 12.97 13.51 38.51
N LYS D 18 14.28 13.77 38.54
CA LYS D 18 15.04 13.65 39.78
C LYS D 18 14.43 14.54 40.86
N ALA D 19 14.18 15.80 40.50
CA ALA D 19 13.63 16.74 41.46
C ALA D 19 12.24 16.30 41.91
N ILE D 20 11.43 15.83 40.97
CA ILE D 20 10.09 15.36 41.28
C ILE D 20 10.17 14.17 42.23
N CYS D 21 10.98 13.18 41.88
CA CYS D 21 11.11 11.98 42.70
C CYS D 21 11.52 12.34 44.12
N GLN D 22 12.54 13.18 44.23
CA GLN D 22 13.03 13.65 45.54
C GLN D 22 11.93 14.28 46.39
N LYS D 23 11.13 15.15 45.77
CA LYS D 23 9.96 15.68 46.46
C LYS D 23 9.02 14.59 46.96
N LEU D 24 8.60 13.72 46.04
CA LEU D 24 7.66 12.66 46.41
C LEU D 24 8.26 11.75 47.47
N PHE D 25 9.56 11.55 47.42
CA PHE D 25 10.18 10.68 48.40
C PHE D 25 10.28 11.35 49.77
N GLN D 26 10.61 12.64 49.81
CA GLN D 26 10.66 13.38 51.07
C GLN D 26 9.27 13.43 51.69
N LYS D 27 8.26 13.42 50.85
CA LYS D 27 6.87 13.45 51.29
C LYS D 27 6.32 12.05 51.55
N GLY D 28 7.21 11.05 51.48
CA GLY D 28 6.86 9.68 51.89
C GLY D 28 6.18 8.77 50.88
N LEU D 29 6.35 9.08 49.58
CA LEU D 29 5.81 8.27 48.49
C LEU D 29 6.84 7.27 47.99
N SER D 30 6.36 6.27 47.26
CA SER D 30 7.21 5.36 46.53
C SER D 30 7.14 5.70 45.02
N CYS D 31 8.23 5.46 44.28
CA CYS D 31 8.25 5.75 42.82
C CYS D 31 8.55 4.58 41.90
N ILE D 32 7.84 4.59 40.77
CA ILE D 32 8.15 3.78 39.61
C ILE D 32 8.63 4.77 38.55
N ILE D 33 9.91 4.66 38.18
CA ILE D 33 10.50 5.50 37.15
C ILE D 33 10.55 4.79 35.81
N LEU D 34 9.98 5.43 34.79
CA LEU D 34 9.95 4.91 33.43
C LEU D 34 10.88 5.73 32.53
N GLY D 35 12.05 5.17 32.23
CA GLY D 35 13.02 5.84 31.38
C GLY D 35 13.13 5.17 30.03
N SER D 36 13.66 5.90 29.06
CA SER D 36 13.90 5.34 27.73
C SER D 36 15.10 4.39 27.78
N THR D 37 16.12 4.77 28.55
CA THR D 37 17.37 4.04 28.61
C THR D 37 17.82 3.83 30.05
N LYS D 38 18.70 2.85 30.25
CA LYS D 38 19.32 2.61 31.54
C LYS D 38 20.04 3.86 32.04
N GLU D 39 20.47 4.71 31.12
CA GLU D 39 21.22 5.92 31.46
C GLU D 39 20.32 7.04 32.00
N SER D 40 19.20 7.28 31.33
CA SER D 40 18.21 8.27 31.79
C SER D 40 17.63 7.88 33.15
N ILE D 41 17.23 6.62 33.29
CA ILE D 41 16.76 6.02 34.55
C ILE D 41 17.69 6.39 35.69
N GLU D 42 18.98 6.10 35.49
CA GLU D 42 19.99 6.27 36.53
C GLU D 42 20.03 7.72 36.98
N ARG D 43 19.92 8.64 36.01
CA ARG D 43 19.94 10.06 36.29
C ARG D 43 18.73 10.49 37.12
N THR D 44 17.55 9.95 36.79
CA THR D 44 16.31 10.28 37.50
C THR D 44 16.22 9.70 38.93
N ALA D 45 16.61 8.43 39.08
CA ALA D 45 16.47 7.73 40.36
C ALA D 45 17.21 8.45 41.49
N ILE D 46 16.59 8.48 42.66
CA ILE D 46 17.17 9.15 43.81
C ILE D 46 18.36 8.38 44.38
N ASP D 47 19.26 9.12 45.02
CA ASP D 47 20.52 8.58 45.56
C ASP D 47 20.31 7.69 46.78
N ARG D 48 21.32 6.88 47.08
CA ARG D 48 21.35 5.97 48.23
C ARG D 48 21.18 6.72 49.55
N GLY D 49 21.71 7.95 49.60
CA GLY D 49 21.56 8.83 50.74
C GLY D 49 20.10 9.12 51.07
N GLN D 50 19.35 9.60 50.10
CA GLN D 50 17.93 9.79 50.34
C GLN D 50 17.16 8.47 50.43
N LEU D 51 17.78 7.38 50.00
CA LEU D 51 17.18 6.05 50.13
C LEU D 51 17.22 5.58 51.59
N GLN D 52 18.44 5.52 52.14
CA GLN D 52 18.69 5.09 53.52
C GLN D 52 17.84 5.83 54.56
N SER D 53 17.60 7.12 54.34
CA SER D 53 16.86 7.93 55.30
C SER D 53 15.35 7.84 55.10
N GLY D 54 14.92 7.01 54.16
CA GLY D 54 13.50 6.87 53.85
C GLY D 54 12.80 6.04 54.89
N LEU D 55 11.50 6.29 55.08
CA LEU D 55 10.65 5.46 55.93
C LEU D 55 10.82 4.00 55.52
N SER D 56 10.68 3.11 56.49
CA SER D 56 10.90 1.67 56.32
C SER D 56 10.25 1.03 55.06
N TYR D 57 9.02 1.43 54.77
CA TYR D 57 8.25 0.78 53.73
C TYR D 57 8.41 1.45 52.37
N GLN D 58 9.27 2.46 52.30
CA GLN D 58 9.41 3.19 51.06
C GLN D 58 10.21 2.41 50.01
N ARG D 59 9.73 2.48 48.76
CA ARG D 59 10.28 1.70 47.65
C ARG D 59 10.55 2.57 46.42
N GLN D 60 11.58 2.21 45.65
CA GLN D 60 11.84 2.81 44.35
C GLN D 60 12.30 1.76 43.36
N CYS D 61 11.62 1.70 42.23
CA CYS D 61 12.17 0.99 41.08
C CYS D 61 12.20 1.83 39.80
N ALA D 62 12.96 1.33 38.83
CA ALA D 62 13.05 1.91 37.50
C ALA D 62 12.84 0.84 36.43
N ILE D 63 12.28 1.27 35.31
CA ILE D 63 11.99 0.40 34.18
C ILE D 63 12.36 1.13 32.88
N ALA D 64 13.24 0.51 32.10
CA ALA D 64 13.60 0.98 30.77
C ALA D 64 12.48 0.62 29.81
N ILE D 65 11.90 1.64 29.20
CA ILE D 65 10.89 1.45 28.17
C ILE D 65 11.07 2.56 27.12
N ASP D 66 11.22 2.16 25.86
CA ASP D 66 11.52 3.10 24.77
C ASP D 66 10.23 3.67 24.23
N PHE D 67 9.91 4.90 24.61
CA PHE D 67 8.69 5.53 24.14
C PHE D 67 8.71 5.91 22.65
N LYS D 68 9.92 5.97 22.10
CA LYS D 68 10.14 6.20 20.66
C LYS D 68 9.45 5.16 19.81
N LYS D 69 9.32 3.97 20.38
CA LYS D 69 8.78 2.83 19.66
C LYS D 69 7.28 2.61 19.91
N TRP D 70 6.60 3.61 20.48
CA TRP D 70 5.14 3.58 20.58
C TRP D 70 4.55 3.31 19.20
N PRO D 71 3.56 2.42 19.10
CA PRO D 71 2.88 1.74 20.19
C PRO D 71 3.37 0.33 20.45
N HIS D 72 4.53 -0.04 19.92
CA HIS D 72 5.03 -1.40 20.11
C HIS D 72 5.26 -1.74 21.58
N TRP D 73 5.72 -0.75 22.36
CA TRP D 73 5.97 -0.99 23.79
C TRP D 73 4.77 -1.46 24.59
N LEU D 74 3.56 -1.19 24.11
CA LEU D 74 2.33 -1.65 24.75
C LEU D 74 2.20 -3.19 24.75
N ASP D 75 2.85 -3.84 23.78
CA ASP D 75 2.62 -5.25 23.50
C ASP D 75 3.71 -6.14 24.05
N TYR D 76 4.75 -5.55 24.64
CA TYR D 76 5.83 -6.31 25.26
C TYR D 76 5.30 -7.31 26.29
N GLU D 77 6.04 -8.41 26.46
CA GLU D 77 5.62 -9.53 27.30
C GLU D 77 5.87 -9.22 28.76
N SER D 78 7.10 -8.76 29.02
CA SER D 78 7.54 -8.41 30.34
C SER D 78 8.42 -7.18 30.18
N TYR D 79 8.64 -6.45 31.27
CA TYR D 79 9.49 -5.26 31.23
C TYR D 79 10.68 -5.43 32.16
N ASP D 80 11.85 -5.05 31.67
CA ASP D 80 13.09 -5.20 32.41
C ASP D 80 13.36 -3.95 33.25
N GLY D 81 13.36 -4.14 34.56
CA GLY D 81 13.52 -3.03 35.47
C GLY D 81 14.69 -3.19 36.38
N ILE D 82 14.64 -2.45 37.49
CA ILE D 82 15.73 -2.38 38.44
C ILE D 82 15.15 -1.93 39.78
N GLU D 83 15.42 -2.73 40.80
CA GLU D 83 14.86 -2.56 42.12
C GLU D 83 15.92 -1.97 43.05
N TYR D 84 15.56 -0.90 43.74
CA TYR D 84 16.50 -0.20 44.63
C TYR D 84 16.34 -0.55 46.12
N PHE D 85 17.46 -0.56 46.84
CA PHE D 85 17.50 -0.96 48.25
C PHE D 85 18.20 0.08 49.14
N LYS D 86 17.73 0.17 50.39
CA LYS D 86 18.33 1.06 51.36
C LYS D 86 19.81 0.72 51.61
N ASP D 87 20.10 -0.58 51.67
CA ASP D 87 21.37 -1.10 52.21
C ASP D 87 22.35 -1.71 51.21
N ARG D 88 21.83 -2.26 50.12
CA ARG D 88 22.68 -2.92 49.11
C ARG D 88 22.53 -2.27 47.73
N PRO D 89 23.39 -2.65 46.76
CA PRO D 89 23.27 -2.10 45.39
C PRO D 89 22.04 -2.62 44.64
N PRO D 90 21.59 -1.88 43.60
CA PRO D 90 20.35 -2.21 42.86
C PRO D 90 20.34 -3.59 42.22
N LEU D 91 19.15 -4.16 42.07
CA LEU D 91 18.96 -5.51 41.52
C LEU D 91 18.00 -5.51 40.33
N LYS D 92 18.41 -6.15 39.24
CA LYS D 92 17.53 -6.35 38.07
C LYS D 92 16.31 -7.15 38.46
N GLN D 93 15.18 -6.83 37.85
CA GLN D 93 13.95 -7.61 38.02
C GLN D 93 13.09 -7.45 36.75
N LYS D 94 11.98 -8.18 36.68
CA LYS D 94 11.12 -8.12 35.52
C LYS D 94 9.66 -7.94 35.91
N TYR D 95 8.90 -7.24 35.05
CA TYR D 95 7.55 -6.86 35.42
C TYR D 95 6.50 -7.22 34.36
N SER D 96 5.39 -7.82 34.79
CA SER D 96 4.28 -8.14 33.89
C SER D 96 3.68 -6.88 33.29
N THR D 97 3.62 -5.82 34.09
CA THR D 97 2.97 -4.57 33.73
C THR D 97 3.74 -3.43 34.37
N LEU D 98 3.32 -2.20 34.10
CA LEU D 98 3.91 -1.03 34.73
C LEU D 98 3.44 -0.84 36.15
N PHE D 99 2.37 -1.53 36.53
CA PHE D 99 1.80 -1.42 37.86
C PHE D 99 2.25 -2.55 38.74
N ASP D 100 2.84 -3.56 38.09
CA ASP D 100 3.33 -4.77 38.74
C ASP D 100 4.19 -4.51 39.98
N PRO D 101 5.10 -3.51 39.94
CA PRO D 101 5.90 -3.34 41.16
C PRO D 101 5.05 -3.17 42.42
N CYS D 102 3.86 -2.60 42.28
CA CYS D 102 2.92 -2.45 43.39
C CYS D 102 2.50 -3.80 43.97
N ASN D 103 2.17 -4.75 43.09
CA ASN D 103 1.85 -6.12 43.51
C ASN D 103 3.00 -6.77 44.25
N LYS D 104 4.18 -6.68 43.66
CA LYS D 104 5.41 -7.25 44.22
C LYS D 104 5.85 -6.64 45.53
N TRP D 105 5.57 -5.37 45.75
CA TRP D 105 5.95 -4.75 47.01
C TRP D 105 4.97 -5.14 48.15
N SER D 106 3.70 -5.34 47.80
CA SER D 106 2.61 -5.53 48.76
C SER D 106 2.66 -6.84 49.54
N ASN D 107 2.15 -6.79 50.75
CA ASN D 107 1.91 -7.94 51.59
C ASN D 107 0.54 -7.92 52.23
N ASN D 108 0.33 -8.72 53.26
CA ASN D 108 -0.98 -8.88 53.88
C ASN D 108 -1.41 -7.66 54.69
N GLU D 109 -0.44 -6.95 55.25
CA GLU D 109 -0.67 -5.76 56.04
C GLU D 109 -0.57 -4.47 55.20
N ARG D 110 0.11 -4.51 54.05
CA ARG D 110 0.26 -3.26 53.28
C ARG D 110 0.16 -3.36 51.77
N ARG D 111 -0.64 -2.45 51.22
CA ARG D 111 -1.05 -2.46 49.85
C ARG D 111 -0.54 -1.21 49.14
N TYR D 112 0.52 -1.35 48.34
CA TYR D 112 1.01 -0.25 47.51
C TYR D 112 0.09 -0.08 46.30
N TYR D 113 -0.25 1.15 45.98
CA TYR D 113 -1.14 1.43 44.86
C TYR D 113 -0.73 2.72 44.14
N VAL D 114 -0.97 2.79 42.83
CA VAL D 114 -0.64 4.00 42.07
C VAL D 114 -1.72 5.06 42.27
N ASN D 115 -1.29 6.26 42.68
CA ASN D 115 -2.22 7.35 42.94
C ASN D 115 -1.82 8.61 42.19
N LEU D 116 -0.64 8.58 41.61
CA LEU D 116 -0.07 9.73 40.93
C LEU D 116 0.76 9.34 39.70
N LEU D 117 0.36 9.87 38.55
CA LEU D 117 1.13 9.75 37.33
C LEU D 117 1.62 11.12 36.91
N ILE D 118 2.94 11.25 36.78
CA ILE D 118 3.54 12.44 36.19
C ILE D 118 4.21 12.12 34.86
N ASN D 119 3.66 12.65 33.77
CA ASN D 119 4.27 12.59 32.45
C ASN D 119 5.09 13.84 32.14
N CYS D 120 6.41 13.69 32.17
CA CYS D 120 7.34 14.82 31.92
C CYS D 120 7.51 15.21 30.45
N ALA D 121 7.37 14.23 29.55
CA ALA D 121 7.37 14.49 28.10
C ALA D 121 8.53 15.39 27.68
N GLY D 122 9.75 14.93 27.93
CA GLY D 122 10.94 15.77 27.78
C GLY D 122 11.87 15.61 26.58
N LEU D 123 11.42 15.04 25.47
CA LEU D 123 12.26 15.02 24.28
C LEU D 123 12.20 16.38 23.57
N THR D 124 13.38 16.98 23.40
CA THR D 124 13.51 18.33 22.84
C THR D 124 13.92 18.30 21.37
N GLN D 125 13.61 19.39 20.66
CA GLN D 125 13.91 19.53 19.22
C GLN D 125 14.76 20.78 19.04
N GLU D 126 15.73 20.67 18.13
CA GLU D 126 16.58 21.79 17.78
C GLU D 126 16.94 21.66 16.31
N SER D 127 15.93 21.86 15.46
CA SER D 127 16.11 21.94 14.01
C SER D 127 14.88 22.56 13.39
N LEU D 128 15.08 23.33 12.33
CA LEU D 128 13.99 23.93 11.57
C LEU D 128 13.10 22.84 10.97
N SER D 129 11.82 23.15 10.86
CA SER D 129 10.83 22.19 10.41
C SER D 129 11.18 21.62 9.04
N VAL D 130 11.59 22.49 8.14
CA VAL D 130 11.89 22.10 6.77
C VAL D 130 13.09 21.14 6.67
N ARG D 131 13.93 21.12 7.70
CA ARG D 131 15.09 20.25 7.76
C ARG D 131 14.94 19.09 8.77
N THR D 132 13.73 18.87 9.28
CA THR D 132 13.48 17.79 10.24
C THR D 132 12.87 16.56 9.56
N THR D 133 13.52 15.41 9.74
CA THR D 133 13.11 14.16 9.11
C THR D 133 11.84 13.58 9.74
N ALA D 134 11.16 12.70 9.00
CA ALA D 134 10.00 11.97 9.50
C ALA D 134 10.31 11.21 10.79
N SER D 135 11.43 10.53 10.79
CA SER D 135 11.88 9.80 11.97
C SER D 135 11.98 10.69 13.22
N GLN D 136 12.49 11.91 13.07
CA GLN D 136 12.58 12.84 14.20
C GLN D 136 11.22 13.35 14.68
N ILE D 137 10.32 13.63 13.73
CA ILE D 137 8.97 14.07 14.09
C ILE D 137 8.30 12.96 14.90
N GLN D 138 8.47 11.74 14.43
CA GLN D 138 7.92 10.56 15.09
C GLN D 138 8.43 10.40 16.52
N ASP D 139 9.73 10.54 16.70
CA ASP D 139 10.32 10.47 18.04
C ASP D 139 9.72 11.52 18.98
N ILE D 140 9.59 12.76 18.50
CA ILE D 140 9.09 13.84 19.35
C ILE D 140 7.65 13.55 19.73
N MET D 141 6.83 13.22 18.74
CA MET D 141 5.43 12.95 19.00
C MET D 141 5.18 11.68 19.83
N ASN D 142 5.98 10.64 19.60
CA ASN D 142 5.86 9.41 20.38
C ASN D 142 6.25 9.58 21.86
N VAL D 143 7.37 10.26 22.10
CA VAL D 143 7.88 10.48 23.44
C VAL D 143 7.06 11.54 24.21
N ASN D 144 6.66 12.60 23.52
CA ASN D 144 5.99 13.73 24.19
C ASN D 144 4.47 13.69 24.22
N PHE D 145 3.85 13.00 23.28
CA PHE D 145 2.38 13.00 23.21
C PHE D 145 1.69 11.63 23.22
N MET D 146 2.06 10.78 22.27
CA MET D 146 1.44 9.46 22.08
C MET D 146 1.62 8.53 23.30
N SER D 147 2.85 8.37 23.74
CA SER D 147 3.13 7.55 24.90
C SER D 147 2.49 8.12 26.19
N PRO D 148 2.64 9.45 26.43
CA PRO D 148 1.91 10.02 27.56
C PRO D 148 0.40 9.80 27.54
N VAL D 149 -0.22 9.83 26.35
CA VAL D 149 -1.66 9.62 26.28
C VAL D 149 -2.01 8.20 26.74
N THR D 150 -1.18 7.24 26.36
CA THR D 150 -1.39 5.83 26.65
C THR D 150 -1.19 5.54 28.15
N MET D 151 -0.09 6.03 28.70
CA MET D 151 0.15 5.97 30.15
C MET D 151 -0.99 6.58 30.91
N THR D 152 -1.49 7.71 30.39
CA THR D 152 -2.60 8.41 31.01
C THR D 152 -3.84 7.52 30.99
N ASN D 153 -4.19 6.98 29.83
CA ASN D 153 -5.37 6.12 29.69
C ASN D 153 -5.26 4.84 30.53
N ILE D 154 -4.11 4.17 30.43
CA ILE D 154 -3.84 2.95 31.15
C ILE D 154 -3.94 3.18 32.64
N CYS D 155 -3.47 4.36 33.06
CA CYS D 155 -3.37 4.63 34.46
C CYS D 155 -4.73 4.98 35.01
N ILE D 156 -5.51 5.72 34.24
CA ILE D 156 -6.88 6.05 34.61
C ILE D 156 -7.76 4.81 34.82
N LYS D 157 -7.62 3.81 33.95
CA LYS D 157 -8.36 2.56 34.08
C LYS D 157 -7.94 1.79 35.35
N TYR D 158 -6.67 1.85 35.67
CA TYR D 158 -6.14 1.18 36.84
C TYR D 158 -6.72 1.85 38.07
N MET D 159 -6.77 3.18 38.02
CA MET D 159 -7.22 3.98 39.11
C MET D 159 -8.69 3.76 39.36
N MET D 160 -9.46 3.72 38.28
CA MET D 160 -10.90 3.51 38.35
C MET D 160 -11.23 2.13 38.92
N LYS D 161 -10.47 1.12 38.54
CA LYS D 161 -10.68 -0.24 39.04
C LYS D 161 -10.35 -0.34 40.54
N SER D 162 -9.25 0.32 40.96
CA SER D 162 -8.76 0.18 42.33
C SER D 162 -9.74 0.77 43.34
N GLN D 163 -10.46 1.82 42.95
CA GLN D 163 -11.43 2.46 43.83
C GLN D 163 -12.53 1.48 44.11
N ARG D 164 -12.84 0.64 43.12
CA ARG D 164 -13.87 -0.39 43.24
C ARG D 164 -13.35 -1.57 44.03
N ARG D 165 -12.09 -1.92 43.80
CA ARG D 165 -11.49 -3.13 44.32
C ARG D 165 -11.09 -2.97 45.78
N TRP D 166 -10.66 -1.77 46.16
CA TRP D 166 -10.33 -1.47 47.54
C TRP D 166 -11.15 -0.26 48.02
N PRO D 167 -12.42 -0.50 48.42
CA PRO D 167 -13.35 0.57 48.80
C PRO D 167 -12.82 1.51 49.90
N GLU D 168 -12.00 1.02 50.80
CA GLU D 168 -11.51 1.84 51.89
C GLU D 168 -10.63 2.95 51.37
N LEU D 169 -10.22 2.85 50.12
CA LEU D 169 -9.33 3.83 49.50
C LEU D 169 -9.90 5.24 49.38
N SER D 170 -11.22 5.38 49.39
CA SER D 170 -11.84 6.70 49.40
C SER D 170 -11.46 7.58 50.60
N GLY D 171 -10.96 6.95 51.67
CA GLY D 171 -10.44 7.66 52.84
C GLY D 171 -9.23 8.52 52.48
N GLN D 172 -8.10 7.85 52.22
CA GLN D 172 -6.94 8.40 51.51
C GLN D 172 -6.87 9.95 51.36
N ALA D 174 -5.28 11.75 49.24
CA ALA D 174 -5.43 12.57 48.04
C ALA D 174 -6.16 11.81 46.91
N ARG D 175 -7.05 12.49 46.18
CA ARG D 175 -7.74 11.87 45.04
C ARG D 175 -6.73 11.44 43.96
N PRO D 176 -7.04 10.38 43.18
CA PRO D 176 -6.14 9.93 42.10
C PRO D 176 -5.79 11.05 41.14
N THR D 177 -4.49 11.25 40.91
CA THR D 177 -4.04 12.42 40.17
C THR D 177 -3.17 12.07 38.97
N ILE D 178 -3.27 12.89 37.94
CA ILE D 178 -2.45 12.77 36.76
C ILE D 178 -1.94 14.16 36.39
N VAL D 179 -0.64 14.33 36.29
CA VAL D 179 -0.14 15.58 35.83
C VAL D 179 0.73 15.45 34.63
N ASN D 180 0.46 16.25 33.63
CA ASN D 180 1.20 16.21 32.40
C ASN D 180 2.00 17.48 32.24
N ILE D 181 3.27 17.39 31.93
CA ILE D 181 4.00 18.61 31.85
C ILE D 181 4.22 19.10 30.45
N SER D 182 3.73 20.29 30.26
CA SER D 182 3.83 21.17 29.13
C SER D 182 4.99 22.14 29.14
N SER D 183 4.96 23.06 28.21
CA SER D 183 5.91 24.12 28.17
C SER D 183 5.26 25.45 27.88
N ILE D 184 5.83 26.51 28.40
CA ILE D 184 5.44 27.87 28.01
C ILE D 184 5.45 28.02 26.48
N LEU D 185 6.37 27.32 25.82
CA LEU D 185 6.41 27.25 24.35
C LEU D 185 5.15 26.69 23.69
N HIS D 186 4.23 26.12 24.45
CA HIS D 186 3.08 25.45 23.84
C HIS D 186 2.03 26.42 23.31
N SER D 187 2.09 27.67 23.79
CA SER D 187 1.17 28.72 23.34
C SER D 187 1.79 30.10 23.53
N GLY D 188 1.08 31.12 23.08
CA GLY D 188 1.47 32.49 23.32
C GLY D 188 2.62 32.97 22.46
N LYS D 189 3.29 34.01 22.96
CA LYS D 189 4.26 34.78 22.18
C LYS D 189 5.63 34.11 22.09
N MET D 190 5.86 33.11 22.93
CA MET D 190 7.14 32.39 22.92
C MET D 190 7.21 31.43 21.76
N LYS D 191 7.73 31.90 20.63
CA LYS D 191 7.90 31.08 19.42
C LYS D 191 9.37 31.01 19.04
N VAL D 192 9.94 29.81 19.12
CA VAL D 192 11.37 29.65 19.04
C VAL D 192 11.69 28.80 17.82
N PRO D 193 12.23 29.42 16.75
CA PRO D 193 12.67 28.63 15.60
C PRO D 193 13.45 27.41 16.07
N GLY D 194 13.27 26.29 15.36
CA GLY D 194 13.93 25.03 15.71
C GLY D 194 13.14 24.21 16.72
N THR D 195 11.98 24.72 17.08
CA THR D 195 11.18 24.26 18.21
C THR D 195 9.74 23.93 17.73
N SER D 196 9.66 23.66 16.44
CA SER D 196 8.39 23.52 15.72
C SER D 196 7.50 22.37 16.20
N VAL D 197 8.04 21.15 16.17
CA VAL D 197 7.27 19.97 16.52
C VAL D 197 7.23 19.73 18.04
N TYR D 198 8.31 20.08 18.74
CA TYR D 198 8.34 20.10 20.21
C TYR D 198 7.22 20.98 20.79
N SER D 199 7.04 22.16 20.23
CA SER D 199 5.98 23.04 20.68
C SER D 199 4.63 22.45 20.36
N ALA D 200 4.51 21.90 19.15
CA ALA D 200 3.28 21.24 18.74
C ALA D 200 2.91 20.12 19.71
N SER D 201 3.90 19.34 20.13
CA SER D 201 3.63 18.18 21.00
C SER D 201 3.09 18.59 22.37
N LYS D 202 3.62 19.70 22.89
CA LYS D 202 3.28 20.23 24.20
C LYS D 202 1.92 20.89 24.17
N ALA D 203 1.59 21.50 23.03
CA ALA D 203 0.25 22.05 22.87
C ALA D 203 -0.75 20.90 22.84
N ALA D 204 -0.37 19.81 22.16
CA ALA D 204 -1.21 18.62 22.10
C ALA D 204 -1.39 17.98 23.49
N LEU D 205 -0.30 17.89 24.24
CA LEU D 205 -0.39 17.32 25.56
C LEU D 205 -1.34 18.19 26.40
N SER D 206 -1.12 19.51 26.36
CA SER D 206 -1.96 20.46 27.06
C SER D 206 -3.40 20.27 26.69
N ARG D 207 -3.70 20.40 25.41
CA ARG D 207 -5.11 20.42 25.04
C ARG D 207 -5.78 19.12 25.44
N PHE D 208 -5.15 18.00 25.08
CA PHE D 208 -5.60 16.66 25.49
C PHE D 208 -6.00 16.63 26.97
N THR D 209 -5.07 17.02 27.84
CA THR D 209 -5.32 16.96 29.28
C THR D 209 -6.59 17.72 29.67
N GLU D 210 -6.88 18.82 28.97
CA GLU D 210 -8.01 19.68 29.33
C GLU D 210 -9.35 19.11 28.94
N VAL D 211 -9.42 18.45 27.80
CA VAL D 211 -10.67 17.84 27.38
C VAL D 211 -10.91 16.60 28.23
N LEU D 212 -9.82 15.91 28.57
CA LEU D 212 -9.87 14.74 29.45
C LEU D 212 -10.42 15.10 30.82
N ALA D 213 -9.96 16.22 31.38
CA ALA D 213 -10.45 16.71 32.67
C ALA D 213 -11.97 16.81 32.69
N ALA D 214 -12.55 17.21 31.56
CA ALA D 214 -14.01 17.36 31.43
C ALA D 214 -14.70 16.01 31.33
N GLU D 215 -14.00 15.03 30.77
CA GLU D 215 -14.50 13.66 30.70
C GLU D 215 -14.41 12.98 32.06
N MET D 216 -13.50 13.45 32.90
CA MET D 216 -13.25 12.84 34.21
C MET D 216 -13.97 13.59 35.33
N GLU D 217 -14.69 14.66 34.98
CA GLU D 217 -15.46 15.41 35.97
C GLU D 217 -16.32 14.47 36.81
N PRO D 218 -17.20 13.66 36.15
CA PRO D 218 -18.10 12.77 36.91
C PRO D 218 -17.38 11.66 37.65
N ARG D 219 -16.07 11.57 37.44
CA ARG D 219 -15.26 10.57 38.12
C ARG D 219 -14.41 11.20 39.21
N ASN D 220 -13.77 10.36 40.01
CA ASN D 220 -12.99 10.84 41.13
C ASN D 220 -11.66 11.43 40.67
N ILE D 221 -11.32 11.22 39.41
CA ILE D 221 -9.97 11.46 38.93
C ILE D 221 -9.65 12.92 38.59
N ARG D 222 -8.52 13.40 39.13
CA ARG D 222 -7.99 14.75 38.85
C ARG D 222 -6.91 14.71 37.77
N CYS D 223 -7.07 15.58 36.77
CA CYS D 223 -6.17 15.68 35.62
C CYS D 223 -5.64 17.10 35.49
N PHE D 224 -4.36 17.26 35.78
CA PHE D 224 -3.73 18.57 35.74
C PHE D 224 -2.68 18.68 34.64
N THR D 225 -2.55 19.87 34.09
CA THR D 225 -1.46 20.17 33.19
C THR D 225 -0.71 21.43 33.65
N ILE D 226 0.60 21.30 33.72
CA ILE D 226 1.49 22.31 34.24
C ILE D 226 2.30 22.85 33.06
N SER D 227 2.44 24.17 32.98
CA SER D 227 3.10 24.74 31.80
C SER D 227 4.34 25.59 32.12
N PRO D 228 5.46 24.95 32.52
CA PRO D 228 6.60 25.70 33.03
C PRO D 228 7.37 26.50 31.99
N GLY D 229 8.26 27.34 32.44
CA GLY D 229 9.07 28.10 31.53
C GLY D 229 10.26 27.28 31.21
N LEU D 230 11.18 27.86 30.47
CA LEU D 230 12.37 27.17 30.08
C LEU D 230 13.23 26.90 31.28
N VAL D 231 13.88 25.76 31.28
CA VAL D 231 14.68 25.36 32.39
C VAL D 231 16.06 25.62 31.91
N LYS D 232 16.99 25.90 32.80
CA LYS D 232 18.32 26.29 32.38
C LYS D 232 19.16 25.21 31.72
N GLY D 233 19.85 25.63 30.67
CA GLY D 233 20.66 24.86 29.77
C GLY D 233 19.99 24.39 28.48
N THR D 234 20.84 24.15 27.49
CA THR D 234 20.45 23.78 26.14
C THR D 234 19.58 24.85 25.52
N ASP D 235 18.48 24.44 24.92
CA ASP D 235 17.51 25.35 24.38
C ASP D 235 17.88 26.76 24.72
N PRO D 241 18.00 31.12 22.36
CA PRO D 241 19.22 31.92 22.35
C PRO D 241 19.09 33.06 21.36
N VAL D 242 18.11 33.01 20.51
CA VAL D 242 17.94 34.07 19.54
C VAL D 242 17.62 35.36 20.31
N GLU D 243 18.09 36.49 19.81
CA GLU D 243 17.99 37.77 20.49
C GLU D 243 16.56 38.22 20.71
N ALA D 244 15.71 38.00 19.72
CA ALA D 244 14.35 38.45 19.84
C ALA D 244 13.77 37.70 21.03
N LYS D 245 14.13 36.43 21.13
CA LYS D 245 13.64 35.61 22.18
C LYS D 245 14.08 36.11 23.52
N GLU D 246 15.31 36.55 23.63
CA GLU D 246 15.74 37.00 24.93
C GLU D 246 14.89 38.18 25.35
N MET D 247 14.62 39.07 24.41
CA MET D 247 13.73 40.17 24.64
C MET D 247 12.32 39.68 24.92
N LEU D 248 11.91 38.68 24.18
CA LEU D 248 10.57 38.14 24.31
C LEU D 248 10.40 37.56 25.68
N GLU D 249 11.43 36.93 26.17
CA GLU D 249 11.38 36.16 27.38
C GLU D 249 11.03 37.16 28.46
N ARG D 250 11.47 38.39 28.29
CA ARG D 250 11.24 39.36 29.34
C ARG D 250 9.74 39.49 29.55
N THR D 251 8.98 39.16 28.51
CA THR D 251 7.58 39.56 28.43
C THR D 251 6.96 39.40 29.78
N ILE D 252 7.43 38.41 30.55
CA ILE D 252 7.08 38.24 31.95
C ILE D 252 8.06 37.38 32.77
N GLY D 253 8.03 37.59 34.08
CA GLY D 253 8.53 36.68 35.13
C GLY D 253 7.43 36.57 36.20
N ALA D 254 7.30 35.42 36.87
CA ALA D 254 8.26 34.31 36.85
C ALA D 254 7.94 33.20 35.85
N SER D 255 7.02 33.46 34.93
CA SER D 255 6.53 32.41 34.03
C SER D 255 7.51 32.03 32.90
N GLY D 256 8.40 32.95 32.54
CA GLY D 256 9.34 32.74 31.44
C GLY D 256 10.42 31.70 31.70
N THR D 257 10.78 31.53 32.96
CA THR D 257 11.88 30.64 33.33
C THR D 257 11.52 29.72 34.50
N SER D 258 12.10 28.52 34.50
CA SER D 258 11.83 27.54 35.55
C SER D 258 13.10 26.78 35.92
N ALA D 259 12.98 25.92 36.92
CA ALA D 259 14.04 25.03 37.32
C ALA D 259 13.39 23.74 37.82
N PRO D 260 14.14 22.62 37.79
CA PRO D 260 13.61 21.35 38.33
C PRO D 260 12.89 21.46 39.67
N ALA D 261 13.56 21.98 40.69
CA ALA D 261 13.01 22.07 42.05
C ALA D 261 11.71 22.88 42.17
N GLU D 262 11.56 23.88 41.29
CA GLU D 262 10.33 24.67 41.21
C GLU D 262 9.18 23.84 40.69
N ILE D 263 9.43 23.13 39.59
CA ILE D 263 8.46 22.22 38.99
C ILE D 263 8.07 21.13 40.00
N ALA D 264 9.08 20.54 40.64
CA ALA D 264 8.82 19.53 41.67
C ALA D 264 7.83 20.06 42.71
N GLU D 265 8.08 21.28 43.18
CA GLU D 265 7.23 21.94 44.16
C GLU D 265 5.83 22.22 43.63
N GLU D 266 5.78 22.59 42.37
CA GLU D 266 4.54 22.92 41.70
C GLU D 266 3.69 21.67 41.51
N VAL D 267 4.34 20.52 41.36
CA VAL D 267 3.65 19.23 41.22
C VAL D 267 3.07 18.82 42.56
N TRP D 268 3.87 18.93 43.61
CA TRP D 268 3.41 18.65 44.95
C TRP D 268 2.25 19.55 45.39
N SER D 269 2.31 20.83 45.01
CA SER D 269 1.25 21.77 45.32
C SER D 269 -0.07 21.28 44.76
N LEU D 270 -0.04 20.76 43.54
CA LEU D 270 -1.24 20.28 42.88
C LEU D 270 -1.78 19.01 43.52
N TYR D 271 -0.88 18.08 43.81
CA TYR D 271 -1.23 16.80 44.41
C TYR D 271 -1.75 16.95 45.84
N SER D 272 -1.13 17.86 46.60
CA SER D 272 -1.52 18.19 47.97
C SER D 272 -2.83 18.94 48.15
N ARG D 273 -3.31 19.62 47.10
CA ARG D 273 -4.56 20.41 47.22
C ARG D 273 -5.69 19.56 47.81
N THR D 274 -6.56 20.20 48.58
CA THR D 274 -7.61 19.50 49.29
C THR D 274 -8.95 20.25 49.16
N MET E 1 8.89 27.38 -32.14
CA MET E 1 8.48 25.99 -31.76
C MET E 1 8.20 25.08 -32.95
N HIS E 2 9.02 24.05 -33.11
CA HIS E 2 8.84 23.12 -34.21
C HIS E 2 8.40 21.77 -33.66
N TYR E 3 7.29 21.26 -34.19
CA TYR E 3 6.72 19.98 -33.76
C TYR E 3 7.07 18.85 -34.71
N LEU E 4 7.78 17.86 -34.19
CA LEU E 4 8.32 16.78 -35.01
C LEU E 4 7.61 15.45 -34.71
N PRO E 5 6.70 15.02 -35.60
CA PRO E 5 5.87 13.84 -35.36
C PRO E 5 6.73 12.60 -35.34
N VAL E 6 6.47 11.69 -34.40
CA VAL E 6 7.12 10.37 -34.43
C VAL E 6 6.15 9.18 -34.51
N ALA E 7 6.66 8.10 -35.09
CA ALA E 7 5.90 6.90 -35.25
C ALA E 7 6.50 5.78 -34.43
N ILE E 8 5.62 5.03 -33.77
CA ILE E 8 6.00 3.80 -33.08
C ILE E 8 5.62 2.64 -33.97
N VAL E 9 6.60 1.84 -34.34
CA VAL E 9 6.37 0.64 -35.12
C VAL E 9 6.66 -0.57 -34.25
N THR E 10 5.68 -1.44 -34.17
CA THR E 10 5.59 -2.50 -33.19
C THR E 10 5.49 -3.87 -33.88
N GLY E 11 6.02 -4.89 -33.20
CA GLY E 11 5.86 -6.29 -33.59
C GLY E 11 6.19 -6.69 -35.03
N ALA E 12 7.13 -6.03 -35.71
CA ALA E 12 7.28 -6.30 -37.17
C ALA E 12 8.53 -7.08 -37.66
N THR E 13 8.18 -8.17 -38.34
CA THR E 13 9.00 -9.33 -38.63
C THR E 13 9.38 -9.72 -40.05
N ARG E 14 8.61 -9.38 -41.07
CA ARG E 14 8.77 -10.10 -42.34
C ARG E 14 9.61 -9.68 -43.56
N GLY E 15 10.32 -8.57 -43.54
CA GLY E 15 10.13 -7.55 -42.59
C GLY E 15 9.23 -6.57 -43.27
N ILE E 16 7.98 -6.69 -42.90
CA ILE E 16 7.02 -5.62 -43.14
C ILE E 16 7.49 -4.34 -42.41
N GLY E 17 8.11 -4.51 -41.24
CA GLY E 17 8.56 -3.41 -40.42
C GLY E 17 9.64 -2.60 -41.07
N LYS E 18 10.63 -3.28 -41.64
CA LYS E 18 11.69 -2.63 -42.41
C LYS E 18 11.07 -1.69 -43.44
N ALA E 19 10.11 -2.20 -44.22
CA ALA E 19 9.47 -1.41 -45.27
C ALA E 19 8.75 -0.18 -44.72
N ILE E 20 7.97 -0.38 -43.65
CA ILE E 20 7.23 0.73 -43.04
C ILE E 20 8.18 1.82 -42.50
N CYS E 21 9.31 1.40 -41.94
CA CYS E 21 10.29 2.35 -41.43
C CYS E 21 11.01 3.13 -42.54
N GLN E 22 11.45 2.42 -43.58
CA GLN E 22 12.06 3.06 -44.76
C GLN E 22 11.19 4.21 -45.27
N LYS E 23 9.90 3.90 -45.50
CA LYS E 23 8.95 4.85 -46.05
C LYS E 23 8.71 6.03 -45.11
N LEU E 24 8.52 5.74 -43.82
CA LEU E 24 8.23 6.79 -42.86
C LEU E 24 9.40 7.76 -42.76
N PHE E 25 10.61 7.21 -42.89
CA PHE E 25 11.82 8.01 -42.89
C PHE E 25 11.93 8.90 -44.15
N GLN E 26 11.80 8.26 -45.32
CA GLN E 26 11.71 9.00 -46.56
C GLN E 26 10.74 10.16 -46.39
N LYS E 27 9.62 9.90 -45.72
CA LYS E 27 8.58 10.91 -45.56
C LYS E 27 8.85 11.90 -44.43
N GLY E 28 9.97 11.71 -43.73
CA GLY E 28 10.45 12.72 -42.77
C GLY E 28 10.19 12.51 -41.29
N LEU E 29 9.61 11.38 -40.90
CA LEU E 29 9.37 11.17 -39.46
C LEU E 29 10.53 10.48 -38.76
N SER E 30 10.51 10.54 -37.44
CA SER E 30 11.38 9.71 -36.60
C SER E 30 10.63 8.45 -36.15
N CYS E 31 11.36 7.37 -35.87
CA CYS E 31 10.75 6.12 -35.40
C CYS E 31 11.24 5.58 -34.06
N ILE E 32 10.28 5.06 -33.29
CA ILE E 32 10.60 4.23 -32.15
C ILE E 32 10.19 2.81 -32.56
N ILE E 33 11.18 1.93 -32.67
CA ILE E 33 10.96 0.53 -33.03
C ILE E 33 10.83 -0.34 -31.79
N LEU E 34 9.75 -1.12 -31.70
CA LEU E 34 9.53 -2.01 -30.56
C LEU E 34 9.48 -3.46 -31.00
N GLY E 35 10.59 -4.17 -30.80
CA GLY E 35 10.72 -5.59 -31.20
C GLY E 35 10.95 -6.54 -30.03
N SER E 36 10.78 -7.83 -30.28
CA SER E 36 10.94 -8.85 -29.24
C SER E 36 12.40 -9.17 -28.96
N THR E 37 13.17 -9.30 -30.04
CA THR E 37 14.61 -9.63 -29.97
C THR E 37 15.51 -8.59 -30.66
N LYS E 38 16.72 -8.42 -30.13
CA LYS E 38 17.72 -7.54 -30.73
C LYS E 38 18.01 -7.88 -32.20
N GLU E 39 17.86 -9.16 -32.56
CA GLU E 39 18.00 -9.60 -33.95
C GLU E 39 16.77 -9.18 -34.77
N SER E 40 15.63 -9.15 -34.10
CA SER E 40 14.36 -8.72 -34.71
C SER E 40 14.39 -7.21 -34.97
N ILE E 41 14.72 -6.45 -33.93
CA ILE E 41 15.00 -5.01 -34.01
C ILE E 41 16.02 -4.64 -35.10
N GLU E 42 17.10 -5.40 -35.19
CA GLU E 42 18.16 -5.11 -36.14
C GLU E 42 17.63 -5.15 -37.57
N ARG E 43 16.83 -6.18 -37.89
CA ARG E 43 16.28 -6.37 -39.23
C ARG E 43 15.24 -5.31 -39.62
N THR E 44 14.60 -4.70 -38.62
CA THR E 44 13.59 -3.67 -38.84
C THR E 44 14.22 -2.29 -39.04
N ALA E 45 15.27 -2.00 -38.26
CA ALA E 45 15.93 -0.69 -38.25
C ALA E 45 16.56 -0.36 -39.58
N ILE E 46 16.32 0.88 -40.04
CA ILE E 46 16.79 1.33 -41.34
C ILE E 46 18.32 1.39 -41.40
N ASP E 47 18.86 1.23 -42.61
CA ASP E 47 20.31 1.13 -42.82
C ASP E 47 21.07 2.36 -42.32
N ARG E 48 22.33 2.15 -41.95
CA ARG E 48 23.24 3.25 -41.63
C ARG E 48 23.31 4.21 -42.82
N GLY E 49 23.23 3.65 -44.03
CA GLY E 49 23.24 4.43 -45.27
C GLY E 49 22.06 5.37 -45.43
N GLN E 50 20.85 4.86 -45.20
CA GLN E 50 19.64 5.71 -45.29
C GLN E 50 19.54 6.71 -44.15
N LEU E 51 20.26 6.45 -43.07
CA LEU E 51 20.26 7.30 -41.89
C LEU E 51 21.00 8.62 -42.14
N GLN E 52 22.22 8.54 -42.70
CA GLN E 52 23.00 9.77 -43.01
C GLN E 52 22.34 10.75 -43.98
N SER E 53 21.58 10.24 -44.94
CA SER E 53 20.91 11.10 -45.92
C SER E 53 19.72 11.82 -45.29
N GLY E 54 19.31 11.36 -44.11
CA GLY E 54 18.14 11.91 -43.43
C GLY E 54 18.37 13.35 -43.02
N LEU E 55 17.27 14.09 -42.91
CA LEU E 55 17.29 15.46 -42.42
C LEU E 55 17.93 15.53 -41.03
N SER E 56 18.54 16.67 -40.70
CA SER E 56 19.35 16.79 -39.49
C SER E 56 18.62 16.40 -38.21
N TYR E 57 17.33 16.69 -38.14
CA TYR E 57 16.58 16.48 -36.90
C TYR E 57 15.99 15.08 -36.74
N GLN E 58 16.09 14.25 -37.79
CA GLN E 58 15.54 12.89 -37.76
C GLN E 58 16.24 11.96 -36.75
N ARG E 59 15.44 11.18 -36.02
CA ARG E 59 15.96 10.23 -35.04
C ARG E 59 15.36 8.82 -35.22
N GLN E 60 16.14 7.79 -34.90
CA GLN E 60 15.65 6.43 -34.83
C GLN E 60 16.10 5.80 -33.53
N CYS E 61 15.19 5.18 -32.78
CA CYS E 61 15.63 4.28 -31.71
C CYS E 61 14.83 2.99 -31.70
N ALA E 62 15.41 1.98 -31.05
CA ALA E 62 14.82 0.65 -30.97
C ALA E 62 14.75 0.21 -29.51
N ILE E 63 13.62 -0.32 -29.08
CA ILE E 63 13.54 -0.89 -27.74
C ILE E 63 13.15 -2.38 -27.80
N ALA E 64 13.95 -3.21 -27.13
CA ALA E 64 13.64 -4.62 -26.99
C ALA E 64 12.58 -4.83 -25.92
N ILE E 65 11.47 -5.43 -26.33
CA ILE E 65 10.35 -5.66 -25.44
C ILE E 65 9.65 -6.91 -25.98
N ASP E 66 9.67 -8.02 -25.26
CA ASP E 66 9.04 -9.21 -25.83
C ASP E 66 7.59 -9.36 -25.39
N PHE E 67 6.73 -9.21 -26.38
CA PHE E 67 5.31 -9.08 -26.17
C PHE E 67 4.69 -10.44 -25.77
N LYS E 68 5.47 -11.51 -25.97
CA LYS E 68 5.15 -12.85 -25.47
C LYS E 68 4.85 -12.86 -23.95
N LYS E 69 5.34 -11.87 -23.23
CA LYS E 69 5.27 -11.91 -21.78
C LYS E 69 4.26 -10.94 -21.22
N TRP E 70 3.39 -10.43 -22.09
CA TRP E 70 2.23 -9.64 -21.69
C TRP E 70 1.51 -10.41 -20.58
N PRO E 71 1.01 -9.70 -19.54
CA PRO E 71 1.02 -8.26 -19.36
C PRO E 71 2.20 -7.80 -18.50
N HIS E 72 3.24 -8.62 -18.40
CA HIS E 72 4.31 -8.35 -17.45
C HIS E 72 5.24 -7.23 -17.92
N TRP E 73 5.33 -7.03 -19.22
CA TRP E 73 6.18 -5.96 -19.74
C TRP E 73 5.66 -4.55 -19.45
N LEU E 74 4.42 -4.46 -18.99
CA LEU E 74 3.83 -3.19 -18.61
C LEU E 74 4.40 -2.63 -17.31
N ASP E 75 4.84 -3.53 -16.43
CA ASP E 75 5.25 -3.20 -15.07
C ASP E 75 6.75 -2.89 -14.93
N TYR E 76 7.52 -3.10 -16.00
CA TYR E 76 8.96 -2.83 -15.96
C TYR E 76 9.24 -1.37 -15.60
N GLU E 77 10.38 -1.19 -14.92
CA GLU E 77 10.78 0.11 -14.41
C GLU E 77 11.51 0.89 -15.50
N SER E 78 12.27 0.16 -16.31
CA SER E 78 12.99 0.78 -17.41
C SER E 78 12.98 -0.19 -18.57
N TYR E 79 13.27 0.34 -19.75
CA TYR E 79 13.33 -0.45 -20.96
C TYR E 79 14.73 -0.42 -21.59
N ASP E 80 15.13 -1.55 -22.16
CA ASP E 80 16.44 -1.71 -22.77
C ASP E 80 16.41 -1.39 -24.27
N GLY E 81 16.91 -0.22 -24.62
CA GLY E 81 16.87 0.21 -26.01
C GLY E 81 18.17 0.75 -26.54
N ILE E 82 18.20 1.01 -27.85
CA ILE E 82 19.39 1.52 -28.50
C ILE E 82 19.07 2.77 -29.33
N GLU E 83 20.06 3.65 -29.43
CA GLU E 83 19.91 4.95 -30.06
C GLU E 83 20.83 5.02 -31.26
N TYR E 84 20.30 5.40 -32.41
CA TYR E 84 21.03 5.41 -33.67
C TYR E 84 21.53 6.78 -34.05
N PHE E 85 22.70 6.80 -34.67
CA PHE E 85 23.37 8.04 -35.05
C PHE E 85 23.75 8.00 -36.53
N LYS E 86 24.08 9.16 -37.08
CA LYS E 86 24.53 9.28 -38.49
C LYS E 86 26.01 8.95 -38.64
N ASP E 87 26.80 9.35 -37.65
CA ASP E 87 28.25 9.40 -37.78
C ASP E 87 28.99 8.46 -36.84
N ARG E 88 28.23 7.78 -35.99
CA ARG E 88 28.84 6.88 -35.00
C ARG E 88 27.97 5.62 -34.86
N PRO E 89 28.56 4.49 -34.45
CA PRO E 89 27.79 3.27 -34.16
C PRO E 89 26.80 3.45 -33.00
N PRO E 90 25.75 2.59 -32.95
CA PRO E 90 24.68 2.77 -31.96
C PRO E 90 25.08 2.54 -30.51
N LEU E 91 24.50 3.37 -29.64
CA LEU E 91 24.73 3.33 -28.20
C LEU E 91 23.54 2.74 -27.45
N LYS E 92 23.81 2.03 -26.36
CA LYS E 92 22.77 1.50 -25.49
C LYS E 92 22.16 2.61 -24.66
N GLN E 93 20.86 2.50 -24.40
CA GLN E 93 20.20 3.47 -23.56
C GLN E 93 19.00 2.85 -22.85
N LYS E 94 18.69 3.39 -21.69
CA LYS E 94 17.56 2.97 -20.90
C LYS E 94 16.46 4.01 -21.02
N TYR E 95 15.23 3.55 -21.12
CA TYR E 95 14.09 4.45 -21.21
C TYR E 95 13.09 4.12 -20.12
N SER E 96 12.48 5.15 -19.55
CA SER E 96 11.51 4.97 -18.46
C SER E 96 10.09 4.66 -18.92
N THR E 97 9.79 4.93 -20.19
CA THR E 97 8.51 4.57 -20.84
C THR E 97 8.76 4.39 -22.32
N LEU E 98 7.73 4.00 -23.05
CA LEU E 98 7.85 3.78 -24.49
C LEU E 98 7.84 5.09 -25.29
N PHE E 99 7.33 6.14 -24.68
CA PHE E 99 7.30 7.46 -25.29
C PHE E 99 8.49 8.30 -24.94
N ASP E 100 9.17 7.90 -23.85
CA ASP E 100 10.33 8.61 -23.34
C ASP E 100 11.38 9.06 -24.36
N PRO E 101 11.63 8.26 -25.43
CA PRO E 101 12.60 8.79 -26.41
C PRO E 101 12.22 10.19 -26.98
N CYS E 102 10.93 10.50 -27.04
CA CYS E 102 10.49 11.82 -27.49
C CYS E 102 11.01 12.94 -26.60
N ASN E 103 10.91 12.76 -25.29
CA ASN E 103 11.41 13.75 -24.32
C ASN E 103 12.91 13.95 -24.41
N LYS E 104 13.64 12.84 -24.46
CA LYS E 104 15.10 12.87 -24.51
C LYS E 104 15.62 13.54 -25.77
N TRP E 105 14.91 13.35 -26.89
CA TRP E 105 15.24 14.01 -28.14
C TRP E 105 14.94 15.52 -28.15
N SER E 106 13.94 15.95 -27.38
CA SER E 106 13.43 17.33 -27.45
C SER E 106 14.26 18.43 -26.76
N ASN E 107 14.12 19.62 -27.36
CA ASN E 107 14.76 20.88 -26.98
C ASN E 107 13.78 22.05 -27.15
N ASN E 108 14.08 23.18 -26.51
CA ASN E 108 13.18 24.32 -26.36
C ASN E 108 12.56 24.75 -27.67
N GLU E 109 13.27 24.48 -28.76
CA GLU E 109 12.82 24.78 -30.11
C GLU E 109 12.18 23.56 -30.82
N ARG E 110 12.36 22.37 -30.25
CA ARG E 110 11.98 21.13 -30.94
C ARG E 110 11.25 20.17 -30.01
N ARG E 111 9.99 19.91 -30.32
CA ARG E 111 9.19 18.94 -29.63
C ARG E 111 8.88 17.74 -30.51
N TYR E 112 9.58 16.63 -30.26
CA TYR E 112 9.26 15.35 -30.90
C TYR E 112 8.07 14.75 -30.17
N TYR E 113 7.09 14.23 -30.91
CA TYR E 113 5.89 13.71 -30.29
C TYR E 113 5.32 12.56 -31.12
N VAL E 114 4.70 11.59 -30.45
CA VAL E 114 4.17 10.42 -31.14
C VAL E 114 2.80 10.73 -31.76
N ASN E 115 2.70 10.60 -33.07
CA ASN E 115 1.48 10.91 -33.81
C ASN E 115 1.01 9.68 -34.58
N LEU E 116 1.83 8.64 -34.58
CA LEU E 116 1.56 7.45 -35.35
C LEU E 116 1.99 6.18 -34.63
N LEU E 117 1.03 5.30 -34.39
CA LEU E 117 1.34 3.95 -33.92
C LEU E 117 0.96 2.91 -34.98
N ILE E 118 1.88 2.00 -35.28
CA ILE E 118 1.62 0.88 -36.17
C ILE E 118 1.96 -0.43 -35.49
N ASN E 119 0.94 -1.22 -35.19
CA ASN E 119 1.11 -2.57 -34.67
C ASN E 119 1.10 -3.59 -35.80
N CYS E 120 2.26 -4.20 -36.09
CA CYS E 120 2.39 -5.19 -37.17
C CYS E 120 1.88 -6.59 -36.79
N ALA E 121 1.84 -6.88 -35.50
CA ALA E 121 1.21 -8.10 -34.99
C ALA E 121 1.59 -9.34 -35.79
N GLY E 122 2.88 -9.56 -35.97
CA GLY E 122 3.39 -10.52 -36.95
C GLY E 122 3.90 -11.86 -36.47
N LEU E 123 3.40 -12.36 -35.36
CA LEU E 123 3.75 -13.74 -34.99
C LEU E 123 2.86 -14.73 -35.75
N THR E 124 3.48 -15.65 -36.49
CA THR E 124 2.72 -16.59 -37.34
C THR E 124 2.56 -17.99 -36.71
N GLN E 125 1.59 -18.74 -37.25
CA GLN E 125 1.29 -20.10 -36.81
C GLN E 125 1.44 -21.08 -37.99
N GLU E 126 2.05 -22.22 -37.69
CA GLU E 126 2.13 -23.34 -38.60
C GLU E 126 1.90 -24.66 -37.85
N SER E 127 0.69 -24.85 -37.33
CA SER E 127 0.33 -26.13 -36.71
C SER E 127 -1.18 -26.32 -36.57
N LEU E 128 -1.63 -27.57 -36.71
CA LEU E 128 -3.03 -27.93 -36.57
C LEU E 128 -3.48 -27.71 -35.14
N SER E 129 -4.59 -27.01 -34.97
CA SER E 129 -5.14 -26.71 -33.66
C SER E 129 -4.94 -27.83 -32.63
N VAL E 130 -5.22 -29.07 -33.03
CA VAL E 130 -5.19 -30.20 -32.10
C VAL E 130 -3.76 -30.57 -31.68
N ARG E 131 -2.79 -29.92 -32.31
CA ARG E 131 -1.40 -30.17 -32.03
C ARG E 131 -0.65 -28.91 -31.60
N THR E 132 -1.37 -27.83 -31.32
CA THR E 132 -0.70 -26.64 -30.83
C THR E 132 -0.97 -26.48 -29.33
N THR E 133 0.08 -26.14 -28.58
CA THR E 133 0.02 -26.16 -27.14
C THR E 133 -0.50 -24.86 -26.56
N ALA E 134 -0.87 -24.92 -25.29
CA ALA E 134 -1.24 -23.73 -24.53
C ALA E 134 -0.17 -22.62 -24.62
N SER E 135 1.11 -22.97 -24.57
CA SER E 135 2.15 -21.95 -24.62
C SER E 135 2.15 -21.21 -25.97
N GLN E 136 2.04 -21.98 -27.05
CA GLN E 136 1.94 -21.41 -28.39
C GLN E 136 0.67 -20.59 -28.63
N ILE E 137 -0.44 -20.95 -28.00
CA ILE E 137 -1.65 -20.15 -28.09
C ILE E 137 -1.43 -18.81 -27.37
N GLN E 138 -0.85 -18.89 -26.17
CA GLN E 138 -0.51 -17.72 -25.36
C GLN E 138 0.42 -16.79 -26.13
N ASP E 139 1.51 -17.32 -26.68
CA ASP E 139 2.41 -16.50 -27.50
C ASP E 139 1.69 -15.72 -28.61
N ILE E 140 0.92 -16.42 -29.45
CA ILE E 140 0.27 -15.79 -30.61
C ILE E 140 -0.69 -14.67 -30.20
N MET E 141 -1.44 -14.89 -29.12
CA MET E 141 -2.42 -13.91 -28.70
C MET E 141 -1.76 -12.72 -28.00
N ASN E 142 -0.70 -13.01 -27.24
CA ASN E 142 0.05 -12.00 -26.49
C ASN E 142 0.75 -11.06 -27.46
N VAL E 143 1.45 -11.64 -28.44
CA VAL E 143 2.10 -10.86 -29.49
C VAL E 143 1.09 -10.18 -30.42
N ASN E 144 0.12 -10.93 -30.96
CA ASN E 144 -0.74 -10.38 -32.01
C ASN E 144 -1.97 -9.62 -31.56
N PHE E 145 -2.41 -9.84 -30.31
CA PHE E 145 -3.66 -9.20 -29.87
C PHE E 145 -3.57 -8.36 -28.60
N MET E 146 -3.24 -9.01 -27.48
CA MET E 146 -3.14 -8.36 -26.16
C MET E 146 -2.14 -7.22 -26.09
N SER E 147 -0.92 -7.44 -26.57
CA SER E 147 0.07 -6.37 -26.57
C SER E 147 -0.34 -5.17 -27.46
N PRO E 148 -0.74 -5.41 -28.73
CA PRO E 148 -1.24 -4.30 -29.55
C PRO E 148 -2.38 -3.50 -28.91
N VAL E 149 -3.23 -4.18 -28.14
CA VAL E 149 -4.34 -3.49 -27.46
C VAL E 149 -3.79 -2.53 -26.39
N THR E 150 -2.85 -3.01 -25.59
CA THR E 150 -2.20 -2.23 -24.56
C THR E 150 -1.45 -1.06 -25.20
N MET E 151 -0.59 -1.37 -26.16
CA MET E 151 0.09 -0.42 -27.03
C MET E 151 -0.87 0.67 -27.46
N THR E 152 -1.97 0.24 -28.07
CA THR E 152 -3.01 1.15 -28.54
C THR E 152 -3.62 2.03 -27.45
N ASN E 153 -3.92 1.44 -26.29
CA ASN E 153 -4.55 2.22 -25.21
C ASN E 153 -3.61 3.27 -24.61
N ILE E 154 -2.36 2.87 -24.43
CA ILE E 154 -1.34 3.71 -23.85
C ILE E 154 -1.06 4.88 -24.79
N CYS E 155 -1.06 4.58 -26.09
CA CYS E 155 -0.76 5.57 -27.08
C CYS E 155 -1.89 6.61 -27.25
N ILE E 156 -3.13 6.14 -27.22
CA ILE E 156 -4.29 7.05 -27.24
C ILE E 156 -4.33 7.97 -26.03
N LYS E 157 -4.02 7.44 -24.84
CA LYS E 157 -3.98 8.27 -23.63
C LYS E 157 -2.92 9.36 -23.78
N TYR E 158 -1.74 8.97 -24.27
CA TYR E 158 -0.65 9.91 -24.53
C TYR E 158 -1.04 10.94 -25.60
N MET E 159 -1.74 10.49 -26.65
CA MET E 159 -2.13 11.37 -27.73
C MET E 159 -3.14 12.40 -27.25
N MET E 160 -4.10 11.96 -26.44
CA MET E 160 -5.10 12.85 -25.86
C MET E 160 -4.49 13.87 -24.89
N LYS E 161 -3.44 13.48 -24.19
CA LYS E 161 -2.80 14.37 -23.23
C LYS E 161 -1.92 15.36 -23.98
N SER E 162 -1.37 14.93 -25.11
CA SER E 162 -0.62 15.82 -25.96
C SER E 162 -1.46 16.96 -26.57
N GLN E 163 -2.65 16.64 -27.09
CA GLN E 163 -3.50 17.69 -27.68
C GLN E 163 -3.77 18.76 -26.64
N ARG E 164 -3.87 18.38 -25.37
CA ARG E 164 -4.21 19.31 -24.30
C ARG E 164 -2.98 20.09 -23.86
N ARG E 165 -1.85 19.40 -23.87
CA ARG E 165 -0.59 19.94 -23.40
C ARG E 165 0.00 20.92 -24.41
N TRP E 166 -0.13 20.60 -25.70
CA TRP E 166 0.39 21.43 -26.79
C TRP E 166 -0.74 21.83 -27.76
N PRO E 167 -1.49 22.90 -27.42
CA PRO E 167 -2.64 23.38 -28.21
C PRO E 167 -2.32 23.67 -29.67
N GLU E 168 -1.10 24.15 -29.94
CA GLU E 168 -0.69 24.46 -31.32
C GLU E 168 -0.61 23.22 -32.21
N LEU E 169 -0.65 22.02 -31.63
CA LEU E 169 -0.55 20.77 -32.39
C LEU E 169 -1.69 20.53 -33.37
N SER E 170 -2.88 21.03 -33.04
CA SER E 170 -4.10 20.82 -33.82
C SER E 170 -3.93 21.17 -35.31
N SER E 173 -0.85 18.91 -39.13
CA SER E 173 -1.33 18.55 -40.46
C SER E 173 -1.96 17.13 -40.54
N ALA E 174 -1.39 16.18 -39.80
CA ALA E 174 -1.95 14.84 -39.68
C ALA E 174 -2.52 14.65 -38.28
N ARG E 175 -3.71 14.09 -38.22
CA ARG E 175 -4.33 13.79 -36.94
C ARG E 175 -3.60 12.63 -36.26
N PRO E 176 -3.75 12.50 -34.93
CA PRO E 176 -3.11 11.34 -34.32
C PRO E 176 -3.73 10.04 -34.86
N THR E 177 -2.89 9.04 -35.13
CA THR E 177 -3.29 7.89 -35.90
C THR E 177 -2.77 6.55 -35.38
N ILE E 178 -3.64 5.55 -35.44
CA ILE E 178 -3.31 4.18 -35.10
C ILE E 178 -3.66 3.30 -36.29
N VAL E 179 -2.69 2.52 -36.78
CA VAL E 179 -3.03 1.52 -37.77
C VAL E 179 -2.66 0.13 -37.26
N ASN E 180 -3.64 -0.75 -37.19
CA ASN E 180 -3.37 -2.09 -36.74
C ASN E 180 -3.33 -3.04 -37.90
N ILE E 181 -2.35 -3.89 -38.00
CA ILE E 181 -2.31 -4.69 -39.19
C ILE E 181 -2.82 -6.10 -38.99
N SER E 182 -3.87 -6.37 -39.72
CA SER E 182 -4.59 -7.60 -39.77
C SER E 182 -4.13 -8.51 -40.86
N SER E 183 -4.96 -9.47 -41.22
CA SER E 183 -4.68 -10.36 -42.32
C SER E 183 -5.87 -10.70 -43.16
N ILE E 184 -5.60 -11.22 -44.33
CA ILE E 184 -6.67 -11.70 -45.18
C ILE E 184 -7.34 -12.95 -44.61
N LEU E 185 -6.61 -13.58 -43.74
CA LEU E 185 -6.90 -14.76 -42.97
C LEU E 185 -8.06 -14.57 -42.04
N HIS E 186 -8.27 -13.32 -41.64
CA HIS E 186 -9.08 -13.01 -40.48
C HIS E 186 -10.52 -13.28 -40.75
N SER E 187 -10.91 -13.19 -42.02
CA SER E 187 -12.29 -13.37 -42.34
C SER E 187 -12.38 -13.89 -43.73
N GLY E 188 -13.56 -14.26 -44.13
CA GLY E 188 -13.79 -14.70 -45.47
C GLY E 188 -13.32 -16.06 -45.83
N LYS E 189 -13.18 -16.25 -47.10
CA LYS E 189 -12.96 -17.52 -47.71
C LYS E 189 -11.66 -18.15 -47.39
N MET E 190 -10.54 -17.46 -47.33
CA MET E 190 -9.42 -18.31 -47.07
C MET E 190 -9.58 -18.84 -45.71
N LYS E 191 -9.47 -20.14 -45.55
CA LYS E 191 -9.31 -20.71 -44.27
C LYS E 191 -8.11 -21.51 -44.53
N VAL E 192 -7.09 -21.41 -43.74
CA VAL E 192 -5.92 -22.17 -44.05
C VAL E 192 -5.63 -23.04 -42.92
N PRO E 193 -5.67 -24.32 -43.16
CA PRO E 193 -5.32 -25.25 -42.09
C PRO E 193 -3.95 -24.92 -41.48
N GLY E 194 -3.85 -24.93 -40.17
CA GLY E 194 -2.59 -24.65 -39.51
C GLY E 194 -2.47 -23.22 -39.03
N THR E 195 -3.54 -22.45 -39.26
CA THR E 195 -3.59 -21.03 -38.98
C THR E 195 -4.78 -20.65 -38.08
N SER E 196 -5.23 -21.58 -37.23
CA SER E 196 -6.45 -21.35 -36.46
C SER E 196 -6.37 -20.17 -35.49
N VAL E 197 -5.39 -20.18 -34.58
CA VAL E 197 -5.30 -19.10 -33.61
C VAL E 197 -4.62 -17.83 -34.16
N TYR E 198 -3.78 -18.00 -35.18
CA TYR E 198 -3.26 -16.85 -35.95
C TYR E 198 -4.38 -16.04 -36.62
N SER E 199 -5.24 -16.73 -37.39
CA SER E 199 -6.42 -16.11 -38.01
C SER E 199 -7.30 -15.45 -36.97
N ALA E 200 -7.52 -16.15 -35.86
CA ALA E 200 -8.37 -15.63 -34.81
C ALA E 200 -7.74 -14.38 -34.15
N SER E 201 -6.41 -14.39 -33.98
CA SER E 201 -5.71 -13.24 -33.41
C SER E 201 -5.85 -12.03 -34.33
N LYS E 202 -5.70 -12.26 -35.64
CA LYS E 202 -5.91 -11.21 -36.61
C LYS E 202 -7.38 -10.74 -36.61
N ALA E 203 -8.31 -11.68 -36.44
CA ALA E 203 -9.73 -11.35 -36.37
C ALA E 203 -10.08 -10.56 -35.12
N ALA E 204 -9.46 -10.89 -33.98
CA ALA E 204 -9.71 -10.13 -32.77
C ALA E 204 -9.22 -8.69 -32.93
N LEU E 205 -8.14 -8.51 -33.69
CA LEU E 205 -7.52 -7.19 -33.84
C LEU E 205 -8.37 -6.22 -34.68
N SER E 206 -8.82 -6.67 -35.85
CA SER E 206 -9.70 -5.86 -36.70
C SER E 206 -10.93 -5.42 -35.92
N ARG E 207 -11.56 -6.36 -35.23
CA ARG E 207 -12.87 -6.13 -34.60
C ARG E 207 -12.67 -5.13 -33.50
N PHE E 208 -11.63 -5.34 -32.69
CA PHE E 208 -11.23 -4.39 -31.66
C PHE E 208 -11.09 -3.01 -32.24
N THR E 209 -10.32 -2.93 -33.33
CA THR E 209 -9.97 -1.65 -33.94
C THR E 209 -11.21 -0.94 -34.42
N GLU E 210 -12.13 -1.69 -35.02
CA GLU E 210 -13.34 -1.05 -35.53
C GLU E 210 -14.34 -0.63 -34.45
N VAL E 211 -14.37 -1.34 -33.32
CA VAL E 211 -15.23 -0.91 -32.20
C VAL E 211 -14.62 0.33 -31.54
N LEU E 212 -13.28 0.34 -31.45
CA LEU E 212 -12.54 1.51 -30.93
C LEU E 212 -12.76 2.75 -31.80
N ALA E 213 -12.76 2.58 -33.12
CA ALA E 213 -12.99 3.71 -34.00
C ALA E 213 -14.30 4.38 -33.61
N ALA E 214 -15.27 3.58 -33.17
CA ALA E 214 -16.56 4.12 -32.73
C ALA E 214 -16.46 4.92 -31.45
N GLU E 215 -15.66 4.45 -30.49
CA GLU E 215 -15.39 5.21 -29.26
C GLU E 215 -14.57 6.48 -29.56
N MET E 216 -13.68 6.37 -30.54
CA MET E 216 -12.79 7.46 -30.91
C MET E 216 -13.42 8.49 -31.86
N GLU E 217 -14.60 8.18 -32.39
CA GLU E 217 -15.24 9.08 -33.36
C GLU E 217 -15.35 10.52 -32.83
N PRO E 218 -15.90 10.70 -31.60
CA PRO E 218 -16.00 12.04 -31.02
C PRO E 218 -14.64 12.65 -30.62
N ARG E 219 -13.59 11.84 -30.60
CA ARG E 219 -12.24 12.35 -30.33
C ARG E 219 -11.50 12.56 -31.65
N ASN E 220 -10.35 13.24 -31.59
CA ASN E 220 -9.58 13.56 -32.78
C ASN E 220 -8.65 12.45 -33.24
N ILE E 221 -8.87 11.23 -32.74
CA ILE E 221 -7.98 10.10 -33.05
C ILE E 221 -8.52 9.21 -34.17
N ARG E 222 -7.62 8.76 -35.04
CA ARG E 222 -8.01 7.90 -36.16
C ARG E 222 -7.50 6.47 -35.95
N CYS E 223 -8.42 5.51 -36.01
CA CYS E 223 -8.10 4.10 -35.82
C CYS E 223 -8.38 3.30 -37.09
N PHE E 224 -7.32 2.84 -37.75
CA PHE E 224 -7.46 2.11 -38.99
C PHE E 224 -6.95 0.68 -38.84
N THR E 225 -7.55 -0.21 -39.61
CA THR E 225 -6.99 -1.53 -39.78
C THR E 225 -6.65 -1.72 -41.25
N ILE E 226 -5.56 -2.43 -41.51
CA ILE E 226 -5.20 -2.85 -42.86
C ILE E 226 -5.23 -4.38 -42.84
N SER E 227 -5.73 -4.97 -43.92
CA SER E 227 -5.80 -6.42 -44.02
C SER E 227 -5.10 -6.95 -45.27
N PRO E 228 -3.74 -6.94 -45.26
CA PRO E 228 -3.02 -7.32 -46.48
C PRO E 228 -3.13 -8.80 -46.84
N GLY E 229 -2.93 -9.10 -48.11
CA GLY E 229 -2.86 -10.47 -48.59
C GLY E 229 -1.65 -11.19 -48.06
N LEU E 230 -1.47 -12.45 -48.48
CA LEU E 230 -0.36 -13.27 -48.01
C LEU E 230 1.02 -12.66 -48.32
N VAL E 231 1.97 -12.99 -47.45
CA VAL E 231 3.37 -12.69 -47.66
C VAL E 231 4.20 -13.91 -47.26
N LYS E 232 5.21 -14.22 -48.07
CA LYS E 232 6.21 -15.27 -47.73
C LYS E 232 5.64 -16.68 -47.63
N SER E 255 -5.38 -8.82 -56.25
CA SER E 255 -5.37 -8.83 -54.78
C SER E 255 -5.23 -10.24 -54.21
N GLY E 256 -5.29 -10.34 -52.87
CA GLY E 256 -5.10 -11.60 -52.16
C GLY E 256 -3.64 -11.83 -51.86
N THR E 257 -2.78 -10.99 -52.43
CA THR E 257 -1.35 -11.04 -52.20
C THR E 257 -0.83 -9.64 -51.89
N SER E 258 0.25 -9.58 -51.12
CA SER E 258 0.89 -8.31 -50.73
C SER E 258 2.38 -8.49 -50.42
N ALA E 259 3.20 -7.53 -50.85
CA ALA E 259 4.61 -7.45 -50.46
C ALA E 259 4.78 -6.29 -49.48
N PRO E 260 5.87 -6.29 -48.70
CA PRO E 260 6.11 -5.25 -47.69
C PRO E 260 5.97 -3.80 -48.18
N ALA E 261 6.54 -3.48 -49.33
CA ALA E 261 6.49 -2.12 -49.86
C ALA E 261 5.05 -1.65 -50.09
N GLU E 262 4.18 -2.58 -50.50
CA GLU E 262 2.78 -2.24 -50.77
C GLU E 262 2.01 -1.97 -49.48
N ILE E 263 2.36 -2.70 -48.43
CA ILE E 263 1.81 -2.42 -47.10
C ILE E 263 2.30 -1.06 -46.60
N ALA E 264 3.60 -0.79 -46.81
CA ALA E 264 4.22 0.47 -46.39
C ALA E 264 3.57 1.69 -47.04
N GLU E 265 3.22 1.57 -48.32
CA GLU E 265 2.50 2.65 -49.01
C GLU E 265 1.07 2.82 -48.49
N GLU E 266 0.36 1.71 -48.26
CA GLU E 266 -1.00 1.76 -47.72
C GLU E 266 -1.06 2.47 -46.38
N VAL E 267 -0.18 2.07 -45.46
CA VAL E 267 -0.02 2.75 -44.17
C VAL E 267 0.17 4.25 -44.39
N TRP E 268 1.08 4.61 -45.29
CA TRP E 268 1.30 6.02 -45.62
C TRP E 268 0.06 6.74 -46.19
N SER E 269 -0.66 6.10 -47.09
CA SER E 269 -1.90 6.67 -47.65
C SER E 269 -2.90 7.03 -46.55
N LEU E 270 -3.22 6.05 -45.69
CA LEU E 270 -4.12 6.27 -44.57
C LEU E 270 -3.65 7.42 -43.70
N TYR E 271 -2.38 7.42 -43.31
CA TYR E 271 -1.83 8.49 -42.46
C TYR E 271 -1.86 9.86 -43.12
N SER E 272 -1.51 9.93 -44.40
CA SER E 272 -1.43 11.23 -45.09
C SER E 272 -2.74 11.71 -45.69
N ARG E 273 -3.85 11.06 -45.35
CA ARG E 273 -5.19 11.47 -45.81
C ARG E 273 -5.67 12.77 -45.16
N THR E 274 -6.40 13.56 -45.94
CA THR E 274 -6.96 14.85 -45.51
C THR E 274 -8.49 14.78 -45.59
N MET F 1 -12.02 -13.92 54.63
CA MET F 1 -13.25 -13.71 55.46
C MET F 1 -14.54 -13.70 54.63
N HIS F 2 -14.55 -13.02 53.48
CA HIS F 2 -15.74 -13.09 52.62
C HIS F 2 -15.49 -13.85 51.29
N TYR F 3 -16.29 -14.90 51.07
CA TYR F 3 -16.17 -15.74 49.89
C TYR F 3 -17.35 -15.58 48.96
N LEU F 4 -17.06 -15.11 47.76
CA LEU F 4 -18.08 -14.75 46.79
C LEU F 4 -17.98 -15.64 45.54
N PRO F 5 -19.01 -16.49 45.32
CA PRO F 5 -18.96 -17.45 44.23
C PRO F 5 -19.22 -16.79 42.89
N VAL F 6 -18.54 -17.27 41.86
CA VAL F 6 -18.84 -16.80 40.53
C VAL F 6 -19.16 -17.99 39.64
N ALA F 7 -20.08 -17.79 38.70
CA ALA F 7 -20.30 -18.79 37.68
C ALA F 7 -19.58 -18.43 36.38
N ILE F 8 -19.18 -19.45 35.65
CA ILE F 8 -18.75 -19.26 34.28
C ILE F 8 -19.85 -19.82 33.40
N VAL F 9 -20.33 -18.98 32.48
CA VAL F 9 -21.33 -19.40 31.49
C VAL F 9 -20.72 -19.44 30.09
N THR F 10 -20.80 -20.62 29.49
CA THR F 10 -20.07 -20.97 28.29
C THR F 10 -21.00 -21.20 27.11
N GLY F 11 -20.66 -20.56 26.02
CA GLY F 11 -21.31 -20.76 24.76
C GLY F 11 -22.77 -20.60 24.68
N ALA F 12 -23.35 -19.52 25.16
CA ALA F 12 -24.79 -19.47 25.13
C ALA F 12 -25.25 -19.10 23.75
N THR F 13 -25.73 -20.05 22.99
CA THR F 13 -26.18 -19.69 21.68
C THR F 13 -27.39 -18.79 21.51
N ARG F 14 -28.47 -19.04 22.22
CA ARG F 14 -29.63 -18.23 21.94
C ARG F 14 -30.46 -17.77 23.08
N GLY F 15 -29.93 -16.99 23.96
CA GLY F 15 -30.79 -16.45 24.97
C GLY F 15 -31.03 -17.42 26.07
N ILE F 16 -30.45 -18.60 25.98
CA ILE F 16 -30.37 -19.47 27.12
C ILE F 16 -29.35 -18.87 28.03
N GLY F 17 -28.28 -18.43 27.42
CA GLY F 17 -27.18 -17.86 28.11
C GLY F 17 -27.63 -16.60 28.75
N LYS F 18 -28.43 -15.77 28.10
CA LYS F 18 -28.88 -14.57 28.81
C LYS F 18 -29.78 -14.86 29.97
N ALA F 19 -30.72 -15.77 29.77
CA ALA F 19 -31.65 -16.26 30.79
C ALA F 19 -30.89 -16.74 32.03
N ILE F 20 -29.97 -17.67 31.81
CA ILE F 20 -29.16 -18.23 32.88
C ILE F 20 -28.45 -17.12 33.65
N CYS F 21 -27.78 -16.22 32.92
CA CYS F 21 -27.02 -15.15 33.55
C CYS F 21 -27.91 -14.24 34.37
N GLN F 22 -29.09 -13.93 33.80
CA GLN F 22 -30.07 -13.09 34.47
C GLN F 22 -30.45 -13.66 35.83
N LYS F 23 -30.73 -14.97 35.88
CA LYS F 23 -31.09 -15.64 37.11
C LYS F 23 -29.95 -15.59 38.13
N LEU F 24 -28.76 -16.01 37.71
CA LEU F 24 -27.62 -16.07 38.60
C LEU F 24 -27.28 -14.72 39.19
N PHE F 25 -27.45 -13.68 38.37
CA PHE F 25 -27.21 -12.34 38.83
C PHE F 25 -28.29 -11.92 39.83
N GLN F 26 -29.54 -12.21 39.51
CA GLN F 26 -30.67 -11.96 40.42
C GLN F 26 -30.51 -12.71 41.74
N LYS F 27 -29.86 -13.87 41.69
CA LYS F 27 -29.55 -14.65 42.88
C LYS F 27 -28.21 -14.25 43.50
N GLY F 28 -27.59 -13.20 42.96
CA GLY F 28 -26.44 -12.56 43.60
C GLY F 28 -25.05 -13.16 43.41
N LEU F 29 -24.85 -13.92 42.34
CA LEU F 29 -23.52 -14.40 41.96
C LEU F 29 -22.89 -13.46 40.96
N SER F 30 -21.57 -13.50 40.86
CA SER F 30 -20.86 -12.85 39.77
C SER F 30 -20.70 -13.78 38.55
N CYS F 31 -20.44 -13.21 37.38
CA CYS F 31 -20.36 -14.01 36.17
C CYS F 31 -19.17 -13.73 35.28
N ILE F 32 -18.56 -14.81 34.82
CA ILE F 32 -17.63 -14.75 33.72
C ILE F 32 -18.34 -15.39 32.53
N ILE F 33 -18.57 -14.59 31.49
CA ILE F 33 -19.26 -15.06 30.30
C ILE F 33 -18.25 -15.33 29.20
N LEU F 34 -18.16 -16.58 28.79
CA LEU F 34 -17.28 -16.97 27.71
C LEU F 34 -18.08 -17.04 26.44
N GLY F 35 -17.99 -15.97 25.64
CA GLY F 35 -18.64 -15.90 24.34
C GLY F 35 -17.68 -16.09 23.18
N SER F 36 -18.22 -16.05 21.97
CA SER F 36 -17.45 -16.27 20.75
C SER F 36 -17.23 -14.96 19.99
N THR F 37 -18.33 -14.21 19.87
CA THR F 37 -18.37 -12.95 19.15
C THR F 37 -18.71 -11.84 20.12
N LYS F 38 -18.17 -10.64 19.88
CA LYS F 38 -18.59 -9.44 20.60
C LYS F 38 -20.11 -9.42 20.72
N GLU F 39 -20.78 -9.56 19.56
CA GLU F 39 -22.26 -9.59 19.50
C GLU F 39 -22.89 -10.68 20.37
N SER F 40 -22.40 -11.91 20.21
CA SER F 40 -22.90 -13.07 20.95
C SER F 40 -22.89 -12.86 22.46
N ILE F 41 -21.84 -12.18 22.92
CA ILE F 41 -21.65 -11.80 24.32
C ILE F 41 -22.69 -10.79 24.81
N GLU F 42 -23.00 -9.79 23.98
CA GLU F 42 -23.85 -8.68 24.42
C GLU F 42 -25.30 -9.06 24.67
N ARG F 43 -25.79 -10.03 23.88
CA ARG F 43 -27.10 -10.62 24.12
C ARG F 43 -27.11 -11.37 25.45
N THR F 44 -26.02 -12.08 25.73
CA THR F 44 -25.85 -12.88 26.96
C THR F 44 -25.63 -12.01 28.19
N ALA F 45 -24.63 -11.12 28.12
CA ALA F 45 -24.30 -10.23 29.22
C ALA F 45 -25.49 -9.36 29.57
N ILE F 46 -25.74 -9.20 30.86
CA ILE F 46 -26.86 -8.41 31.33
C ILE F 46 -26.63 -6.90 31.11
N ASP F 47 -27.73 -6.17 30.92
CA ASP F 47 -27.71 -4.71 30.73
C ASP F 47 -27.27 -3.97 31.99
N ARG F 48 -26.81 -2.73 31.81
CA ARG F 48 -26.42 -1.85 32.93
C ARG F 48 -27.61 -1.51 33.84
N GLY F 49 -28.81 -1.56 33.27
CA GLY F 49 -30.06 -1.38 34.02
C GLY F 49 -30.16 -2.36 35.16
N GLN F 50 -30.14 -3.65 34.83
CA GLN F 50 -30.08 -4.71 35.83
C GLN F 50 -28.76 -4.70 36.61
N LEU F 51 -27.68 -4.24 35.96
CA LEU F 51 -26.37 -4.15 36.62
C LEU F 51 -26.37 -3.28 37.87
N GLN F 52 -27.01 -2.11 37.79
CA GLN F 52 -27.16 -1.23 38.96
C GLN F 52 -28.00 -1.89 40.06
N SER F 53 -29.08 -2.57 39.64
CA SER F 53 -29.93 -3.32 40.57
C SER F 53 -29.11 -4.25 41.48
N GLY F 54 -27.99 -4.73 40.95
CA GLY F 54 -27.12 -5.68 41.65
C GLY F 54 -26.52 -5.17 42.94
N LEU F 55 -26.02 -6.08 43.76
CA LEU F 55 -25.39 -5.75 45.03
C LEU F 55 -24.05 -5.03 44.82
N SER F 56 -23.51 -4.48 45.91
CA SER F 56 -22.27 -3.71 45.87
C SER F 56 -21.09 -4.49 45.28
N TYR F 57 -20.99 -5.77 45.65
CA TYR F 57 -19.81 -6.56 45.35
C TYR F 57 -19.91 -7.39 44.06
N GLN F 58 -21.08 -7.36 43.43
CA GLN F 58 -21.31 -8.15 42.22
C GLN F 58 -20.49 -7.65 41.03
N ARG F 59 -19.95 -8.61 40.27
CA ARG F 59 -19.15 -8.34 39.09
C ARG F 59 -19.62 -9.17 37.88
N GLN F 60 -19.44 -8.64 36.69
CA GLN F 60 -19.67 -9.36 35.44
C GLN F 60 -18.53 -9.06 34.50
N CYS F 61 -18.00 -10.10 33.86
CA CYS F 61 -17.09 -9.89 32.74
C CYS F 61 -17.31 -10.89 31.62
N ALA F 62 -16.81 -10.59 30.43
CA ALA F 62 -16.91 -11.50 29.31
C ALA F 62 -15.59 -11.64 28.54
N ILE F 63 -15.30 -12.86 28.07
CA ILE F 63 -14.11 -13.12 27.30
C ILE F 63 -14.50 -13.83 26.00
N ALA F 64 -14.03 -13.29 24.88
CA ALA F 64 -14.24 -13.96 23.59
C ALA F 64 -13.26 -15.12 23.43
N ILE F 65 -13.82 -16.30 23.15
CA ILE F 65 -13.06 -17.52 22.91
C ILE F 65 -13.77 -18.20 21.77
N ASP F 66 -13.01 -18.76 20.84
CA ASP F 66 -13.61 -19.51 19.72
C ASP F 66 -13.46 -21.00 19.98
N PHE F 67 -14.54 -21.61 20.47
CA PHE F 67 -14.55 -23.03 20.77
C PHE F 67 -14.34 -23.92 19.55
N LYS F 68 -14.57 -23.34 18.37
CA LYS F 68 -14.23 -23.97 17.10
C LYS F 68 -12.74 -24.21 16.95
N LYS F 69 -11.91 -23.44 17.64
CA LYS F 69 -10.46 -23.54 17.47
C LYS F 69 -9.81 -24.51 18.47
N TRP F 70 -10.62 -25.34 19.10
CA TRP F 70 -10.15 -26.37 20.00
C TRP F 70 -9.19 -27.28 19.25
N PRO F 71 -8.08 -27.71 19.89
CA PRO F 71 -7.66 -27.40 21.26
C PRO F 71 -6.73 -26.20 21.37
N HIS F 72 -6.72 -25.32 20.38
CA HIS F 72 -5.73 -24.25 20.36
C HIS F 72 -6.02 -23.10 21.34
N TRP F 73 -7.30 -22.89 21.70
CA TRP F 73 -7.66 -21.86 22.68
C TRP F 73 -7.08 -22.12 24.09
N LEU F 74 -6.57 -23.33 24.32
CA LEU F 74 -5.88 -23.65 25.55
C LEU F 74 -4.47 -23.05 25.62
N ASP F 75 -3.84 -22.88 24.46
CA ASP F 75 -2.43 -22.50 24.40
C ASP F 75 -2.19 -20.98 24.44
N TYR F 76 -3.26 -20.19 24.38
CA TYR F 76 -3.12 -18.73 24.35
C TYR F 76 -2.45 -18.21 25.61
N GLU F 77 -1.61 -17.19 25.45
CA GLU F 77 -0.85 -16.62 26.56
C GLU F 77 -1.73 -15.70 27.41
N SER F 78 -2.62 -14.97 26.76
CA SER F 78 -3.55 -14.10 27.45
C SER F 78 -4.91 -14.15 26.74
N TYR F 79 -5.92 -13.56 27.38
CA TYR F 79 -7.27 -13.52 26.85
C TYR F 79 -7.82 -12.10 26.92
N ASP F 80 -8.51 -11.70 25.85
CA ASP F 80 -9.11 -10.39 25.75
C ASP F 80 -10.57 -10.41 26.18
N GLY F 81 -10.91 -9.55 27.12
CA GLY F 81 -12.29 -9.45 27.59
C GLY F 81 -12.73 -8.03 27.85
N ILE F 82 -13.97 -7.89 28.31
CA ILE F 82 -14.53 -6.62 28.74
C ILE F 82 -15.12 -6.73 30.13
N GLU F 83 -14.84 -5.71 30.93
CA GLU F 83 -15.25 -5.60 32.32
C GLU F 83 -16.45 -4.66 32.40
N TYR F 84 -17.55 -5.13 32.99
CA TYR F 84 -18.74 -4.32 33.13
C TYR F 84 -18.77 -3.58 34.47
N PHE F 85 -19.50 -2.46 34.49
CA PHE F 85 -19.57 -1.60 35.66
C PHE F 85 -21.00 -1.13 35.85
N LYS F 86 -21.31 -0.67 37.06
CA LYS F 86 -22.65 -0.18 37.34
C LYS F 86 -22.81 1.26 36.87
N ASP F 87 -21.74 2.04 37.00
CA ASP F 87 -21.80 3.50 36.85
C ASP F 87 -21.22 4.05 35.56
N ARG F 88 -20.85 3.18 34.62
CA ARG F 88 -20.33 3.60 33.32
C ARG F 88 -20.11 2.44 32.34
N PRO F 89 -19.69 2.75 31.10
CA PRO F 89 -19.57 1.75 30.04
C PRO F 89 -18.42 0.74 30.26
N PRO F 90 -18.48 -0.41 29.57
CA PRO F 90 -17.47 -1.45 29.69
C PRO F 90 -16.05 -0.97 29.39
N LEU F 91 -15.06 -1.65 29.98
CA LEU F 91 -13.67 -1.36 29.71
C LEU F 91 -12.97 -2.63 29.26
N LYS F 92 -12.15 -2.51 28.21
CA LYS F 92 -11.33 -3.63 27.74
C LYS F 92 -10.35 -4.05 28.83
N GLN F 93 -10.05 -5.34 28.88
CA GLN F 93 -9.18 -5.91 29.90
C GLN F 93 -8.57 -7.22 29.40
N LYS F 94 -7.39 -7.54 29.91
CA LYS F 94 -6.65 -8.74 29.56
C LYS F 94 -6.55 -9.64 30.78
N TYR F 95 -6.88 -10.92 30.59
CA TYR F 95 -6.81 -11.90 31.67
C TYR F 95 -5.79 -12.98 31.33
N SER F 96 -5.07 -13.44 32.35
CA SER F 96 -4.02 -14.42 32.12
C SER F 96 -4.57 -15.84 32.06
N THR F 97 -5.78 -16.05 32.55
CA THR F 97 -6.47 -17.33 32.47
C THR F 97 -7.97 -17.03 32.44
N LEU F 98 -8.77 -18.06 32.26
CA LEU F 98 -10.22 -17.89 32.30
C LEU F 98 -10.74 -17.67 33.74
N PHE F 99 -9.92 -17.98 34.75
CA PHE F 99 -10.24 -17.82 36.18
C PHE F 99 -9.62 -16.57 36.77
N ASP F 100 -8.77 -15.93 35.98
CA ASP F 100 -8.05 -14.75 36.44
C ASP F 100 -8.96 -13.55 36.81
N PRO F 101 -10.19 -13.48 36.27
CA PRO F 101 -11.08 -12.40 36.72
C PRO F 101 -11.37 -12.40 38.24
N CYS F 102 -11.44 -13.59 38.83
CA CYS F 102 -11.60 -13.74 40.27
C CYS F 102 -10.44 -13.15 41.04
N ASN F 103 -9.21 -13.43 40.61
CA ASN F 103 -8.04 -12.84 41.26
C ASN F 103 -8.17 -11.32 41.27
N LYS F 104 -8.34 -10.76 40.08
CA LYS F 104 -8.36 -9.32 39.89
C LYS F 104 -9.48 -8.61 40.67
N TRP F 105 -10.60 -9.31 40.89
CA TRP F 105 -11.72 -8.76 41.66
C TRP F 105 -11.44 -8.71 43.18
N SER F 106 -10.69 -9.70 43.67
CA SER F 106 -10.48 -9.97 45.10
C SER F 106 -9.60 -8.96 45.84
N ASN F 107 -9.77 -8.89 47.15
CA ASN F 107 -8.90 -8.07 47.99
C ASN F 107 -8.59 -8.75 49.32
N ASN F 108 -8.12 -7.96 50.30
CA ASN F 108 -7.84 -8.49 51.65
C ASN F 108 -9.03 -9.15 52.37
N GLU F 109 -10.23 -8.65 52.12
CA GLU F 109 -11.42 -9.11 52.82
C GLU F 109 -12.33 -9.92 51.91
N ARG F 110 -12.16 -9.77 50.60
CA ARG F 110 -13.10 -10.37 49.64
C ARG F 110 -12.39 -11.31 48.67
N ARG F 111 -12.91 -12.54 48.60
CA ARG F 111 -12.36 -13.59 47.77
C ARG F 111 -13.39 -14.14 46.81
N TYR F 112 -13.29 -13.72 45.55
CA TYR F 112 -14.14 -14.25 44.49
C TYR F 112 -13.55 -15.57 44.04
N TYR F 113 -14.41 -16.54 43.79
CA TYR F 113 -13.96 -17.86 43.34
C TYR F 113 -15.06 -18.47 42.47
N VAL F 114 -14.69 -19.24 41.46
CA VAL F 114 -15.71 -19.90 40.64
C VAL F 114 -16.14 -21.21 41.27
N ASN F 115 -17.46 -21.37 41.36
CA ASN F 115 -18.06 -22.48 42.05
C ASN F 115 -19.17 -23.14 41.22
N LEU F 116 -19.41 -22.57 40.04
CA LEU F 116 -20.39 -23.12 39.13
C LEU F 116 -19.95 -22.92 37.68
N LEU F 117 -20.02 -23.99 36.89
CA LEU F 117 -19.75 -23.94 35.46
C LEU F 117 -20.93 -24.44 34.68
N ILE F 118 -21.39 -23.62 33.75
CA ILE F 118 -22.45 -24.03 32.85
C ILE F 118 -21.99 -24.02 31.37
N ASN F 119 -22.02 -25.21 30.77
CA ASN F 119 -21.74 -25.42 29.35
C ASN F 119 -23.03 -25.62 28.55
N CYS F 120 -23.43 -24.56 27.86
CA CYS F 120 -24.60 -24.55 27.00
C CYS F 120 -24.48 -25.39 25.72
N ALA F 121 -23.27 -25.45 25.15
CA ALA F 121 -23.00 -26.26 23.95
C ALA F 121 -23.97 -25.97 22.81
N GLY F 122 -23.97 -24.72 22.33
CA GLY F 122 -25.04 -24.22 21.43
C GLY F 122 -25.03 -24.43 19.91
N LEU F 123 -23.97 -24.99 19.32
CA LEU F 123 -23.89 -25.02 17.84
C LEU F 123 -24.76 -26.08 17.19
N THR F 124 -25.76 -25.63 16.43
CA THR F 124 -26.79 -26.51 15.89
C THR F 124 -26.45 -27.07 14.51
N GLN F 125 -27.13 -28.14 14.13
CA GLN F 125 -27.00 -28.74 12.80
C GLN F 125 -28.30 -28.66 12.02
N GLU F 126 -28.20 -28.29 10.75
CA GLU F 126 -29.34 -28.37 9.84
C GLU F 126 -28.85 -28.81 8.47
N SER F 127 -28.29 -30.03 8.43
CA SER F 127 -27.88 -30.66 7.19
C SER F 127 -27.81 -32.17 7.39
N LEU F 128 -28.16 -32.92 6.36
CA LEU F 128 -28.12 -34.38 6.40
C LEU F 128 -26.69 -34.88 6.46
N SER F 129 -26.51 -36.01 7.14
CA SER F 129 -25.18 -36.56 7.40
C SER F 129 -24.34 -36.62 6.14
N VAL F 130 -24.93 -37.22 5.11
CA VAL F 130 -24.23 -37.50 3.88
C VAL F 130 -23.84 -36.21 3.13
N ARG F 131 -24.46 -35.09 3.51
CA ARG F 131 -24.12 -33.78 2.95
C ARG F 131 -23.49 -32.84 3.99
N THR F 132 -22.85 -33.40 5.02
CA THR F 132 -22.07 -32.55 5.91
C THR F 132 -20.57 -32.87 5.84
N THR F 133 -19.80 -31.81 5.56
CA THR F 133 -18.35 -31.85 5.46
C THR F 133 -17.68 -32.15 6.80
N ALA F 134 -16.47 -32.70 6.71
CA ALA F 134 -15.60 -32.96 7.84
C ALA F 134 -15.45 -31.69 8.68
N SER F 135 -15.29 -30.57 8.00
CA SER F 135 -15.11 -29.29 8.66
C SER F 135 -16.34 -28.86 9.45
N GLN F 136 -17.52 -29.23 8.97
CA GLN F 136 -18.74 -28.93 9.73
C GLN F 136 -18.85 -29.88 10.94
N ILE F 137 -18.55 -31.16 10.75
CA ILE F 137 -18.60 -32.14 11.84
C ILE F 137 -17.64 -31.71 12.97
N GLN F 138 -16.43 -31.35 12.58
CA GLN F 138 -15.42 -30.90 13.51
C GLN F 138 -15.87 -29.67 14.31
N ASP F 139 -16.51 -28.73 13.63
CA ASP F 139 -17.03 -27.58 14.33
C ASP F 139 -18.07 -27.98 15.38
N ILE F 140 -19.09 -28.73 14.98
CA ILE F 140 -20.11 -29.21 15.92
C ILE F 140 -19.53 -29.95 17.13
N MET F 141 -18.53 -30.80 16.90
CA MET F 141 -17.93 -31.57 17.98
C MET F 141 -17.03 -30.70 18.87
N ASN F 142 -16.18 -29.87 18.25
CA ASN F 142 -15.35 -28.95 19.02
C ASN F 142 -16.15 -28.02 19.93
N VAL F 143 -17.29 -27.52 19.44
CA VAL F 143 -18.10 -26.51 20.15
C VAL F 143 -19.03 -27.13 21.18
N ASN F 144 -19.61 -28.28 20.85
CA ASN F 144 -20.60 -28.95 21.72
C ASN F 144 -20.04 -30.05 22.60
N PHE F 145 -18.85 -30.51 22.31
CA PHE F 145 -18.28 -31.57 23.10
C PHE F 145 -16.86 -31.36 23.59
N MET F 146 -15.90 -31.45 22.71
CA MET F 146 -14.50 -31.19 22.98
C MET F 146 -14.25 -30.02 23.92
N SER F 147 -14.74 -28.84 23.56
CA SER F 147 -14.52 -27.64 24.39
C SER F 147 -15.24 -27.72 25.75
N PRO F 148 -16.52 -28.14 25.77
CA PRO F 148 -17.16 -28.43 27.05
C PRO F 148 -16.37 -29.40 27.92
N VAL F 149 -15.82 -30.46 27.33
CA VAL F 149 -14.99 -31.38 28.10
C VAL F 149 -13.75 -30.70 28.65
N THR F 150 -13.07 -29.91 27.81
CA THR F 150 -11.88 -29.22 28.26
C THR F 150 -12.21 -28.23 29.40
N MET F 151 -13.26 -27.44 29.21
CA MET F 151 -13.73 -26.49 30.22
C MET F 151 -14.08 -27.18 31.52
N THR F 152 -14.71 -28.35 31.43
CA THR F 152 -15.07 -29.10 32.61
C THR F 152 -13.83 -29.55 33.39
N ASN F 153 -12.81 -30.07 32.70
CA ASN F 153 -11.64 -30.60 33.36
C ASN F 153 -10.80 -29.52 34.02
N ILE F 154 -10.70 -28.40 33.30
CA ILE F 154 -9.93 -27.27 33.73
C ILE F 154 -10.59 -26.66 34.95
N CYS F 155 -11.91 -26.63 34.91
CA CYS F 155 -12.66 -26.06 36.00
C CYS F 155 -12.59 -26.91 37.25
N ILE F 156 -12.65 -28.24 37.06
CA ILE F 156 -12.55 -29.18 38.16
C ILE F 156 -11.18 -29.11 38.80
N LYS F 157 -10.15 -28.92 37.99
CA LYS F 157 -8.79 -28.80 38.52
C LYS F 157 -8.65 -27.54 39.34
N TYR F 158 -9.29 -26.47 38.90
CA TYR F 158 -9.27 -25.22 39.60
C TYR F 158 -10.03 -25.37 40.92
N MET F 159 -11.21 -25.97 40.86
CA MET F 159 -12.05 -26.21 42.03
C MET F 159 -11.34 -27.03 43.10
N MET F 160 -10.66 -28.09 42.67
CA MET F 160 -9.88 -28.93 43.58
C MET F 160 -8.76 -28.14 44.25
N LYS F 161 -8.01 -27.36 43.47
CA LYS F 161 -6.88 -26.59 44.01
C LYS F 161 -7.36 -25.55 45.00
N SER F 162 -8.48 -24.90 44.67
CA SER F 162 -8.96 -23.81 45.49
C SER F 162 -9.64 -24.29 46.79
N GLN F 163 -10.31 -25.44 46.74
CA GLN F 163 -10.86 -26.09 47.93
C GLN F 163 -9.81 -26.39 48.98
N ARG F 164 -8.57 -26.59 48.55
CA ARG F 164 -7.47 -26.77 49.48
C ARG F 164 -6.67 -25.49 49.71
N ARG F 165 -6.79 -24.53 48.80
CA ARG F 165 -6.09 -23.26 48.95
C ARG F 165 -6.85 -22.37 49.93
N TRP F 166 -8.16 -22.55 49.97
CA TRP F 166 -9.06 -21.84 50.89
C TRP F 166 -9.90 -22.87 51.66
N PRO F 167 -9.33 -23.41 52.78
CA PRO F 167 -9.95 -24.52 53.53
C PRO F 167 -11.34 -24.21 54.08
N GLU F 168 -11.62 -22.96 54.32
CA GLU F 168 -12.89 -22.55 54.81
C GLU F 168 -13.98 -22.52 53.78
N LEU F 169 -13.73 -22.99 52.58
CA LEU F 169 -14.74 -22.99 51.57
C LEU F 169 -15.70 -24.11 51.77
N SER F 170 -15.24 -25.17 52.40
CA SER F 170 -16.07 -26.28 52.85
C SER F 170 -17.37 -25.81 53.57
N GLY F 171 -17.27 -24.71 54.31
CA GLY F 171 -18.42 -24.08 54.94
C GLY F 171 -19.21 -23.28 53.91
N SER F 173 -21.19 -23.10 51.45
CA SER F 173 -22.59 -22.84 51.04
C SER F 173 -23.13 -23.91 50.06
N ALA F 174 -22.70 -23.84 48.81
CA ALA F 174 -23.00 -24.90 47.85
C ALA F 174 -21.69 -25.57 47.42
N ARG F 175 -21.75 -26.86 47.15
CA ARG F 175 -20.57 -27.58 46.71
C ARG F 175 -20.25 -27.17 45.27
N PRO F 176 -18.98 -27.31 44.85
CA PRO F 176 -18.62 -26.93 43.48
C PRO F 176 -19.44 -27.72 42.45
N THR F 177 -20.04 -27.01 41.51
CA THR F 177 -21.02 -27.60 40.61
C THR F 177 -20.69 -27.43 39.12
N ILE F 178 -20.80 -28.51 38.38
CA ILE F 178 -20.72 -28.46 36.92
C ILE F 178 -22.02 -28.95 36.29
N VAL F 179 -22.63 -28.11 35.46
CA VAL F 179 -23.82 -28.52 34.73
C VAL F 179 -23.65 -28.32 33.23
N ASN F 180 -23.77 -29.40 32.49
CA ASN F 180 -23.56 -29.40 31.08
C ASN F 180 -24.89 -29.51 30.42
N ILE F 181 -25.17 -28.71 29.42
CA ILE F 181 -26.49 -28.73 28.84
C ILE F 181 -26.57 -29.56 27.59
N SER F 182 -27.41 -30.56 27.68
CA SER F 182 -27.75 -31.49 26.64
C SER F 182 -28.96 -31.07 25.88
N SER F 183 -29.52 -31.99 25.15
CA SER F 183 -30.72 -31.74 24.41
C SER F 183 -31.63 -32.94 24.46
N ILE F 184 -32.90 -32.70 24.22
CA ILE F 184 -33.91 -33.75 24.09
C ILE F 184 -33.59 -34.67 22.88
N LEU F 185 -32.83 -34.14 21.92
CA LEU F 185 -32.46 -34.91 20.72
C LEU F 185 -31.36 -35.96 20.96
N HIS F 186 -30.80 -36.00 22.17
CA HIS F 186 -29.67 -36.89 22.47
C HIS F 186 -30.09 -38.33 22.66
N SER F 187 -31.36 -38.56 22.98
CA SER F 187 -31.90 -39.91 23.10
C SER F 187 -33.39 -39.95 22.85
N GLY F 188 -33.95 -41.15 22.88
CA GLY F 188 -35.39 -41.35 22.77
C GLY F 188 -35.91 -41.29 21.34
N LYS F 189 -37.22 -41.17 21.21
CA LYS F 189 -37.89 -41.28 19.90
C LYS F 189 -37.74 -40.01 19.06
N MET F 190 -37.19 -38.98 19.67
CA MET F 190 -37.00 -37.71 18.99
C MET F 190 -35.75 -37.75 18.10
N LYS F 191 -35.92 -38.30 16.89
CA LYS F 191 -34.84 -38.44 15.90
C LYS F 191 -35.10 -37.56 14.68
N VAL F 192 -34.47 -36.39 14.66
CA VAL F 192 -34.71 -35.36 13.65
C VAL F 192 -33.64 -35.43 12.54
N PRO F 193 -34.07 -35.64 11.28
CA PRO F 193 -33.16 -35.64 10.13
C PRO F 193 -32.47 -34.30 10.01
N GLY F 194 -31.20 -34.29 9.60
CA GLY F 194 -30.41 -33.06 9.53
C GLY F 194 -29.74 -32.68 10.85
N THR F 195 -29.66 -33.66 11.76
CA THR F 195 -29.37 -33.42 13.17
C THR F 195 -28.46 -34.49 13.76
N SER F 196 -28.04 -35.44 12.94
CA SER F 196 -27.27 -36.60 13.39
C SER F 196 -25.99 -36.30 14.19
N VAL F 197 -25.24 -35.27 13.80
CA VAL F 197 -23.99 -34.97 14.51
C VAL F 197 -24.24 -34.10 15.75
N TYR F 198 -25.14 -33.12 15.64
CA TYR F 198 -25.61 -32.37 16.80
C TYR F 198 -26.10 -33.33 17.88
N SER F 199 -26.98 -34.26 17.48
CA SER F 199 -27.53 -35.27 18.38
C SER F 199 -26.44 -36.14 18.96
N ALA F 200 -25.49 -36.56 18.12
CA ALA F 200 -24.35 -37.32 18.63
C ALA F 200 -23.47 -36.49 19.60
N SER F 201 -23.33 -35.19 19.32
CA SER F 201 -22.56 -34.33 20.20
C SER F 201 -23.22 -34.22 21.59
N LYS F 202 -24.55 -34.12 21.62
CA LYS F 202 -25.30 -34.06 22.88
C LYS F 202 -25.32 -35.38 23.64
N ALA F 203 -25.38 -36.48 22.91
CA ALA F 203 -25.31 -37.79 23.54
C ALA F 203 -23.96 -37.95 24.25
N ALA F 204 -22.90 -37.47 23.60
CA ALA F 204 -21.56 -37.59 24.14
C ALA F 204 -21.37 -36.78 25.43
N LEU F 205 -21.89 -35.55 25.41
CA LEU F 205 -21.83 -34.67 26.56
C LEU F 205 -22.62 -35.22 27.77
N SER F 206 -23.85 -35.69 27.54
CA SER F 206 -24.62 -36.35 28.56
C SER F 206 -23.81 -37.48 29.15
N ARG F 207 -23.34 -38.35 28.27
CA ARG F 207 -22.71 -39.57 28.72
C ARG F 207 -21.40 -39.30 29.44
N PHE F 208 -20.61 -38.40 28.88
CA PHE F 208 -19.36 -37.98 29.52
C PHE F 208 -19.66 -37.49 30.94
N THR F 209 -20.70 -36.68 31.08
CA THR F 209 -21.03 -36.07 32.37
C THR F 209 -21.42 -37.11 33.41
N GLU F 210 -22.27 -38.06 33.04
CA GLU F 210 -22.69 -39.02 34.04
C GLU F 210 -21.59 -39.96 34.46
N VAL F 211 -20.66 -40.27 33.56
CA VAL F 211 -19.49 -41.08 33.95
C VAL F 211 -18.57 -40.25 34.82
N LEU F 212 -18.38 -38.99 34.44
CA LEU F 212 -17.58 -38.06 35.23
C LEU F 212 -18.15 -37.96 36.66
N ALA F 213 -19.47 -37.81 36.77
CA ALA F 213 -20.16 -37.80 38.07
C ALA F 213 -19.69 -38.94 38.99
N ALA F 214 -19.56 -40.13 38.41
CA ALA F 214 -19.11 -41.30 39.17
C ALA F 214 -17.66 -41.20 39.58
N GLU F 215 -16.84 -40.50 38.80
CA GLU F 215 -15.44 -40.26 39.14
C GLU F 215 -15.34 -39.21 40.23
N MET F 216 -16.33 -38.31 40.23
CA MET F 216 -16.29 -37.17 41.12
C MET F 216 -16.92 -37.43 42.48
N GLU F 217 -17.51 -38.61 42.66
CA GLU F 217 -18.24 -38.90 43.89
C GLU F 217 -17.33 -38.79 45.12
N PRO F 218 -16.13 -39.42 45.10
CA PRO F 218 -15.23 -39.29 46.25
C PRO F 218 -14.74 -37.86 46.46
N ARG F 219 -14.96 -37.01 45.48
CA ARG F 219 -14.62 -35.60 45.59
C ARG F 219 -15.88 -34.82 45.92
N ASN F 220 -15.74 -33.53 46.20
CA ASN F 220 -16.88 -32.76 46.63
C ASN F 220 -17.71 -32.25 45.45
N ILE F 221 -17.23 -32.51 44.23
CA ILE F 221 -17.75 -31.85 43.05
C ILE F 221 -18.99 -32.53 42.44
N ARG F 222 -20.03 -31.72 42.23
CA ARG F 222 -21.29 -32.19 41.65
C ARG F 222 -21.32 -31.96 40.14
N CYS F 223 -21.66 -33.02 39.40
CA CYS F 223 -21.70 -32.98 37.94
C CYS F 223 -23.11 -33.31 37.45
N PHE F 224 -23.74 -32.34 36.82
CA PHE F 224 -25.12 -32.46 36.38
C PHE F 224 -25.29 -32.32 34.87
N THR F 225 -26.46 -32.73 34.40
CA THR F 225 -26.77 -32.66 32.99
C THR F 225 -28.28 -32.43 32.83
N ILE F 226 -28.65 -31.61 31.85
CA ILE F 226 -30.06 -31.31 31.58
C ILE F 226 -30.37 -31.49 30.10
N SER F 227 -31.57 -31.99 29.79
CA SER F 227 -32.01 -32.16 28.42
C SER F 227 -33.30 -31.39 28.17
N PRO F 228 -33.17 -30.11 27.78
CA PRO F 228 -34.30 -29.30 27.34
C PRO F 228 -34.81 -29.71 25.97
N GLY F 229 -35.95 -29.15 25.55
CA GLY F 229 -36.49 -29.32 24.20
C GLY F 229 -36.36 -28.06 23.36
N GLY F 256 -42.15 -32.21 25.91
CA GLY F 256 -40.84 -32.16 25.28
C GLY F 256 -40.57 -30.82 24.60
N THR F 257 -40.77 -29.75 25.36
CA THR F 257 -40.49 -28.39 24.92
C THR F 257 -39.97 -27.59 26.10
N SER F 258 -39.11 -26.61 25.84
CA SER F 258 -38.46 -25.88 26.94
C SER F 258 -38.20 -24.42 26.62
N ALA F 259 -38.53 -23.55 27.58
CA ALA F 259 -38.29 -22.11 27.46
C ALA F 259 -37.04 -21.69 28.23
N PRO F 260 -36.18 -20.87 27.61
CA PRO F 260 -34.96 -20.32 28.21
C PRO F 260 -35.04 -20.07 29.71
N ALA F 261 -36.08 -19.35 30.14
CA ALA F 261 -36.25 -19.00 31.55
C ALA F 261 -36.56 -20.21 32.41
N GLU F 262 -37.23 -21.20 31.82
CA GLU F 262 -37.48 -22.47 32.50
C GLU F 262 -36.17 -23.25 32.68
N ILE F 263 -35.32 -23.23 31.65
CA ILE F 263 -34.00 -23.86 31.72
C ILE F 263 -33.16 -23.19 32.81
N ALA F 264 -33.15 -21.86 32.82
CA ALA F 264 -32.40 -21.08 33.80
C ALA F 264 -32.80 -21.48 35.21
N GLU F 265 -34.13 -21.49 35.44
CA GLU F 265 -34.71 -21.92 36.70
C GLU F 265 -34.27 -23.33 37.13
N GLU F 266 -34.17 -24.25 36.16
CA GLU F 266 -33.72 -25.61 36.46
C GLU F 266 -32.26 -25.65 36.90
N VAL F 267 -31.44 -24.77 36.33
CA VAL F 267 -30.01 -24.72 36.68
C VAL F 267 -29.85 -24.19 38.11
N TRP F 268 -30.58 -23.12 38.42
CA TRP F 268 -30.56 -22.58 39.76
C TRP F 268 -31.12 -23.59 40.73
N SER F 269 -32.12 -24.34 40.29
CA SER F 269 -32.69 -25.41 41.10
C SER F 269 -31.65 -26.44 41.50
N LEU F 270 -30.81 -26.86 40.56
CA LEU F 270 -29.78 -27.86 40.86
C LEU F 270 -28.62 -27.32 41.68
N TYR F 271 -28.26 -26.06 41.45
CA TYR F 271 -27.23 -25.40 42.25
C TYR F 271 -27.74 -25.07 43.66
N SER F 272 -28.99 -24.58 43.75
CA SER F 272 -29.64 -24.26 45.04
C SER F 272 -29.78 -25.47 45.97
N ARG F 273 -30.39 -26.54 45.46
CA ARG F 273 -30.72 -27.74 46.27
C ARG F 273 -29.80 -28.01 47.47
#